data_4DZI
#
_entry.id   4DZI
#
_cell.length_a   75.106
_cell.length_b   136.131
_cell.length_c   93.229
_cell.angle_alpha   90.00
_cell.angle_beta   113.09
_cell.angle_gamma   90.00
#
_symmetry.space_group_name_H-M   'P 1 21 1'
#
loop_
_entity.id
_entity.type
_entity.pdbx_description
1 polymer 'Putative TIM-barrel metal-dependent hydrolase'
2 non-polymer 'CADMIUM ION'
3 non-polymer 'CHLORIDE ION'
4 non-polymer 'MAGNESIUM ION'
5 non-polymer 'SULFATE ION'
6 water water
#
_entity_poly.entity_id   1
_entity_poly.type   'polypeptide(L)'
_entity_poly.pdbx_seq_one_letter_code
;MVTALNYRVIDVDNHYYEPLDSFTRHLDKKFKRRGVQMLSDGKRTWAVIGDRVNHFIPNPTFDPIIVPGCLDLLFRGEIP
DGVDPASLMKVERLADHPEYQNRDARIAVMDEQDIETAFMLPTFGCGVEEALKHDIEATMASVHAFNLWLDEDWGFDRPD
HRIIAAPIVSLADPTRAVEEVDFVLARGAKLVLVRPAPVPGLVKPRSLGDRSHDPVWARLAEAGVPVGFHLSDSGYLHIA
AAWGGKSTFEGFGAKDPLDQVLLDDRAIHDTMASMIVHGVFTRHPKLKAVSIENGSYFVHRLIKRLKKAANTQPQYFPED
PVEQLRNNVWIAPYYEDDLPELARVIGVDKILFGSDWPHGEGLASPVSFTAELKGFSESDIRKIMRDNALDLLGVQVGSA
AAENLYFQSHHHHHHWSHPQFEK
;
_entity_poly.pdbx_strand_id   A,B,C,D
#
# COMPACT_ATOMS: atom_id res chain seq x y z
N ALA A 4 26.71 -50.85 -6.00
CA ALA A 4 26.35 -50.60 -4.57
C ALA A 4 27.57 -50.23 -3.72
N LEU A 5 27.39 -49.25 -2.83
CA LEU A 5 28.43 -48.79 -1.90
C LEU A 5 28.60 -49.75 -0.74
N ASN A 6 29.75 -49.73 -0.10
CA ASN A 6 29.93 -50.58 1.08
C ASN A 6 29.89 -49.82 2.41
N TYR A 7 29.24 -48.66 2.41
CA TYR A 7 28.94 -47.94 3.64
C TYR A 7 27.51 -47.43 3.46
N ARG A 8 26.85 -47.13 4.56
CA ARG A 8 25.50 -46.58 4.48
C ARG A 8 25.65 -45.08 4.29
N VAL A 9 24.70 -44.46 3.59
CA VAL A 9 24.82 -43.02 3.29
C VAL A 9 24.09 -42.12 4.30
N ILE A 10 24.40 -40.81 4.23
CA ILE A 10 23.71 -39.83 5.04
C ILE A 10 23.03 -38.86 4.07
N ASP A 11 21.71 -38.84 4.09
CA ASP A 11 20.95 -38.13 3.07
C ASP A 11 20.46 -36.82 3.70
N VAL A 12 20.97 -35.68 3.24
CA VAL A 12 20.67 -34.42 3.94
C VAL A 12 19.35 -33.80 3.45
N ASP A 13 18.67 -34.47 2.54
CA ASP A 13 17.38 -33.91 2.04
C ASP A 13 16.34 -35.01 1.89
N ASN A 14 15.50 -35.17 2.93
CA ASN A 14 14.37 -36.11 2.89
C ASN A 14 13.17 -35.37 3.47
N HIS A 15 11.97 -35.83 3.10
CA HIS A 15 10.75 -35.19 3.58
C HIS A 15 9.77 -36.14 4.21
N TYR A 16 8.96 -35.57 5.12
CA TYR A 16 7.68 -36.18 5.51
C TYR A 16 6.59 -35.35 4.85
N TYR A 17 5.38 -35.89 4.85
CA TYR A 17 4.21 -35.08 4.50
C TYR A 17 3.42 -34.84 5.78
N GLU A 18 3.24 -33.58 6.13
CA GLU A 18 2.53 -33.20 7.35
C GLU A 18 1.09 -33.68 7.35
N PRO A 19 0.66 -34.20 8.52
CA PRO A 19 -0.78 -34.42 8.68
C PRO A 19 -1.46 -33.04 8.75
N LEU A 20 -2.79 -33.03 8.60
CA LEU A 20 -3.53 -31.76 8.58
C LEU A 20 -3.36 -30.92 9.85
N ASP A 21 -3.01 -31.55 10.96
CA ASP A 21 -2.87 -30.84 12.23
C ASP A 21 -1.44 -30.48 12.66
N SER A 22 -0.50 -30.50 11.72
CA SER A 22 0.88 -30.24 12.13
C SER A 22 1.02 -28.83 12.71
N PHE A 23 0.28 -27.87 12.15
CA PHE A 23 0.39 -26.48 12.64
C PHE A 23 -0.74 -26.11 13.61
N THR A 24 -1.55 -27.09 13.99
CA THR A 24 -2.70 -26.79 14.87
C THR A 24 -2.75 -27.66 16.11
N ARG A 25 -2.23 -28.88 16.02
CA ARG A 25 -2.31 -29.83 17.17
C ARG A 25 -1.93 -29.19 18.48
N HIS A 26 -0.82 -28.45 18.47
CA HIS A 26 -0.30 -27.85 19.68
C HIS A 26 -0.33 -26.33 19.66
N LEU A 27 -1.22 -25.80 18.83
CA LEU A 27 -1.36 -24.35 18.71
C LEU A 27 -2.37 -23.87 19.74
N ASP A 28 -2.02 -22.84 20.46
CA ASP A 28 -3.06 -22.27 21.30
C ASP A 28 -4.22 -21.59 20.54
N LYS A 29 -5.44 -21.67 21.08
CA LYS A 29 -6.66 -21.14 20.41
C LYS A 29 -6.66 -19.64 20.08
N LYS A 30 -5.90 -18.88 20.84
CA LYS A 30 -5.72 -17.46 20.56
C LYS A 30 -5.23 -17.28 19.13
N PHE A 31 -4.51 -18.28 18.63
CA PHE A 31 -4.05 -18.23 17.24
C PHE A 31 -4.85 -19.13 16.29
N LYS A 32 -6.02 -19.62 16.74
CA LYS A 32 -6.79 -20.54 15.93
C LYS A 32 -7.13 -20.00 14.55
N ARG A 33 -7.40 -18.70 14.45
CA ARG A 33 -7.71 -18.10 13.16
C ARG A 33 -6.49 -17.35 12.59
N ARG A 34 -5.66 -16.80 13.47
CA ARG A 34 -4.51 -16.04 12.96
C ARG A 34 -3.47 -16.94 12.32
N GLY A 35 -3.41 -18.18 12.79
CA GLY A 35 -2.46 -19.18 12.25
C GLY A 35 -3.06 -20.00 11.13
N VAL A 36 -2.77 -21.30 11.09
CA VAL A 36 -3.22 -22.18 10.04
C VAL A 36 -4.55 -22.84 10.43
N GLN A 37 -5.51 -22.79 9.52
CA GLN A 37 -6.75 -23.60 9.65
C GLN A 37 -6.93 -24.40 8.41
N MET A 38 -7.50 -25.60 8.55
CA MET A 38 -7.85 -26.36 7.39
C MET A 38 -9.36 -26.31 7.18
N LEU A 39 -9.76 -25.62 6.13
CA LEU A 39 -11.18 -25.39 5.84
C LEU A 39 -11.54 -26.11 4.58
N SER A 40 -12.76 -26.64 4.51
CA SER A 40 -13.15 -27.48 3.39
C SER A 40 -14.39 -27.00 2.61
N ASP A 41 -14.43 -27.21 1.30
CA ASP A 41 -15.60 -26.81 0.50
C ASP A 41 -16.52 -27.95 0.11
N GLY A 42 -16.36 -29.12 0.72
CA GLY A 42 -17.24 -30.25 0.35
C GLY A 42 -16.54 -31.26 -0.56
N LYS A 43 -15.55 -30.79 -1.31
CA LYS A 43 -14.72 -31.67 -2.12
C LYS A 43 -13.26 -31.59 -1.74
N ARG A 44 -12.77 -30.36 -1.59
CA ARG A 44 -11.36 -30.14 -1.31
C ARG A 44 -11.15 -29.47 0.03
N THR A 45 -9.96 -29.70 0.59
CA THR A 45 -9.56 -29.04 1.83
C THR A 45 -8.50 -28.00 1.47
N TRP A 46 -8.59 -26.83 2.11
CA TRP A 46 -7.70 -25.71 1.84
C TRP A 46 -6.99 -25.27 3.09
N ALA A 47 -5.69 -24.98 2.98
CA ALA A 47 -4.99 -24.30 4.05
C ALA A 47 -5.35 -22.82 4.05
N VAL A 48 -5.89 -22.36 5.18
CA VAL A 48 -6.34 -20.98 5.29
C VAL A 48 -5.49 -20.37 6.40
N ILE A 49 -4.58 -19.47 6.02
CA ILE A 49 -3.60 -18.97 6.94
C ILE A 49 -3.77 -17.47 7.18
N GLY A 50 -3.94 -17.12 8.44
CA GLY A 50 -4.31 -15.73 8.79
C GLY A 50 -5.50 -15.28 7.96
N ASP A 51 -6.52 -16.14 7.84
CA ASP A 51 -7.77 -15.83 7.16
C ASP A 51 -7.62 -15.65 5.66
N ARG A 52 -6.50 -16.10 5.10
CA ARG A 52 -6.36 -16.04 3.66
C ARG A 52 -6.06 -17.44 3.12
N VAL A 53 -6.77 -17.84 2.07
CA VAL A 53 -6.53 -19.14 1.44
C VAL A 53 -5.10 -19.17 0.89
N ASN A 54 -4.35 -20.20 1.27
CA ASN A 54 -2.96 -20.36 0.82
C ASN A 54 -2.84 -21.37 -0.30
N HIS A 55 -1.88 -21.17 -1.23
CA HIS A 55 -1.79 -22.09 -2.37
C HIS A 55 -0.41 -22.70 -2.55
N PHE A 56 0.35 -22.75 -1.48
CA PHE A 56 1.72 -23.27 -1.57
C PHE A 56 1.72 -24.77 -1.93
N ILE A 57 0.80 -25.52 -1.31
CA ILE A 57 0.64 -26.96 -1.55
C ILE A 57 -0.72 -27.15 -2.24
N PRO A 58 -0.74 -27.85 -3.39
CA PRO A 58 -1.97 -28.06 -4.16
C PRO A 58 -3.00 -28.83 -3.38
N ASN A 59 -2.56 -29.73 -2.51
CA ASN A 59 -3.54 -30.50 -1.73
C ASN A 59 -2.97 -30.87 -0.39
N PRO A 60 -3.40 -30.18 0.65
CA PRO A 60 -2.86 -30.35 1.99
C PRO A 60 -3.21 -31.68 2.67
N THR A 61 -4.13 -32.45 2.08
CA THR A 61 -4.37 -33.82 2.59
C THR A 61 -3.31 -34.81 2.12
N PHE A 62 -2.56 -34.43 1.07
CA PHE A 62 -1.48 -35.26 0.50
C PHE A 62 -2.00 -36.61 0.01
N ASP A 63 -3.26 -36.64 -0.46
CA ASP A 63 -3.82 -37.87 -1.04
C ASP A 63 -4.80 -37.49 -2.16
N PRO A 64 -4.59 -38.03 -3.39
CA PRO A 64 -3.49 -38.92 -3.79
C PRO A 64 -2.13 -38.24 -3.67
N ILE A 65 -1.05 -39.02 -3.69
CA ILE A 65 0.30 -38.48 -3.44
C ILE A 65 1.23 -38.83 -4.60
N ILE A 66 2.02 -37.84 -5.04
CA ILE A 66 2.90 -37.99 -6.18
C ILE A 66 3.90 -39.17 -6.00
N VAL A 67 4.19 -39.85 -7.12
CA VAL A 67 5.22 -40.91 -7.13
C VAL A 67 6.62 -40.29 -7.03
N PRO A 68 7.48 -40.83 -6.15
CA PRO A 68 8.81 -40.21 -6.01
C PRO A 68 9.58 -40.26 -7.31
N GLY A 69 10.09 -39.11 -7.72
CA GLY A 69 10.92 -39.07 -8.94
C GLY A 69 10.22 -38.93 -10.28
N CYS A 70 8.88 -38.93 -10.29
CA CYS A 70 8.19 -38.92 -11.58
C CYS A 70 8.33 -37.61 -12.31
N LEU A 71 8.67 -36.55 -11.57
CA LEU A 71 8.82 -35.22 -12.14
C LEU A 71 10.29 -34.90 -12.36
N ASP A 72 11.15 -35.92 -12.34
CA ASP A 72 12.60 -35.70 -12.52
C ASP A 72 12.92 -34.98 -13.81
N LEU A 73 12.43 -35.54 -14.91
CA LEU A 73 12.64 -34.95 -16.24
C LEU A 73 12.17 -33.50 -16.32
N LEU A 74 11.07 -33.19 -15.62
CA LEU A 74 10.46 -31.87 -15.70
C LEU A 74 11.34 -30.82 -14.97
N PHE A 75 11.78 -31.16 -13.76
CA PHE A 75 12.56 -30.21 -12.95
C PHE A 75 13.97 -29.99 -13.49
N ARG A 76 14.44 -30.91 -14.33
CA ARG A 76 15.76 -30.77 -14.96
C ARG A 76 15.61 -30.19 -16.37
N GLY A 77 14.36 -29.96 -16.80
CA GLY A 77 14.11 -29.51 -18.15
C GLY A 77 14.73 -30.46 -19.16
N GLU A 78 14.70 -31.75 -18.82
CA GLU A 78 15.17 -32.81 -19.72
C GLU A 78 13.99 -33.62 -20.29
N ILE A 79 12.81 -33.01 -20.34
CA ILE A 79 11.67 -33.69 -20.92
C ILE A 79 12.08 -34.10 -22.34
N PRO A 80 11.98 -35.40 -22.67
CA PRO A 80 12.41 -35.89 -23.98
C PRO A 80 11.61 -35.31 -25.16
N ASP A 81 12.26 -35.23 -26.31
CA ASP A 81 11.62 -34.79 -27.55
C ASP A 81 10.35 -35.59 -27.80
N GLY A 82 9.21 -34.89 -27.87
CA GLY A 82 7.94 -35.53 -28.16
C GLY A 82 7.07 -35.78 -26.94
N VAL A 83 7.71 -36.05 -25.80
CA VAL A 83 6.99 -36.36 -24.56
C VAL A 83 6.22 -35.15 -24.04
N ASP A 84 4.94 -35.36 -23.72
CA ASP A 84 4.07 -34.29 -23.17
C ASP A 84 4.29 -34.09 -21.66
N PRO A 85 4.61 -32.84 -21.25
CA PRO A 85 4.89 -32.46 -19.86
C PRO A 85 3.94 -33.02 -18.78
N ALA A 86 2.63 -32.90 -18.98
CA ALA A 86 1.66 -33.30 -17.94
C ALA A 86 1.34 -34.79 -17.92
N SER A 87 1.99 -35.56 -18.79
CA SER A 87 1.87 -37.01 -18.79
C SER A 87 2.82 -37.59 -17.76
N LEU A 88 3.73 -36.76 -17.28
CA LEU A 88 4.78 -37.22 -16.37
C LEU A 88 4.28 -37.52 -14.96
N MET A 89 3.39 -36.68 -14.45
CA MET A 89 2.92 -36.85 -13.07
C MET A 89 2.16 -38.18 -12.91
N LYS A 90 2.56 -38.97 -11.92
CA LYS A 90 1.86 -40.18 -11.53
C LYS A 90 1.60 -40.01 -10.04
N VAL A 91 0.50 -40.60 -9.57
CA VAL A 91 0.12 -40.52 -8.16
C VAL A 91 -0.24 -41.92 -7.64
N GLU A 92 -0.09 -42.09 -6.34
CA GLU A 92 -0.41 -43.30 -5.62
C GLU A 92 -1.28 -42.88 -4.45
N ARG A 93 -1.67 -43.83 -3.60
CA ARG A 93 -2.43 -43.49 -2.41
C ARG A 93 -1.57 -43.36 -1.17
N LEU A 94 -1.84 -42.31 -0.39
CA LEU A 94 -1.10 -42.06 0.83
C LEU A 94 -1.13 -43.23 1.81
N ALA A 95 -2.28 -43.89 1.91
CA ALA A 95 -2.39 -45.04 2.80
C ALA A 95 -1.40 -46.17 2.46
N ASP A 96 -0.97 -46.26 1.20
CA ASP A 96 -0.04 -47.31 0.78
C ASP A 96 1.42 -46.92 1.09
N HIS A 97 1.60 -45.74 1.69
CA HIS A 97 2.94 -45.26 2.04
C HIS A 97 3.01 -44.59 3.37
N PRO A 98 2.83 -45.38 4.44
CA PRO A 98 2.87 -44.91 5.80
C PRO A 98 4.23 -44.31 6.20
N GLU A 99 5.27 -44.70 5.46
CA GLU A 99 6.60 -44.21 5.75
C GLU A 99 6.71 -42.71 5.47
N TYR A 100 5.72 -42.15 4.81
CA TYR A 100 5.72 -40.68 4.58
C TYR A 100 5.32 -39.91 5.82
N GLN A 101 4.65 -40.60 6.76
CA GLN A 101 4.14 -39.93 7.95
C GLN A 101 4.38 -40.71 9.24
N ASN A 102 4.93 -41.93 9.13
CA ASN A 102 5.11 -42.72 10.35
C ASN A 102 6.58 -43.12 10.50
N ARG A 103 7.16 -42.75 11.63
CA ARG A 103 8.58 -42.90 11.88
C ARG A 103 9.01 -44.36 11.78
N ASP A 104 8.31 -45.26 12.47
CA ASP A 104 8.64 -46.68 12.35
C ASP A 104 8.67 -47.17 10.92
N ALA A 105 7.62 -46.90 10.14
CA ALA A 105 7.59 -47.33 8.76
C ALA A 105 8.73 -46.69 7.93
N ARG A 106 9.13 -45.47 8.27
CA ARG A 106 10.18 -44.80 7.51
C ARG A 106 11.56 -45.42 7.78
N ILE A 107 11.82 -45.79 9.03
CA ILE A 107 13.08 -46.43 9.37
C ILE A 107 13.25 -47.70 8.53
N ALA A 108 12.17 -48.46 8.40
CA ALA A 108 12.26 -49.73 7.68
C ALA A 108 12.56 -49.49 6.21
N VAL A 109 12.01 -48.40 5.67
CA VAL A 109 12.29 -48.01 4.28
C VAL A 109 13.74 -47.49 4.13
N MET A 110 14.21 -46.74 5.10
CA MET A 110 15.60 -46.27 5.07
C MET A 110 16.57 -47.46 5.09
N ASP A 111 16.22 -48.50 5.84
CA ASP A 111 17.07 -49.70 5.83
C ASP A 111 17.19 -50.23 4.41
N GLU A 112 16.06 -50.32 3.70
CA GLU A 112 16.04 -50.82 2.34
C GLU A 112 16.83 -49.88 1.40
N GLN A 113 16.81 -48.58 1.70
CA GLN A 113 17.52 -47.59 0.87
C GLN A 113 18.99 -47.45 1.20
N ASP A 114 19.43 -48.08 2.28
CA ASP A 114 20.80 -48.04 2.76
C ASP A 114 21.19 -46.67 3.28
N ILE A 115 20.22 -46.00 3.87
CA ILE A 115 20.49 -44.73 4.51
C ILE A 115 20.65 -44.94 6.01
N GLU A 116 21.78 -44.53 6.55
CA GLU A 116 21.98 -44.56 7.99
C GLU A 116 21.23 -43.43 8.71
N THR A 117 21.34 -42.22 8.18
CA THR A 117 20.73 -41.06 8.80
C THR A 117 20.16 -40.17 7.71
N ALA A 118 18.93 -39.69 7.93
CA ALA A 118 18.25 -38.84 6.98
C ALA A 118 17.95 -37.52 7.69
N PHE A 119 18.17 -36.38 7.01
CA PHE A 119 17.60 -35.13 7.52
C PHE A 119 16.14 -35.10 7.05
N MET A 120 15.19 -34.97 7.99
CA MET A 120 13.79 -35.02 7.67
C MET A 120 13.24 -33.61 7.81
N LEU A 121 12.73 -33.15 6.68
CA LEU A 121 12.41 -31.72 6.44
C LEU A 121 10.95 -31.53 6.05
N PRO A 122 10.41 -30.32 6.32
CA PRO A 122 8.98 -30.08 6.05
C PRO A 122 8.65 -30.01 4.57
N THR A 123 7.36 -30.23 4.26
CA THR A 123 6.83 -30.03 2.96
C THR A 123 5.91 -28.82 3.03
N PHE A 124 4.73 -29.02 3.64
CA PHE A 124 3.81 -27.89 3.88
C PHE A 124 4.45 -26.76 4.70
N GLY A 125 5.28 -27.10 5.68
CA GLY A 125 5.85 -26.15 6.61
C GLY A 125 6.69 -25.07 5.94
N CYS A 126 7.23 -25.39 4.77
CA CYS A 126 8.09 -24.40 4.07
C CYS A 126 7.34 -23.26 3.37
N GLY A 127 6.02 -23.27 3.48
CA GLY A 127 5.20 -22.20 2.89
C GLY A 127 4.49 -21.36 3.94
N VAL A 128 4.55 -21.76 5.21
CA VAL A 128 3.69 -21.08 6.21
C VAL A 128 4.21 -19.70 6.57
N GLU A 129 5.54 -19.55 6.67
CA GLU A 129 6.07 -18.27 7.18
C GLU A 129 5.74 -17.10 6.28
N GLU A 130 5.81 -17.33 4.98
CA GLU A 130 5.47 -16.21 4.04
C GLU A 130 4.03 -15.78 4.26
N ALA A 131 3.16 -16.78 4.48
CA ALA A 131 1.73 -16.50 4.74
C ALA A 131 1.49 -15.74 6.05
N LEU A 132 2.40 -15.90 7.01
CA LEU A 132 2.31 -15.20 8.27
C LEU A 132 3.25 -14.00 8.45
N LYS A 133 3.80 -13.48 7.36
CA LYS A 133 4.85 -12.47 7.52
CA LYS A 133 4.84 -12.44 7.47
C LYS A 133 4.33 -11.13 8.04
N HIS A 134 3.01 -10.98 8.02
CA HIS A 134 2.38 -9.78 8.58
C HIS A 134 1.87 -9.97 10.00
N ASP A 135 2.10 -11.14 10.58
CA ASP A 135 1.69 -11.37 11.97
C ASP A 135 2.82 -12.05 12.75
N ILE A 136 3.60 -11.23 13.46
CA ILE A 136 4.83 -11.70 14.11
C ILE A 136 4.46 -12.67 15.21
N GLU A 137 3.48 -12.31 16.05
CA GLU A 137 3.09 -13.23 17.13
C GLU A 137 2.55 -14.54 16.57
N ALA A 138 1.74 -14.49 15.52
CA ALA A 138 1.20 -15.74 14.98
C ALA A 138 2.32 -16.58 14.34
N THR A 139 3.32 -15.92 13.76
CA THR A 139 4.46 -16.65 13.18
C THR A 139 5.15 -17.44 14.28
N MET A 140 5.49 -16.76 15.36
CA MET A 140 6.33 -17.36 16.39
C MET A 140 5.55 -18.50 17.04
N ALA A 141 4.25 -18.28 17.24
CA ALA A 141 3.43 -19.33 17.88
C ALA A 141 3.23 -20.54 17.00
N SER A 142 3.11 -20.28 15.70
CA SER A 142 2.83 -21.33 14.74
C SER A 142 4.10 -22.15 14.58
N VAL A 143 5.26 -21.46 14.55
CA VAL A 143 6.51 -22.20 14.41
C VAL A 143 6.71 -23.07 15.66
N HIS A 144 6.46 -22.50 16.84
CA HIS A 144 6.51 -23.33 18.06
C HIS A 144 5.56 -24.51 18.07
N ALA A 145 4.32 -24.30 17.70
CA ALA A 145 3.34 -25.40 17.58
C ALA A 145 3.84 -26.49 16.64
N PHE A 146 4.39 -26.06 15.51
CA PHE A 146 4.87 -27.01 14.54
C PHE A 146 6.04 -27.82 15.11
N ASN A 147 6.91 -27.15 15.85
CA ASN A 147 8.12 -27.80 16.37
C ASN A 147 7.69 -28.85 17.40
N LEU A 148 6.66 -28.53 18.17
CA LEU A 148 6.08 -29.53 19.11
C LEU A 148 5.57 -30.75 18.38
N TRP A 149 4.84 -30.53 17.29
CA TRP A 149 4.29 -31.59 16.52
C TRP A 149 5.44 -32.40 15.94
N LEU A 150 6.48 -31.72 15.45
CA LEU A 150 7.61 -32.43 14.86
C LEU A 150 8.34 -33.38 15.85
N ASP A 151 8.65 -32.87 17.03
CA ASP A 151 9.31 -33.66 18.07
C ASP A 151 8.43 -34.85 18.49
N GLU A 152 7.11 -34.68 18.35
CA GLU A 152 6.16 -35.74 18.72
C GLU A 152 6.10 -36.88 17.72
N ASP A 153 5.93 -36.53 16.44
CA ASP A 153 5.73 -37.51 15.40
C ASP A 153 7.07 -38.09 14.91
N TRP A 154 8.08 -37.22 14.77
CA TRP A 154 9.39 -37.63 14.23
C TRP A 154 10.55 -37.63 15.20
N GLY A 155 10.60 -36.64 16.08
CA GLY A 155 11.64 -36.50 17.09
C GLY A 155 12.86 -35.80 16.53
N PHE A 156 13.29 -34.74 17.17
CA PHE A 156 14.43 -33.99 16.63
C PHE A 156 15.65 -34.91 16.41
N ASP A 157 15.91 -35.81 17.36
CA ASP A 157 17.00 -36.80 17.22
C ASP A 157 16.85 -37.94 18.26
N ARG A 158 16.01 -38.91 17.93
CA ARG A 158 15.74 -40.06 18.85
C ARG A 158 17.00 -40.90 18.96
N PRO A 159 17.10 -41.69 20.04
CA PRO A 159 18.28 -42.51 20.32
C PRO A 159 18.84 -43.39 19.19
N ASP A 160 18.02 -43.90 18.28
CA ASP A 160 18.53 -44.71 17.19
C ASP A 160 19.44 -43.90 16.23
N HIS A 161 19.43 -42.58 16.41
CA HIS A 161 20.13 -41.62 15.54
C HIS A 161 20.03 -41.90 14.07
N ARG A 162 18.86 -42.37 13.62
CA ARG A 162 18.57 -42.58 12.21
C ARG A 162 17.99 -41.29 11.56
N ILE A 163 17.35 -40.44 12.36
CA ILE A 163 16.58 -39.32 11.80
C ILE A 163 16.89 -38.03 12.53
N ILE A 164 17.35 -37.02 11.77
CA ILE A 164 17.57 -35.69 12.32
C ILE A 164 16.40 -34.88 11.76
N ALA A 165 15.42 -34.60 12.60
CA ALA A 165 14.23 -33.86 12.13
C ALA A 165 14.43 -32.42 12.54
N ALA A 166 14.55 -31.55 11.52
CA ALA A 166 14.93 -30.19 11.79
C ALA A 166 13.76 -29.29 12.10
N PRO A 167 13.73 -28.74 13.32
CA PRO A 167 12.67 -27.76 13.63
C PRO A 167 12.94 -26.46 12.88
N ILE A 168 11.91 -25.64 12.81
CA ILE A 168 11.97 -24.34 12.16
C ILE A 168 12.31 -23.30 13.20
N VAL A 169 13.17 -22.33 12.87
CA VAL A 169 13.34 -21.19 13.74
C VAL A 169 13.02 -19.96 12.91
N SER A 170 12.07 -19.15 13.39
CA SER A 170 11.84 -17.84 12.76
C SER A 170 12.54 -16.77 13.60
N LEU A 171 13.24 -15.84 12.94
CA LEU A 171 13.84 -14.69 13.60
C LEU A 171 12.91 -13.47 13.70
N ALA A 172 11.63 -13.67 13.40
CA ALA A 172 10.71 -12.50 13.27
C ALA A 172 10.56 -11.74 14.59
N ASP A 173 10.57 -12.44 15.72
CA ASP A 173 10.76 -11.78 17.03
C ASP A 173 12.08 -12.32 17.60
N PRO A 174 13.15 -11.52 17.57
CA PRO A 174 14.47 -12.06 17.88
C PRO A 174 14.61 -12.60 19.30
N THR A 175 13.93 -11.97 20.23
CA THR A 175 13.92 -12.45 21.61
C THR A 175 13.23 -13.79 21.70
N ARG A 176 12.02 -13.90 21.15
CA ARG A 176 11.35 -15.20 21.13
CA ARG A 176 11.34 -15.19 21.10
C ARG A 176 12.18 -16.21 20.32
N ALA A 177 12.87 -15.76 19.26
CA ALA A 177 13.69 -16.72 18.50
C ALA A 177 14.78 -17.43 19.34
N VAL A 178 15.50 -16.66 20.16
CA VAL A 178 16.54 -17.16 21.08
C VAL A 178 15.93 -18.24 22.00
N GLU A 179 14.67 -18.01 22.37
CA GLU A 179 13.98 -18.93 23.27
C GLU A 179 13.49 -20.18 22.53
N GLU A 180 13.14 -20.05 21.25
CA GLU A 180 12.83 -21.21 20.46
C GLU A 180 14.09 -22.06 20.21
N VAL A 181 15.22 -21.39 19.94
CA VAL A 181 16.48 -22.13 19.80
C VAL A 181 16.76 -22.94 21.08
N ASP A 182 16.59 -22.30 22.23
CA ASP A 182 16.89 -23.00 23.46
C ASP A 182 15.95 -24.17 23.62
N PHE A 183 14.68 -23.94 23.27
CA PHE A 183 13.72 -25.01 23.35
C PHE A 183 14.14 -26.23 22.55
N VAL A 184 14.50 -26.02 21.28
CA VAL A 184 14.80 -27.18 20.44
C VAL A 184 16.14 -27.81 20.76
N LEU A 185 17.13 -26.99 21.10
CA LEU A 185 18.48 -27.49 21.47
C LEU A 185 18.38 -28.41 22.72
N ALA A 186 17.56 -28.01 23.69
CA ALA A 186 17.41 -28.77 24.92
C ALA A 186 16.74 -30.10 24.65
N ARG A 187 16.00 -30.16 23.55
CA ARG A 187 15.35 -31.38 23.14
C ARG A 187 16.19 -32.14 22.08
N GLY A 188 17.44 -31.74 21.92
CA GLY A 188 18.40 -32.56 21.18
C GLY A 188 18.50 -32.26 19.68
N ALA A 189 17.94 -31.12 19.23
CA ALA A 189 17.99 -30.80 17.78
C ALA A 189 19.43 -30.62 17.35
N LYS A 190 19.75 -31.17 16.17
CA LYS A 190 21.14 -31.12 15.68
C LYS A 190 21.25 -30.22 14.43
N LEU A 191 20.09 -29.70 13.96
CA LEU A 191 20.05 -28.84 12.74
C LEU A 191 18.76 -28.05 12.88
N VAL A 192 18.77 -26.77 12.54
CA VAL A 192 17.52 -25.99 12.57
C VAL A 192 17.35 -25.38 11.19
N LEU A 193 16.10 -25.13 10.78
CA LEU A 193 15.80 -24.49 9.49
C LEU A 193 15.41 -23.02 9.68
N VAL A 194 16.13 -22.12 9.02
CA VAL A 194 15.71 -20.72 8.97
C VAL A 194 15.28 -20.47 7.52
N ARG A 195 14.24 -19.66 7.28
CA ARG A 195 13.74 -19.56 5.91
C ARG A 195 14.71 -18.69 5.11
N PRO A 196 15.03 -19.11 3.87
CA PRO A 196 15.90 -18.23 3.09
C PRO A 196 15.07 -17.09 2.47
N ALA A 197 14.88 -16.04 3.26
CA ALA A 197 13.96 -14.93 2.90
C ALA A 197 14.21 -13.82 3.90
N PRO A 198 13.81 -12.59 3.54
CA PRO A 198 13.86 -11.47 4.50
C PRO A 198 13.14 -11.89 5.78
N VAL A 199 13.66 -11.41 6.89
CA VAL A 199 13.09 -11.77 8.18
C VAL A 199 11.96 -10.78 8.46
N PRO A 200 10.73 -11.29 8.66
CA PRO A 200 9.62 -10.35 8.91
C PRO A 200 9.87 -9.53 10.17
N GLY A 201 9.38 -8.30 10.18
CA GLY A 201 9.54 -7.44 11.37
C GLY A 201 8.26 -6.71 11.73
N LEU A 202 8.12 -6.30 12.99
CA LEU A 202 6.95 -5.52 13.41
C LEU A 202 6.89 -4.22 12.63
N VAL A 203 8.05 -3.57 12.51
CA VAL A 203 8.21 -2.27 11.83
C VAL A 203 8.56 -2.35 10.35
N LYS A 204 9.50 -3.22 10.01
CA LYS A 204 9.88 -3.45 8.60
C LYS A 204 10.72 -4.75 8.56
N PRO A 205 10.92 -5.32 7.36
CA PRO A 205 11.69 -6.57 7.33
C PRO A 205 13.16 -6.32 7.65
N ARG A 206 13.88 -7.38 7.98
CA ARG A 206 15.29 -7.30 8.33
C ARG A 206 16.15 -8.25 7.51
N SER A 207 17.38 -7.83 7.31
CA SER A 207 18.41 -8.70 6.79
C SER A 207 18.65 -9.86 7.78
N LEU A 208 19.01 -11.03 7.25
CA LEU A 208 19.40 -12.12 8.16
C LEU A 208 20.58 -11.71 9.04
N GLY A 209 21.42 -10.83 8.53
CA GLY A 209 22.54 -10.32 9.30
C GLY A 209 22.29 -9.09 10.14
N ASP A 210 21.03 -8.77 10.41
CA ASP A 210 20.71 -7.67 11.31
C ASP A 210 21.37 -7.93 12.68
N ARG A 211 21.89 -6.88 13.30
CA ARG A 211 22.55 -7.10 14.61
C ARG A 211 21.64 -7.71 15.69
N SER A 212 20.34 -7.46 15.61
CA SER A 212 19.42 -8.01 16.61
C SER A 212 19.31 -9.53 16.53
N HIS A 213 19.85 -10.12 15.46
CA HIS A 213 19.88 -11.55 15.31
C HIS A 213 21.09 -12.23 15.90
N ASP A 214 22.04 -11.43 16.40
CA ASP A 214 23.31 -12.03 16.91
C ASP A 214 23.11 -13.09 18.03
N PRO A 215 22.17 -12.87 18.97
CA PRO A 215 22.01 -13.92 19.99
C PRO A 215 21.58 -15.29 19.44
N VAL A 216 20.84 -15.31 18.34
CA VAL A 216 20.45 -16.58 17.76
C VAL A 216 21.64 -17.24 17.08
N TRP A 217 22.35 -16.48 16.24
CA TRP A 217 23.54 -17.01 15.60
C TRP A 217 24.57 -17.44 16.62
N ALA A 218 24.74 -16.62 17.68
CA ALA A 218 25.73 -16.97 18.72
C ALA A 218 25.40 -18.31 19.38
N ARG A 219 24.12 -18.55 19.68
CA ARG A 219 23.74 -19.76 20.35
C ARG A 219 23.93 -20.98 19.45
N LEU A 220 23.58 -20.85 18.18
CA LEU A 220 23.79 -21.95 17.25
C LEU A 220 25.29 -22.27 17.02
N ALA A 221 26.09 -21.25 16.90
CA ALA A 221 27.51 -21.39 16.64
C ALA A 221 28.19 -22.08 17.83
N GLU A 222 27.84 -21.66 19.04
CA GLU A 222 28.42 -22.30 20.24
C GLU A 222 27.98 -23.74 20.43
N ALA A 223 26.72 -24.03 20.12
CA ALA A 223 26.20 -25.40 20.20
C ALA A 223 26.71 -26.33 19.09
N GLY A 224 27.33 -25.76 18.07
CA GLY A 224 27.73 -26.56 16.91
C GLY A 224 26.59 -27.02 16.05
N VAL A 225 25.44 -26.35 16.13
CA VAL A 225 24.27 -26.75 15.36
C VAL A 225 24.19 -25.88 14.11
N PRO A 226 24.21 -26.49 12.93
CA PRO A 226 24.12 -25.69 11.71
C PRO A 226 22.75 -25.05 11.50
N VAL A 227 22.72 -23.97 10.72
CA VAL A 227 21.47 -23.42 10.23
C VAL A 227 21.28 -23.91 8.81
N GLY A 228 20.11 -24.51 8.54
CA GLY A 228 19.77 -24.96 7.20
C GLY A 228 18.84 -23.99 6.53
N PHE A 229 19.08 -23.76 5.24
CA PHE A 229 18.19 -22.96 4.42
C PHE A 229 17.64 -23.84 3.31
N HIS A 230 16.39 -24.26 3.45
CA HIS A 230 15.70 -25.05 2.46
C HIS A 230 14.75 -24.24 1.58
N LEU A 231 14.70 -24.65 0.31
CA LEU A 231 13.79 -24.06 -0.67
C LEU A 231 12.39 -23.86 0.00
N SER A 232 11.83 -22.66 -0.12
CA SER A 232 10.62 -22.29 0.60
C SER A 232 9.78 -21.35 -0.26
N ASP A 233 8.59 -21.00 0.22
CA ASP A 233 7.98 -19.76 -0.31
C ASP A 233 8.72 -18.63 0.39
N SER A 234 9.59 -17.95 -0.36
CA SER A 234 10.39 -16.86 0.16
C SER A 234 9.84 -15.52 -0.29
N GLY A 235 8.69 -15.55 -0.95
CA GLY A 235 8.00 -14.32 -1.36
C GLY A 235 8.54 -13.73 -2.67
N TYR A 236 9.38 -14.48 -3.37
CA TYR A 236 9.98 -14.00 -4.62
C TYR A 236 9.03 -13.86 -5.81
N LEU A 237 7.80 -14.35 -5.67
CA LEU A 237 6.83 -14.06 -6.73
C LEU A 237 6.57 -12.54 -6.86
N HIS A 238 7.07 -11.75 -5.93
CA HIS A 238 6.95 -10.29 -6.05
C HIS A 238 7.70 -9.71 -7.23
N ILE A 239 8.72 -10.40 -7.71
CA ILE A 239 9.47 -9.91 -8.88
C ILE A 239 8.61 -10.08 -10.14
N ALA A 240 8.04 -11.26 -10.28
CA ALA A 240 7.07 -11.51 -11.35
C ALA A 240 5.92 -10.49 -11.28
N ALA A 241 5.48 -10.19 -10.06
CA ALA A 241 4.40 -9.23 -9.85
C ALA A 241 4.74 -7.84 -10.38
N ALA A 242 5.97 -7.41 -10.14
CA ALA A 242 6.44 -6.12 -10.60
C ALA A 242 6.34 -6.03 -12.13
N TRP A 243 6.51 -7.19 -12.79
CA TRP A 243 6.49 -7.31 -14.25
C TRP A 243 5.10 -7.56 -14.79
N GLY A 244 4.11 -7.37 -13.92
CA GLY A 244 2.69 -7.53 -14.26
C GLY A 244 2.18 -8.95 -14.11
N GLY A 245 2.96 -9.81 -13.46
CA GLY A 245 2.62 -11.22 -13.34
C GLY A 245 1.80 -11.53 -12.11
N LYS A 246 1.96 -12.76 -11.60
CA LYS A 246 1.21 -13.27 -10.45
C LYS A 246 -0.28 -13.41 -10.76
N ALA A 254 -2.55 -23.22 -16.13
CA ALA A 254 -1.41 -22.68 -16.89
C ALA A 254 -0.65 -21.61 -16.09
N LYS A 255 0.61 -21.88 -15.80
CA LYS A 255 1.48 -20.86 -15.21
C LYS A 255 2.07 -19.99 -16.32
N ASP A 256 2.23 -18.70 -16.06
CA ASP A 256 2.96 -17.81 -16.99
C ASP A 256 4.43 -18.22 -16.92
N PRO A 257 5.03 -18.61 -18.05
CA PRO A 257 6.40 -19.15 -18.10
C PRO A 257 7.43 -18.08 -17.68
N LEU A 258 7.05 -16.82 -17.72
CA LEU A 258 8.02 -15.78 -17.31
C LEU A 258 8.29 -15.87 -15.83
N ASP A 259 7.26 -16.26 -15.08
CA ASP A 259 7.32 -16.11 -13.63
C ASP A 259 8.53 -16.87 -13.10
N GLN A 260 8.70 -18.10 -13.56
CA GLN A 260 9.78 -18.92 -13.02
C GLN A 260 11.15 -18.50 -13.56
N VAL A 261 11.18 -17.93 -14.76
CA VAL A 261 12.47 -17.36 -15.24
C VAL A 261 12.91 -16.22 -14.34
N LEU A 262 11.95 -15.48 -13.79
CA LEU A 262 12.27 -14.32 -12.93
C LEU A 262 12.53 -14.68 -11.46
N LEU A 263 12.24 -15.93 -11.11
CA LEU A 263 12.37 -16.38 -9.73
C LEU A 263 13.61 -17.28 -9.54
N ASP A 264 13.56 -18.46 -10.16
CA ASP A 264 14.64 -19.44 -10.18
C ASP A 264 15.30 -19.53 -8.80
N ASP A 265 16.60 -19.28 -8.71
CA ASP A 265 17.36 -19.47 -7.46
C ASP A 265 17.72 -18.17 -6.74
N ARG A 266 16.89 -17.15 -6.93
CA ARG A 266 17.27 -15.85 -6.40
C ARG A 266 17.22 -15.80 -4.89
N ALA A 267 16.29 -16.56 -4.31
CA ALA A 267 16.16 -16.45 -2.84
C ALA A 267 17.42 -16.93 -2.13
N ILE A 268 17.98 -18.06 -2.57
CA ILE A 268 19.19 -18.59 -1.87
C ILE A 268 20.40 -17.70 -2.10
N HIS A 269 20.51 -17.20 -3.33
CA HIS A 269 21.57 -16.20 -3.61
C HIS A 269 21.49 -15.02 -2.66
N ASP A 270 20.29 -14.44 -2.51
CA ASP A 270 20.14 -13.23 -1.72
C ASP A 270 20.27 -13.51 -0.22
N THR A 271 19.80 -14.69 0.19
CA THR A 271 19.97 -15.14 1.58
C THR A 271 21.46 -15.24 1.95
N MET A 272 22.25 -15.92 1.12
CA MET A 272 23.66 -16.08 1.42
C MET A 272 24.35 -14.73 1.35
N ALA A 273 23.94 -13.89 0.39
CA ALA A 273 24.48 -12.52 0.35
C ALA A 273 24.21 -11.77 1.67
N SER A 274 22.96 -11.86 2.15
CA SER A 274 22.61 -11.19 3.38
C SER A 274 23.43 -11.71 4.55
N MET A 275 23.57 -13.03 4.66
CA MET A 275 24.40 -13.60 5.74
C MET A 275 25.87 -13.14 5.66
N ILE A 276 26.46 -13.19 4.46
CA ILE A 276 27.88 -12.94 4.36
C ILE A 276 28.18 -11.43 4.40
N VAL A 277 27.48 -10.68 3.55
CA VAL A 277 27.73 -9.22 3.43
C VAL A 277 27.50 -8.47 4.75
N HIS A 278 26.45 -8.83 5.46
CA HIS A 278 26.19 -8.20 6.73
C HIS A 278 26.92 -8.82 7.90
N GLY A 279 27.86 -9.69 7.60
CA GLY A 279 28.88 -10.04 8.61
C GLY A 279 28.48 -11.13 9.60
N VAL A 280 27.48 -11.95 9.26
CA VAL A 280 27.17 -13.03 10.20
C VAL A 280 28.37 -13.94 10.47
N PHE A 281 29.08 -14.33 9.41
CA PHE A 281 30.21 -15.24 9.63
C PHE A 281 31.41 -14.49 10.19
N THR A 282 31.49 -13.19 9.97
CA THR A 282 32.57 -12.37 10.60
C THR A 282 32.37 -12.40 12.14
N ARG A 283 31.13 -12.13 12.57
CA ARG A 283 30.85 -12.09 14.00
C ARG A 283 30.78 -13.45 14.64
N HIS A 284 30.40 -14.48 13.87
CA HIS A 284 30.17 -15.84 14.37
C HIS A 284 30.92 -16.82 13.50
N PRO A 285 32.26 -16.79 13.60
CA PRO A 285 33.04 -17.56 12.63
C PRO A 285 32.86 -19.06 12.73
N LYS A 286 32.31 -19.54 13.83
CA LYS A 286 32.04 -20.96 13.94
C LYS A 286 30.67 -21.38 13.38
N LEU A 287 29.85 -20.43 13.01
CA LEU A 287 28.48 -20.75 12.54
C LEU A 287 28.57 -21.56 11.27
N LYS A 288 27.88 -22.69 11.23
CA LYS A 288 27.84 -23.49 10.02
C LYS A 288 26.48 -23.29 9.36
N ALA A 289 26.47 -23.21 8.04
CA ALA A 289 25.18 -23.16 7.30
C ALA A 289 25.11 -24.17 6.18
N VAL A 290 23.90 -24.60 5.83
CA VAL A 290 23.78 -25.54 4.74
C VAL A 290 22.64 -25.14 3.83
N SER A 291 22.90 -25.17 2.52
CA SER A 291 21.86 -24.90 1.51
C SER A 291 21.27 -26.20 1.01
N ILE A 292 19.93 -26.36 1.12
CA ILE A 292 19.26 -27.60 0.75
C ILE A 292 18.13 -27.37 -0.27
N GLU A 293 18.18 -28.08 -1.39
CA GLU A 293 17.21 -28.02 -2.47
C GLU A 293 17.14 -26.68 -3.18
N ASN A 294 18.26 -25.95 -3.16
CA ASN A 294 18.28 -24.66 -3.84
C ASN A 294 19.21 -24.66 -5.04
N GLY A 295 19.74 -25.84 -5.37
CA GLY A 295 20.79 -25.94 -6.40
C GLY A 295 22.11 -25.40 -5.94
N SER A 296 23.07 -25.37 -6.87
CA SER A 296 24.37 -24.80 -6.56
C SER A 296 24.77 -23.77 -7.62
N TYR A 297 23.96 -23.61 -8.64
CA TYR A 297 24.25 -22.61 -9.69
C TYR A 297 24.44 -21.19 -9.16
N PHE A 298 23.80 -20.88 -8.04
CA PHE A 298 23.91 -19.54 -7.46
C PHE A 298 25.35 -19.17 -7.05
N VAL A 299 26.17 -20.16 -6.73
CA VAL A 299 27.47 -19.93 -6.17
C VAL A 299 28.34 -19.02 -7.06
N HIS A 300 28.35 -19.28 -8.35
CA HIS A 300 29.32 -18.52 -9.18
C HIS A 300 28.97 -17.06 -9.31
N ARG A 301 27.68 -16.73 -9.43
CA ARG A 301 27.28 -15.33 -9.49
C ARG A 301 27.51 -14.68 -8.14
N LEU A 302 27.20 -15.42 -7.07
CA LEU A 302 27.41 -14.85 -5.74
C LEU A 302 28.87 -14.48 -5.48
N ILE A 303 29.77 -15.39 -5.86
CA ILE A 303 31.18 -15.16 -5.70
C ILE A 303 31.59 -13.94 -6.51
N LYS A 304 31.11 -13.85 -7.76
CA LYS A 304 31.40 -12.66 -8.59
CA LYS A 304 31.46 -12.67 -8.56
C LYS A 304 30.99 -11.37 -7.89
N ARG A 305 29.77 -11.37 -7.37
CA ARG A 305 29.23 -10.18 -6.76
C ARG A 305 29.86 -9.85 -5.43
N LEU A 306 30.19 -10.86 -4.62
CA LEU A 306 30.87 -10.63 -3.36
C LEU A 306 32.25 -10.02 -3.56
N LYS A 307 32.97 -10.51 -4.58
CA LYS A 307 34.30 -9.98 -4.92
C LYS A 307 34.21 -8.52 -5.33
N LYS A 308 33.27 -8.19 -6.23
CA LYS A 308 33.02 -6.80 -6.61
C LYS A 308 32.72 -5.92 -5.38
N ALA A 309 31.82 -6.38 -4.51
CA ALA A 309 31.48 -5.59 -3.32
C ALA A 309 32.71 -5.38 -2.45
N ALA A 310 33.55 -6.40 -2.30
CA ALA A 310 34.70 -6.27 -1.42
C ALA A 310 35.74 -5.33 -2.01
N ASN A 311 35.84 -5.34 -3.34
CA ASN A 311 36.77 -4.44 -4.05
C ASN A 311 36.35 -2.97 -4.00
N THR A 312 35.04 -2.76 -4.04
CA THR A 312 34.43 -1.45 -4.08
C THR A 312 34.31 -0.78 -2.72
N GLN A 313 34.11 -1.57 -1.67
CA GLN A 313 33.94 -1.05 -0.33
C GLN A 313 34.76 -1.90 0.63
N PRO A 314 36.09 -1.84 0.50
CA PRO A 314 36.90 -2.76 1.28
C PRO A 314 36.69 -2.59 2.77
N GLN A 315 36.20 -1.43 3.18
CA GLN A 315 36.04 -1.12 4.59
C GLN A 315 35.00 -2.05 5.20
N TYR A 316 34.02 -2.47 4.40
CA TYR A 316 32.95 -3.32 4.91
C TYR A 316 33.33 -4.78 4.92
N PHE A 317 34.52 -5.11 4.41
CA PHE A 317 34.96 -6.50 4.22
C PHE A 317 36.34 -6.77 4.82
N PRO A 318 36.42 -6.79 6.16
CA PRO A 318 37.70 -7.09 6.80
C PRO A 318 38.15 -8.53 6.54
N GLU A 319 37.23 -9.42 6.19
CA GLU A 319 37.60 -10.76 5.75
C GLU A 319 37.19 -10.93 4.29
N ASP A 320 37.76 -11.91 3.61
CA ASP A 320 37.40 -12.20 2.23
C ASP A 320 36.05 -12.92 2.24
N PRO A 321 35.02 -12.31 1.63
CA PRO A 321 33.69 -12.93 1.76
C PRO A 321 33.58 -14.24 0.99
N VAL A 322 34.40 -14.41 -0.06
CA VAL A 322 34.40 -15.66 -0.79
C VAL A 322 34.99 -16.77 0.07
N GLU A 323 36.02 -16.45 0.84
CA GLU A 323 36.53 -17.42 1.77
C GLU A 323 35.52 -17.76 2.88
N GLN A 324 34.70 -16.81 3.29
CA GLN A 324 33.65 -17.15 4.27
C GLN A 324 32.65 -18.12 3.66
N LEU A 325 32.27 -17.88 2.41
CA LEU A 325 31.40 -18.79 1.71
C LEU A 325 32.00 -20.19 1.72
N ARG A 326 33.28 -20.27 1.38
CA ARG A 326 33.92 -21.57 1.24
C ARG A 326 34.11 -22.29 2.57
N ASN A 327 34.29 -21.52 3.63
CA ASN A 327 34.59 -22.08 4.91
C ASN A 327 33.36 -22.50 5.71
N ASN A 328 32.31 -21.69 5.61
CA ASN A 328 31.17 -21.80 6.51
C ASN A 328 29.94 -22.42 5.92
N VAL A 329 29.92 -22.57 4.58
CA VAL A 329 28.71 -23.00 3.89
C VAL A 329 28.85 -24.36 3.18
N TRP A 330 27.95 -25.29 3.50
CA TRP A 330 27.81 -26.56 2.78
C TRP A 330 26.66 -26.45 1.82
N ILE A 331 26.76 -27.12 0.68
CA ILE A 331 25.71 -27.03 -0.34
C ILE A 331 25.28 -28.39 -0.85
N ALA A 332 23.99 -28.71 -0.77
CA ALA A 332 23.47 -29.90 -1.44
C ALA A 332 23.01 -29.43 -2.81
N PRO A 333 23.71 -29.87 -3.88
CA PRO A 333 23.42 -29.39 -5.20
C PRO A 333 22.28 -30.15 -5.84
N TYR A 334 21.82 -29.68 -6.99
CA TYR A 334 20.89 -30.44 -7.81
C TYR A 334 21.68 -31.57 -8.51
N TYR A 335 21.04 -32.73 -8.60
CA TYR A 335 21.55 -33.93 -9.28
C TYR A 335 22.25 -33.61 -10.60
N GLU A 336 21.67 -32.67 -11.35
CA GLU A 336 22.12 -32.36 -12.71
C GLU A 336 23.14 -31.23 -12.80
N ASP A 337 23.55 -30.65 -11.67
CA ASP A 337 24.56 -29.58 -11.69
C ASP A 337 25.91 -30.14 -12.11
N ASP A 338 26.79 -29.25 -12.57
CA ASP A 338 28.14 -29.68 -12.90
C ASP A 338 28.94 -29.87 -11.59
N LEU A 339 29.02 -31.11 -11.10
CA LEU A 339 29.56 -31.31 -9.75
C LEU A 339 31.08 -31.19 -9.64
N PRO A 340 31.84 -31.73 -10.62
CA PRO A 340 33.26 -31.37 -10.62
C PRO A 340 33.54 -29.85 -10.63
N GLU A 341 32.79 -29.06 -11.40
CA GLU A 341 33.00 -27.62 -11.40
C GLU A 341 32.70 -27.09 -10.00
N LEU A 342 31.59 -27.55 -9.41
CA LEU A 342 31.27 -27.03 -8.08
C LEU A 342 32.43 -27.34 -7.11
N ALA A 343 33.01 -28.54 -7.19
CA ALA A 343 34.09 -28.89 -6.27
C ALA A 343 35.31 -28.00 -6.50
N ARG A 344 35.51 -27.59 -7.76
CA ARG A 344 36.62 -26.72 -8.09
CA ARG A 344 36.61 -26.69 -8.11
C ARG A 344 36.44 -25.37 -7.43
N VAL A 345 35.18 -24.98 -7.28
CA VAL A 345 34.87 -23.64 -6.79
C VAL A 345 34.75 -23.55 -5.27
N ILE A 346 34.04 -24.49 -4.66
CA ILE A 346 33.82 -24.42 -3.22
C ILE A 346 34.56 -25.48 -2.44
N GLY A 347 35.10 -26.46 -3.15
CA GLY A 347 35.83 -27.54 -2.46
C GLY A 347 34.92 -28.73 -2.32
N VAL A 348 35.45 -29.93 -2.57
CA VAL A 348 34.59 -31.11 -2.53
C VAL A 348 34.05 -31.37 -1.11
N ASP A 349 34.76 -30.87 -0.12
CA ASP A 349 34.36 -31.09 1.29
C ASP A 349 33.04 -30.37 1.59
N LYS A 350 32.61 -29.46 0.71
CA LYS A 350 31.37 -28.72 1.02
C LYS A 350 30.18 -29.23 0.24
N ILE A 351 30.35 -30.28 -0.55
CA ILE A 351 29.26 -30.79 -1.39
C ILE A 351 28.54 -31.90 -0.66
N LEU A 352 27.21 -31.78 -0.54
CA LEU A 352 26.40 -32.78 0.18
C LEU A 352 25.43 -33.51 -0.71
N PHE A 353 25.39 -34.84 -0.55
CA PHE A 353 24.33 -35.61 -1.19
C PHE A 353 22.99 -35.44 -0.45
N GLY A 354 21.94 -35.17 -1.22
CA GLY A 354 20.58 -35.11 -0.72
C GLY A 354 19.68 -35.57 -1.87
N SER A 355 18.75 -36.49 -1.59
CA SER A 355 17.91 -37.08 -2.60
C SER A 355 16.58 -36.33 -2.83
N ASP A 356 16.14 -35.59 -1.81
CA ASP A 356 14.81 -34.95 -1.80
C ASP A 356 13.71 -36.00 -1.83
N TRP A 357 14.03 -37.19 -1.32
CA TRP A 357 13.00 -38.25 -1.30
C TRP A 357 11.95 -37.96 -0.24
N PRO A 358 10.66 -38.20 -0.51
CA PRO A 358 10.03 -38.85 -1.66
C PRO A 358 9.38 -37.88 -2.63
N HIS A 359 9.86 -36.63 -2.65
CA HIS A 359 9.20 -35.70 -3.56
C HIS A 359 9.26 -36.12 -5.00
N GLY A 360 8.29 -35.63 -5.78
CA GLY A 360 8.24 -35.92 -7.20
C GLY A 360 9.49 -35.48 -7.95
N GLU A 361 10.03 -34.33 -7.54
CA GLU A 361 11.22 -33.78 -8.19
C GLU A 361 12.51 -34.39 -7.68
N GLY A 362 12.41 -35.27 -6.68
CA GLY A 362 13.61 -35.90 -6.12
C GLY A 362 14.02 -37.17 -6.83
N LEU A 363 15.03 -37.85 -6.29
CA LEU A 363 15.46 -39.15 -6.83
C LEU A 363 14.53 -40.25 -6.33
N ALA A 364 14.02 -41.08 -7.24
CA ALA A 364 13.27 -42.28 -6.80
C ALA A 364 14.13 -43.17 -5.90
N SER A 365 15.40 -43.35 -6.26
CA SER A 365 16.32 -44.17 -5.45
C SER A 365 17.44 -43.29 -4.94
N PRO A 366 17.44 -42.98 -3.63
CA PRO A 366 18.38 -41.97 -3.18
C PRO A 366 19.82 -42.27 -3.57
N VAL A 367 20.25 -43.53 -3.43
CA VAL A 367 21.66 -43.82 -3.72
C VAL A 367 22.07 -43.71 -5.19
N SER A 368 21.11 -43.63 -6.11
CA SER A 368 21.41 -43.38 -7.52
C SER A 368 22.12 -42.04 -7.73
N PHE A 369 22.20 -41.22 -6.67
CA PHE A 369 22.93 -39.93 -6.77
C PHE A 369 24.35 -40.24 -7.24
N THR A 370 24.87 -41.43 -6.88
CA THR A 370 26.27 -41.74 -7.24
C THR A 370 26.50 -41.76 -8.76
N ALA A 371 25.45 -41.95 -9.56
CA ALA A 371 25.61 -41.98 -11.02
C ALA A 371 26.15 -40.66 -11.58
N GLU A 372 26.00 -39.58 -10.81
CA GLU A 372 26.48 -38.25 -11.23
C GLU A 372 27.86 -37.95 -10.70
N LEU A 373 28.48 -38.93 -10.04
CA LEU A 373 29.76 -38.72 -9.37
C LEU A 373 30.94 -39.51 -10.01
N LYS A 374 30.75 -40.00 -11.23
CA LYS A 374 31.80 -40.77 -11.89
C LYS A 374 33.10 -39.98 -12.11
N GLY A 375 33.03 -38.66 -12.12
CA GLY A 375 34.26 -37.85 -12.24
C GLY A 375 35.04 -37.68 -10.94
N PHE A 376 34.61 -38.36 -9.89
CA PHE A 376 35.23 -38.26 -8.56
C PHE A 376 35.85 -39.57 -8.11
N SER A 377 36.86 -39.48 -7.23
CA SER A 377 37.47 -40.67 -6.62
C SER A 377 36.55 -41.36 -5.64
N GLU A 378 36.91 -42.60 -5.30
CA GLU A 378 36.12 -43.36 -4.35
C GLU A 378 36.03 -42.63 -3.01
N SER A 379 37.16 -42.10 -2.53
CA SER A 379 37.16 -41.42 -1.26
C SER A 379 36.40 -40.09 -1.31
N ASP A 380 36.45 -39.37 -2.43
CA ASP A 380 35.62 -38.13 -2.58
C ASP A 380 34.13 -38.45 -2.65
N ILE A 381 33.76 -39.54 -3.32
CA ILE A 381 32.37 -40.00 -3.30
C ILE A 381 31.94 -40.28 -1.86
N ARG A 382 32.82 -40.87 -1.06
CA ARG A 382 32.49 -41.12 0.32
C ARG A 382 32.26 -39.83 1.12
N LYS A 383 33.04 -38.78 0.83
CA LYS A 383 32.83 -37.45 1.42
C LYS A 383 31.44 -36.95 1.03
N ILE A 384 31.14 -37.00 -0.25
CA ILE A 384 29.87 -36.45 -0.74
C ILE A 384 28.66 -37.22 -0.20
N MET A 385 28.79 -38.54 -0.10
CA MET A 385 27.63 -39.40 0.23
C MET A 385 27.49 -39.64 1.73
N ARG A 386 28.50 -39.28 2.49
CA ARG A 386 28.49 -39.54 3.91
C ARG A 386 29.27 -38.60 4.84
N ASP A 387 30.57 -38.55 4.65
CA ASP A 387 31.43 -37.84 5.56
C ASP A 387 31.30 -36.30 5.67
N ASN A 388 31.01 -35.64 4.58
CA ASN A 388 30.83 -34.21 4.65
C ASN A 388 29.63 -33.85 5.56
N ALA A 389 28.58 -34.64 5.49
CA ALA A 389 27.41 -34.40 6.33
C ALA A 389 27.77 -34.58 7.80
N LEU A 390 28.65 -35.55 8.09
CA LEU A 390 29.14 -35.68 9.47
C LEU A 390 29.94 -34.48 9.95
N ASP A 391 30.78 -33.90 9.06
CA ASP A 391 31.46 -32.67 9.37
C ASP A 391 30.46 -31.53 9.63
N LEU A 392 29.45 -31.41 8.78
CA LEU A 392 28.48 -30.34 8.94
C LEU A 392 27.86 -30.44 10.34
N LEU A 393 27.48 -31.66 10.71
CA LEU A 393 26.82 -31.80 12.02
C LEU A 393 27.75 -31.62 13.20
N GLY A 394 29.01 -32.05 13.04
CA GLY A 394 30.04 -31.82 14.03
C GLY A 394 30.41 -33.11 14.75
N ALA B 4 -19.05 48.75 25.02
CA ALA B 4 -17.68 48.27 25.40
C ALA B 4 -17.70 47.67 26.80
N LEU B 5 -16.97 46.58 26.99
CA LEU B 5 -16.91 45.98 28.32
C LEU B 5 -16.01 46.80 29.23
N ASN B 6 -16.16 46.62 30.54
CA ASN B 6 -15.32 47.35 31.45
C ASN B 6 -14.21 46.47 31.99
N TYR B 7 -13.92 45.39 31.27
CA TYR B 7 -12.74 44.62 31.59
C TYR B 7 -12.10 44.24 30.26
N ARG B 8 -10.79 43.94 30.28
CA ARG B 8 -10.12 43.44 29.08
C ARG B 8 -10.41 41.95 28.96
N VAL B 9 -10.40 41.49 27.71
CA VAL B 9 -10.80 40.11 27.41
C VAL B 9 -9.60 39.19 27.27
N ILE B 10 -9.88 37.89 27.30
CA ILE B 10 -8.83 36.89 27.06
C ILE B 10 -9.27 36.13 25.82
N ASP B 11 -8.47 36.21 24.75
CA ASP B 11 -8.82 35.67 23.43
C ASP B 11 -8.07 34.36 23.20
N VAL B 12 -8.81 33.26 23.18
CA VAL B 12 -8.12 31.95 23.16
C VAL B 12 -7.75 31.51 21.77
N ASP B 13 -8.01 32.37 20.77
CA ASP B 13 -7.62 32.00 19.42
C ASP B 13 -7.06 33.20 18.65
N ASN B 14 -5.71 33.28 18.61
CA ASN B 14 -5.02 34.29 17.84
C ASN B 14 -3.89 33.62 17.11
N HIS B 15 -3.39 34.26 16.06
CA HIS B 15 -2.29 33.64 15.31
C HIS B 15 -1.14 34.55 15.03
N TYR B 16 0.03 33.93 14.88
CA TYR B 16 1.16 34.58 14.15
C TYR B 16 1.28 33.95 12.76
N TYR B 17 2.11 34.56 11.93
CA TYR B 17 2.53 33.96 10.65
C TYR B 17 4.01 33.62 10.78
N GLU B 18 4.34 32.34 10.64
CA GLU B 18 5.71 31.89 10.82
C GLU B 18 6.63 32.47 9.73
N PRO B 19 7.83 32.87 10.14
CA PRO B 19 8.87 33.14 9.16
C PRO B 19 9.30 31.82 8.51
N LEU B 20 9.99 31.89 7.38
CA LEU B 20 10.41 30.69 6.65
C LEU B 20 11.31 29.75 7.44
N ASP B 21 11.99 30.26 8.47
CA ASP B 21 12.84 29.39 9.28
C ASP B 21 12.24 28.87 10.58
N SER B 22 10.92 29.01 10.77
CA SER B 22 10.35 28.50 12.02
C SER B 22 10.69 27.00 12.36
N PHE B 23 10.70 26.13 11.34
CA PHE B 23 10.96 24.71 11.55
C PHE B 23 12.41 24.31 11.20
N THR B 24 13.25 25.28 10.91
CA THR B 24 14.66 24.96 10.55
C THR B 24 15.70 25.68 11.39
N ARG B 25 15.39 26.89 11.85
CA ARG B 25 16.34 27.66 12.73
C ARG B 25 17.07 26.82 13.79
N HIS B 26 16.33 26.00 14.51
CA HIS B 26 16.87 25.22 15.63
C HIS B 26 16.78 23.71 15.46
N LEU B 27 16.82 23.29 14.23
CA LEU B 27 16.63 21.90 13.87
C LEU B 27 17.90 21.06 13.83
N ASP B 28 17.94 19.93 14.50
CA ASP B 28 19.06 18.98 14.42
C ASP B 28 19.45 18.82 12.95
N LYS B 29 20.70 19.07 12.63
CA LYS B 29 21.21 18.92 11.27
C LYS B 29 20.91 17.58 10.65
N LYS B 30 20.81 16.56 11.46
CA LYS B 30 20.47 15.22 11.01
C LYS B 30 19.19 15.23 10.17
N PHE B 31 18.31 16.20 10.42
CA PHE B 31 16.98 16.18 9.81
C PHE B 31 16.80 17.28 8.81
N LYS B 32 17.90 17.80 8.30
CA LYS B 32 17.85 18.94 7.42
C LYS B 32 17.02 18.65 6.17
N ARG B 33 17.04 17.41 5.72
CA ARG B 33 16.22 17.06 4.55
C ARG B 33 14.95 16.32 4.93
N ARG B 34 15.03 15.55 6.01
CA ARG B 34 13.88 14.78 6.45
C ARG B 34 12.75 15.67 6.98
N GLY B 35 13.13 16.81 7.52
CA GLY B 35 12.16 17.77 8.08
C GLY B 35 11.67 18.74 7.01
N VAL B 36 11.49 20.00 7.42
CA VAL B 36 10.99 21.04 6.50
C VAL B 36 12.15 21.74 5.80
N GLN B 37 12.03 21.89 4.47
CA GLN B 37 12.94 22.73 3.71
C GLN B 37 12.12 23.71 2.90
N MET B 38 12.62 24.93 2.76
CA MET B 38 12.00 25.91 1.88
C MET B 38 12.86 25.98 0.60
N LEU B 39 12.31 25.57 -0.54
CA LEU B 39 13.04 25.63 -1.83
C LEU B 39 12.36 26.58 -2.78
N SER B 40 13.12 27.17 -3.70
CA SER B 40 12.54 28.16 -4.60
C SER B 40 12.64 27.70 -6.05
N ASP B 41 11.65 28.05 -6.85
CA ASP B 41 11.68 27.72 -8.28
C ASP B 41 12.09 28.96 -9.08
N GLY B 42 12.64 29.96 -8.40
CA GLY B 42 12.92 31.23 -9.05
C GLY B 42 11.88 32.32 -8.76
N LYS B 43 10.61 31.95 -8.80
CA LYS B 43 9.53 32.90 -8.52
C LYS B 43 8.83 32.64 -7.18
N ARG B 44 8.58 31.36 -6.88
CA ARG B 44 7.84 30.97 -5.68
C ARG B 44 8.70 30.17 -4.69
N THR B 45 8.33 30.24 -3.42
CA THR B 45 8.95 29.39 -2.41
C THR B 45 8.00 28.26 -2.08
N TRP B 46 8.54 27.04 -1.98
CA TRP B 46 7.74 25.86 -1.67
C TRP B 46 8.27 25.24 -0.42
N ALA B 47 7.36 24.86 0.46
CA ALA B 47 7.74 24.07 1.60
C ALA B 47 7.83 22.62 1.12
N VAL B 48 9.01 22.03 1.32
CA VAL B 48 9.26 20.65 0.93
C VAL B 48 9.55 19.90 2.22
N ILE B 49 8.66 18.98 2.57
CA ILE B 49 8.70 18.35 3.86
C ILE B 49 8.92 16.86 3.66
N GLY B 50 9.99 16.33 4.23
CA GLY B 50 10.40 14.95 3.99
C GLY B 50 10.49 14.68 2.49
N ASP B 51 11.11 15.61 1.78
CA ASP B 51 11.32 15.44 0.34
C ASP B 51 10.05 15.50 -0.53
N ARG B 52 8.91 15.88 0.04
CA ARG B 52 7.71 16.03 -0.75
C ARG B 52 7.16 17.46 -0.65
N VAL B 53 6.81 18.06 -1.78
CA VAL B 53 6.26 19.41 -1.80
C VAL B 53 4.92 19.40 -1.06
N ASN B 54 4.79 20.30 -0.09
CA ASN B 54 3.56 20.36 0.70
C ASN B 54 2.71 21.53 0.25
N HIS B 55 1.38 21.38 0.27
CA HIS B 55 0.46 22.41 -0.21
C HIS B 55 -0.50 22.89 0.85
N PHE B 56 -0.18 22.67 2.11
CA PHE B 56 -1.13 23.10 3.15
C PHE B 56 -1.29 24.60 3.18
N ILE B 57 -0.17 25.33 3.14
CA ILE B 57 -0.16 26.79 3.04
C ILE B 57 0.20 27.13 1.59
N PRO B 58 -0.69 27.84 0.89
CA PRO B 58 -0.44 28.18 -0.52
C PRO B 58 0.81 29.03 -0.74
N ASN B 59 1.13 29.93 0.18
CA ASN B 59 2.33 30.74 0.07
C ASN B 59 2.99 30.82 1.42
N PRO B 60 4.06 30.05 1.62
CA PRO B 60 4.71 29.99 2.93
C PRO B 60 5.46 31.28 3.30
N THR B 61 5.60 32.22 2.35
CA THR B 61 6.20 33.52 2.72
C THR B 61 5.17 34.44 3.39
N PHE B 62 3.88 34.12 3.23
CA PHE B 62 2.81 34.90 3.85
C PHE B 62 2.81 36.35 3.37
N ASP B 63 3.24 36.58 2.14
CA ASP B 63 3.30 37.93 1.59
C ASP B 63 3.03 37.79 0.11
N PRO B 64 2.00 38.49 -0.39
CA PRO B 64 1.00 39.32 0.32
C PRO B 64 0.14 38.50 1.31
N ILE B 65 -0.55 39.18 2.21
CA ILE B 65 -1.23 38.51 3.34
C ILE B 65 -2.68 38.90 3.42
N ILE B 66 -3.54 37.93 3.70
CA ILE B 66 -4.97 38.19 3.72
C ILE B 66 -5.37 39.26 4.76
N VAL B 67 -6.44 40.01 4.47
CA VAL B 67 -7.04 40.98 5.41
C VAL B 67 -7.90 40.26 6.47
N PRO B 68 -7.68 40.56 7.78
CA PRO B 68 -8.50 39.90 8.80
C PRO B 68 -10.00 40.09 8.54
N GLY B 69 -10.75 38.99 8.59
CA GLY B 69 -12.19 39.03 8.52
C GLY B 69 -12.76 39.09 7.12
N CYS B 70 -11.89 39.19 6.10
CA CYS B 70 -12.44 39.41 4.75
C CYS B 70 -13.20 38.20 4.23
N LEU B 71 -12.92 37.03 4.82
CA LEU B 71 -13.60 35.79 4.42
C LEU B 71 -14.76 35.43 5.29
N ASP B 72 -15.16 36.35 6.15
CA ASP B 72 -16.29 36.07 7.03
C ASP B 72 -17.50 35.48 6.31
N LEU B 73 -18.00 36.16 5.29
CA LEU B 73 -19.24 35.72 4.66
C LEU B 73 -19.05 34.36 3.95
N LEU B 74 -17.83 34.11 3.46
CA LEU B 74 -17.54 32.86 2.78
C LEU B 74 -17.60 31.71 3.76
N PHE B 75 -16.94 31.86 4.92
CA PHE B 75 -16.94 30.78 5.92
CA PHE B 75 -16.93 30.76 5.89
C PHE B 75 -18.32 30.50 6.50
N ARG B 76 -19.16 31.52 6.59
CA ARG B 76 -20.52 31.32 7.10
C ARG B 76 -21.48 30.83 6.00
N GLY B 77 -21.04 30.87 4.76
CA GLY B 77 -21.90 30.54 3.62
C GLY B 77 -23.06 31.52 3.47
N GLU B 78 -22.75 32.81 3.66
CA GLU B 78 -23.76 33.87 3.63
C GLU B 78 -23.36 34.95 2.65
N ILE B 79 -22.68 34.56 1.57
CA ILE B 79 -22.36 35.50 0.51
C ILE B 79 -23.66 35.97 -0.18
N PRO B 80 -23.89 37.30 -0.23
CA PRO B 80 -25.20 37.75 -0.76
C PRO B 80 -25.30 37.54 -2.28
N ASP B 81 -26.51 37.24 -2.74
CA ASP B 81 -26.73 37.14 -4.18
C ASP B 81 -25.99 38.26 -4.89
N GLY B 82 -25.42 37.96 -6.06
CA GLY B 82 -24.80 38.97 -6.90
C GLY B 82 -23.39 39.35 -6.48
N VAL B 83 -22.83 38.62 -5.54
CA VAL B 83 -21.43 38.82 -5.16
C VAL B 83 -20.58 37.60 -5.52
N ASP B 84 -19.62 37.79 -6.42
CA ASP B 84 -18.65 36.76 -6.78
C ASP B 84 -17.77 36.45 -5.55
N PRO B 85 -17.86 35.21 -5.04
CA PRO B 85 -17.07 34.80 -3.87
C PRO B 85 -15.58 35.12 -4.03
N ALA B 86 -15.04 34.99 -5.24
CA ALA B 86 -13.60 35.24 -5.46
C ALA B 86 -13.21 36.69 -5.14
N SER B 87 -14.20 37.58 -5.19
CA SER B 87 -13.98 39.00 -4.92
C SER B 87 -13.72 39.30 -3.43
N LEU B 88 -14.07 38.36 -2.57
CA LEU B 88 -14.05 38.62 -1.12
C LEU B 88 -12.64 38.77 -0.58
N MET B 89 -11.70 37.97 -1.10
CA MET B 89 -10.35 38.00 -0.60
C MET B 89 -9.75 39.35 -0.92
N LYS B 90 -9.15 39.97 0.08
CA LYS B 90 -8.40 41.19 -0.12
C LYS B 90 -7.09 40.91 0.60
N VAL B 91 -5.98 41.44 0.06
CA VAL B 91 -4.67 41.19 0.63
C VAL B 91 -3.93 42.50 0.91
N GLU B 92 -2.90 42.42 1.75
CA GLU B 92 -2.10 43.56 2.16
C GLU B 92 -0.64 43.15 2.10
N ARG B 93 0.28 44.11 2.20
CA ARG B 93 1.70 43.76 2.23
CA ARG B 93 1.68 43.71 2.24
C ARG B 93 2.04 43.33 3.66
N LEU B 94 2.79 42.25 3.80
CA LEU B 94 3.15 41.73 5.12
C LEU B 94 3.93 42.78 5.94
N ALA B 95 4.84 43.49 5.29
CA ALA B 95 5.69 44.48 5.97
C ALA B 95 4.85 45.56 6.63
N ASP B 96 3.64 45.76 6.13
CA ASP B 96 2.71 46.71 6.76
C ASP B 96 2.01 46.21 8.03
N HIS B 97 2.28 44.96 8.40
CA HIS B 97 1.66 44.38 9.59
C HIS B 97 2.65 43.62 10.40
N PRO B 98 3.61 44.33 10.98
CA PRO B 98 4.67 43.75 11.75
C PRO B 98 4.11 42.98 12.96
N GLU B 99 2.90 43.33 13.41
CA GLU B 99 2.27 42.70 14.55
C GLU B 99 1.97 41.22 14.26
N TYR B 100 1.95 40.82 12.99
CA TYR B 100 1.79 39.38 12.67
C TYR B 100 3.03 38.51 13.00
N GLN B 101 4.20 39.15 13.13
CA GLN B 101 5.45 38.43 13.32
C GLN B 101 6.36 38.96 14.43
N ASN B 102 5.98 40.09 15.01
CA ASN B 102 6.83 40.76 16.00
C ASN B 102 6.05 41.00 17.29
N ARG B 103 6.56 40.46 18.40
CA ARG B 103 5.83 40.47 19.65
C ARG B 103 5.54 41.90 20.12
N ASP B 104 6.56 42.77 20.12
CA ASP B 104 6.33 44.15 20.56
C ASP B 104 5.20 44.84 19.81
N ALA B 105 5.21 44.75 18.47
CA ALA B 105 4.17 45.35 17.64
C ALA B 105 2.80 44.74 17.95
N ARG B 106 2.81 43.44 18.24
CA ARG B 106 1.56 42.73 18.52
C ARG B 106 0.97 43.19 19.86
N ILE B 107 1.80 43.43 20.87
CA ILE B 107 1.32 43.92 22.18
C ILE B 107 0.61 45.27 22.02
N ALA B 108 1.16 46.14 21.17
CA ALA B 108 0.53 47.44 20.90
C ALA B 108 -0.83 47.30 20.25
N VAL B 109 -0.95 46.39 19.28
CA VAL B 109 -2.25 46.06 18.70
C VAL B 109 -3.23 45.46 19.71
N MET B 110 -2.75 44.55 20.55
CA MET B 110 -3.62 43.97 21.56
C MET B 110 -4.21 45.06 22.47
N ASP B 111 -3.37 46.05 22.81
CA ASP B 111 -3.85 47.19 23.61
C ASP B 111 -5.04 47.89 22.94
N GLU B 112 -4.94 48.18 21.65
CA GLU B 112 -6.04 48.78 20.92
C GLU B 112 -7.26 47.87 20.87
N GLN B 113 -7.03 46.57 20.80
CA GLN B 113 -8.13 45.60 20.74
C GLN B 113 -8.75 45.30 22.10
N ASP B 114 -8.15 45.82 23.17
CA ASP B 114 -8.58 45.55 24.54
C ASP B 114 -8.50 44.11 24.96
N ILE B 115 -7.49 43.42 24.42
CA ILE B 115 -7.20 42.06 24.83
C ILE B 115 -6.06 42.06 25.86
N GLU B 116 -6.33 41.50 27.02
CA GLU B 116 -5.29 41.38 28.06
C GLU B 116 -4.35 40.25 27.70
N THR B 117 -4.90 39.08 27.40
CA THR B 117 -4.04 37.94 27.12
C THR B 117 -4.57 37.24 25.88
N ALA B 118 -3.67 36.93 24.97
CA ALA B 118 -4.08 36.19 23.77
C ALA B 118 -3.36 34.85 23.74
N PHE B 119 -4.04 33.79 23.30
CA PHE B 119 -3.37 32.50 23.03
C PHE B 119 -2.84 32.60 21.60
N MET B 120 -1.54 32.45 21.40
CA MET B 120 -0.95 32.71 20.08
C MET B 120 -0.58 31.32 19.50
N LEU B 121 -1.16 31.00 18.34
CA LEU B 121 -1.17 29.63 17.80
C LEU B 121 -0.64 29.64 16.39
N PRO B 122 -0.18 28.47 15.92
CA PRO B 122 0.50 28.40 14.63
C PRO B 122 -0.42 28.58 13.44
N THR B 123 0.19 28.92 12.31
CA THR B 123 -0.50 28.84 11.05
C THR B 123 0.12 27.74 10.20
N PHE B 124 1.33 27.97 9.70
CA PHE B 124 2.02 26.93 8.96
C PHE B 124 2.21 25.67 9.81
N GLY B 125 2.51 25.85 11.10
CA GLY B 125 2.85 24.70 11.95
C GLY B 125 1.75 23.65 12.00
N CYS B 126 0.51 24.07 11.74
CA CYS B 126 -0.63 23.14 11.81
C CYS B 126 -0.72 22.13 10.66
N GLY B 127 0.18 22.22 9.68
CA GLY B 127 0.19 21.28 8.55
C GLY B 127 1.43 20.38 8.54
N VAL B 128 2.38 20.61 9.43
CA VAL B 128 3.66 19.88 9.32
C VAL B 128 3.57 18.44 9.79
N GLU B 129 2.80 18.19 10.84
CA GLU B 129 2.78 16.84 11.40
C GLU B 129 2.23 15.82 10.40
N GLU B 130 1.14 16.16 9.69
CA GLU B 130 0.62 15.27 8.68
C GLU B 130 1.68 14.90 7.62
N ALA B 131 2.46 15.91 7.21
CA ALA B 131 3.52 15.75 6.20
C ALA B 131 4.64 14.84 6.71
N LEU B 132 4.81 14.78 8.03
CA LEU B 132 5.88 13.96 8.64
C LEU B 132 5.40 12.69 9.32
N LYS B 133 4.16 12.27 9.07
CA LYS B 133 3.59 11.14 9.82
C LYS B 133 4.24 9.80 9.50
N HIS B 134 5.08 9.79 8.45
CA HIS B 134 5.85 8.57 8.08
C HIS B 134 7.27 8.63 8.56
N ASP B 135 7.60 9.68 9.33
CA ASP B 135 8.95 9.81 9.84
C ASP B 135 8.91 10.26 11.32
N ILE B 136 8.87 9.29 12.21
CA ILE B 136 8.68 9.60 13.64
C ILE B 136 9.84 10.45 14.20
N GLU B 137 11.07 10.09 13.91
CA GLU B 137 12.20 10.87 14.37
C GLU B 137 12.18 12.33 13.86
N ALA B 138 11.89 12.50 12.56
CA ALA B 138 11.87 13.84 11.95
C ALA B 138 10.70 14.63 12.57
N THR B 139 9.61 13.94 12.88
CA THR B 139 8.47 14.60 13.58
C THR B 139 8.94 15.19 14.93
N MET B 140 9.52 14.32 15.74
CA MET B 140 9.89 14.74 17.12
C MET B 140 10.91 15.86 17.04
N ALA B 141 11.89 15.73 16.14
CA ALA B 141 12.91 16.77 16.01
C ALA B 141 12.37 18.09 15.48
N SER B 142 11.43 18.00 14.56
CA SER B 142 10.86 19.19 13.95
C SER B 142 9.95 19.93 14.94
N VAL B 143 9.16 19.17 15.70
CA VAL B 143 8.34 19.77 16.74
C VAL B 143 9.25 20.47 17.75
N HIS B 144 10.35 19.83 18.18
CA HIS B 144 11.24 20.51 19.15
C HIS B 144 11.83 21.77 18.57
N ALA B 145 12.25 21.72 17.30
CA ALA B 145 12.83 22.88 16.64
C ALA B 145 11.85 24.06 16.58
N PHE B 146 10.62 23.74 16.19
CA PHE B 146 9.55 24.72 16.18
C PHE B 146 9.33 25.33 17.57
N ASN B 147 9.31 24.48 18.60
CA ASN B 147 9.08 25.00 19.94
C ASN B 147 10.18 25.96 20.37
N LEU B 148 11.42 25.70 19.96
CA LEU B 148 12.55 26.57 20.28
C LEU B 148 12.39 27.89 19.55
N TRP B 149 11.99 27.85 18.30
CA TRP B 149 11.69 29.06 17.55
C TRP B 149 10.56 29.85 18.21
N LEU B 150 9.49 29.15 18.61
CA LEU B 150 8.32 29.84 19.17
C LEU B 150 8.72 30.59 20.45
N ASP B 151 9.46 29.91 21.30
CA ASP B 151 9.88 30.53 22.57
C ASP B 151 10.78 31.71 22.33
N GLU B 152 11.63 31.66 21.30
CA GLU B 152 12.44 32.82 20.90
C GLU B 152 11.67 34.03 20.36
N ASP B 153 10.75 33.84 19.41
CA ASP B 153 10.09 34.99 18.77
C ASP B 153 8.87 35.50 19.57
N TRP B 154 8.19 34.56 20.25
CA TRP B 154 6.93 34.90 20.96
C TRP B 154 6.99 34.70 22.44
N GLY B 155 7.63 33.63 22.86
CA GLY B 155 7.76 33.24 24.27
C GLY B 155 6.56 32.45 24.77
N PHE B 156 6.78 31.29 25.37
CA PHE B 156 5.65 30.54 25.90
C PHE B 156 4.74 31.37 26.83
N ASP B 157 5.34 32.18 27.71
CA ASP B 157 4.59 33.09 28.62
C ASP B 157 5.60 34.05 29.27
N ARG B 158 5.90 35.12 28.56
CA ARG B 158 6.81 36.13 29.09
C ARG B 158 6.15 36.81 30.30
N PRO B 159 6.96 37.50 31.08
CA PRO B 159 6.52 37.96 32.38
C PRO B 159 5.42 39.00 32.36
N ASP B 160 5.20 39.66 31.21
CA ASP B 160 4.07 40.58 31.08
C ASP B 160 2.70 39.88 31.02
N HIS B 161 2.72 38.55 30.86
CA HIS B 161 1.53 37.70 30.80
C HIS B 161 0.51 38.20 29.83
N ARG B 162 0.96 38.74 28.71
CA ARG B 162 0.06 39.15 27.64
C ARG B 162 -0.15 38.03 26.61
N ILE B 163 0.83 37.12 26.46
CA ILE B 163 0.76 36.14 25.36
C ILE B 163 1.05 34.75 25.85
N ILE B 164 0.15 33.82 25.59
CA ILE B 164 0.37 32.41 25.86
CA ILE B 164 0.41 32.43 25.87
C ILE B 164 0.64 31.80 24.50
N ALA B 165 1.91 31.58 24.19
CA ALA B 165 2.29 30.97 22.92
C ALA B 165 2.36 29.48 23.15
N ALA B 166 1.49 28.73 22.51
CA ALA B 166 1.35 27.33 22.81
C ALA B 166 2.30 26.46 21.96
N PRO B 167 3.26 25.75 22.60
CA PRO B 167 4.10 24.83 21.82
C PRO B 167 3.29 23.61 21.34
N ILE B 168 3.82 22.95 20.30
CA ILE B 168 3.26 21.69 19.84
C ILE B 168 3.87 20.53 20.60
N VAL B 169 3.05 19.55 20.94
CA VAL B 169 3.55 18.27 21.46
C VAL B 169 3.04 17.17 20.52
N SER B 170 3.94 16.40 19.91
CA SER B 170 3.58 15.17 19.20
C SER B 170 3.77 13.97 20.10
N LEU B 171 2.80 13.06 20.07
CA LEU B 171 2.83 11.80 20.83
C LEU B 171 3.44 10.65 20.00
N ALA B 172 3.94 10.99 18.82
CA ALA B 172 4.43 9.96 17.87
C ALA B 172 5.52 9.05 18.52
N ASP B 173 6.45 9.62 19.29
CA ASP B 173 7.35 8.81 20.14
C ASP B 173 6.97 9.17 21.59
N PRO B 174 6.17 8.33 22.27
CA PRO B 174 5.64 8.73 23.59
C PRO B 174 6.70 9.07 24.64
N THR B 175 7.84 8.39 24.63
CA THR B 175 8.90 8.73 25.59
C THR B 175 9.52 10.08 25.31
N ARG B 176 9.83 10.35 24.05
CA ARG B 176 10.31 11.67 23.68
C ARG B 176 9.23 12.77 23.89
N ALA B 177 7.95 12.39 23.78
CA ALA B 177 6.88 13.33 24.06
C ALA B 177 6.90 13.81 25.52
N VAL B 178 7.12 12.89 26.45
CA VAL B 178 7.24 13.29 27.85
C VAL B 178 8.39 14.31 28.02
N GLU B 179 9.52 14.07 27.35
CA GLU B 179 10.66 14.96 27.45
C GLU B 179 10.35 16.33 26.87
N GLU B 180 9.58 16.35 25.77
CA GLU B 180 9.17 17.63 25.20
C GLU B 180 8.25 18.39 26.17
N VAL B 181 7.31 17.66 26.76
CA VAL B 181 6.37 18.24 27.74
C VAL B 181 7.16 18.83 28.92
N ASP B 182 8.10 18.06 29.47
CA ASP B 182 8.91 18.60 30.57
C ASP B 182 9.71 19.83 30.13
N PHE B 183 10.26 19.81 28.91
CA PHE B 183 11.07 20.89 28.39
C PHE B 183 10.28 22.19 28.30
N VAL B 184 9.08 22.12 27.69
CA VAL B 184 8.30 23.35 27.62
C VAL B 184 7.64 23.75 28.97
N LEU B 185 7.25 22.81 29.82
CA LEU B 185 6.71 23.21 31.13
C LEU B 185 7.80 23.94 31.91
N ALA B 186 9.05 23.49 31.78
CA ALA B 186 10.11 24.10 32.58
C ALA B 186 10.39 25.50 32.09
N ARG B 187 9.86 25.82 30.91
CA ARG B 187 10.05 27.11 30.32
C ARG B 187 8.74 27.96 30.28
N GLY B 188 7.83 27.61 31.14
CA GLY B 188 6.65 28.42 31.40
C GLY B 188 5.44 28.15 30.50
N ALA B 189 5.51 27.14 29.62
CA ALA B 189 4.31 26.86 28.80
C ALA B 189 3.05 26.67 29.63
N LYS B 190 1.93 27.30 29.22
CA LYS B 190 0.66 27.21 29.98
C LYS B 190 -0.42 26.44 29.21
N LEU B 191 -0.11 26.07 27.97
CA LEU B 191 -1.06 25.32 27.13
C LEU B 191 -0.18 24.63 26.11
N VAL B 192 -0.50 23.40 25.71
CA VAL B 192 0.28 22.73 24.65
C VAL B 192 -0.72 22.28 23.58
N LEU B 193 -0.29 22.30 22.32
CA LEU B 193 -1.18 21.81 21.23
C LEU B 193 -0.87 20.39 20.82
N VAL B 194 -1.85 19.53 20.90
CA VAL B 194 -1.68 18.20 20.30
C VAL B 194 -2.59 18.19 19.06
N ARG B 195 -2.09 17.61 17.98
CA ARG B 195 -2.88 17.60 16.74
C ARG B 195 -4.16 16.78 16.89
N PRO B 196 -5.31 17.31 16.44
CA PRO B 196 -6.52 16.47 16.51
C PRO B 196 -6.54 15.48 15.35
N ALA B 197 -5.83 14.37 15.53
CA ALA B 197 -5.62 13.43 14.43
C ALA B 197 -5.08 12.16 15.07
N PRO B 198 -5.16 11.01 14.37
CA PRO B 198 -4.44 9.80 14.79
C PRO B 198 -2.98 10.12 15.09
N VAL B 199 -2.46 9.45 16.11
CA VAL B 199 -1.06 9.63 16.48
C VAL B 199 -0.19 8.72 15.64
N PRO B 200 0.76 9.30 14.90
CA PRO B 200 1.64 8.46 14.05
C PRO B 200 2.45 7.46 14.89
N GLY B 201 2.64 6.25 14.34
CA GLY B 201 3.38 5.23 15.06
C GLY B 201 4.42 4.62 14.15
N LEU B 202 5.50 4.10 14.73
CA LEU B 202 6.49 3.31 13.96
C LEU B 202 5.82 2.06 13.41
N VAL B 203 4.96 1.43 14.20
CA VAL B 203 4.34 0.20 13.77
C VAL B 203 3.02 0.46 13.06
N LYS B 204 2.15 1.23 13.71
CA LYS B 204 0.84 1.59 13.16
C LYS B 204 0.38 2.85 13.92
N PRO B 205 -0.63 3.56 13.42
CA PRO B 205 -1.15 4.75 14.15
C PRO B 205 -1.79 4.36 15.46
N ARG B 206 -1.91 5.31 16.36
CA ARG B 206 -2.55 5.06 17.66
C ARG B 206 -3.71 6.01 17.97
N SER B 207 -4.63 5.51 18.78
CA SER B 207 -5.63 6.32 19.40
C SER B 207 -4.93 7.35 20.31
N LEU B 208 -5.52 8.54 20.43
CA LEU B 208 -5.01 9.49 21.45
C LEU B 208 -5.06 8.87 22.85
N GLY B 209 -6.03 7.96 23.04
CA GLY B 209 -6.24 7.29 24.33
C GLY B 209 -5.44 6.00 24.54
N ASP B 210 -4.49 5.74 23.65
CA ASP B 210 -3.57 4.60 23.80
C ASP B 210 -2.83 4.73 25.14
N ARG B 211 -2.76 3.64 25.91
CA ARG B 211 -2.09 3.69 27.23
C ARG B 211 -0.63 4.15 27.23
N SER B 212 0.08 3.98 26.11
CA SER B 212 1.44 4.44 25.99
C SER B 212 1.51 5.98 26.09
N HIS B 213 0.38 6.67 25.92
CA HIS B 213 0.35 8.14 26.05
C HIS B 213 0.14 8.62 27.45
N ASP B 214 -0.20 7.71 28.35
CA ASP B 214 -0.54 8.08 29.73
C ASP B 214 0.52 8.96 30.44
N PRO B 215 1.84 8.72 30.24
CA PRO B 215 2.81 9.59 30.91
C PRO B 215 2.72 11.07 30.49
N VAL B 216 2.37 11.31 29.22
CA VAL B 216 2.18 12.67 28.76
C VAL B 216 0.93 13.25 29.39
N TRP B 217 -0.22 12.56 29.32
CA TRP B 217 -1.43 13.10 29.95
C TRP B 217 -1.25 13.33 31.43
N ALA B 218 -0.53 12.43 32.11
CA ALA B 218 -0.36 12.59 33.55
C ALA B 218 0.46 13.84 33.88
N ARG B 219 1.49 14.10 33.10
CA ARG B 219 2.27 15.29 33.37
CA ARG B 219 2.34 15.31 33.31
C ARG B 219 1.48 16.54 33.17
N LEU B 220 0.68 16.57 32.12
CA LEU B 220 -0.11 17.78 31.88
C LEU B 220 -1.15 17.96 32.98
N ALA B 221 -1.81 16.88 33.33
CA ALA B 221 -2.88 16.89 34.31
C ALA B 221 -2.27 17.38 35.65
N GLU B 222 -1.10 16.88 36.00
CA GLU B 222 -0.55 17.24 37.31
C GLU B 222 -0.08 18.69 37.35
N ALA B 223 0.40 19.20 36.24
CA ALA B 223 0.85 20.56 36.14
C ALA B 223 -0.28 21.57 35.99
N GLY B 224 -1.49 21.07 35.71
CA GLY B 224 -2.62 21.95 35.45
C GLY B 224 -2.54 22.66 34.10
N VAL B 225 -1.82 22.05 33.14
CA VAL B 225 -1.65 22.65 31.80
C VAL B 225 -2.56 21.89 30.84
N PRO B 226 -3.49 22.61 30.19
CA PRO B 226 -4.43 21.96 29.30
C PRO B 226 -3.81 21.54 27.98
N VAL B 227 -4.44 20.58 27.32
CA VAL B 227 -4.09 20.21 25.95
C VAL B 227 -5.09 20.91 25.04
N GLY B 228 -4.58 21.59 24.02
CA GLY B 228 -5.43 22.28 23.05
C GLY B 228 -5.41 21.48 21.76
N PHE B 229 -6.56 21.41 21.09
CA PHE B 229 -6.68 20.78 19.76
C PHE B 229 -7.18 21.86 18.79
N HIS B 230 -6.27 22.33 17.92
CA HIS B 230 -6.59 23.38 16.96
C HIS B 230 -6.74 22.77 15.60
N LEU B 231 -7.70 23.29 14.85
CA LEU B 231 -7.88 22.87 13.44
C LEU B 231 -6.51 22.73 12.74
N SER B 232 -6.32 21.59 12.07
CA SER B 232 -5.02 21.26 11.48
C SER B 232 -5.23 20.52 10.16
N ASP B 233 -4.12 20.19 9.48
CA ASP B 233 -4.17 19.14 8.49
C ASP B 233 -4.13 17.85 9.31
N SER B 234 -5.29 17.21 9.45
CA SER B 234 -5.45 16.01 10.26
C SER B 234 -5.54 14.76 9.39
N GLY B 235 -5.30 14.95 8.08
CA GLY B 235 -5.28 13.84 7.13
C GLY B 235 -6.65 13.39 6.68
N TYR B 236 -7.68 14.18 6.99
CA TYR B 236 -9.06 13.79 6.67
C TYR B 236 -9.43 13.91 5.19
N LEU B 237 -8.55 14.48 4.37
CA LEU B 237 -8.81 14.37 2.93
C LEU B 237 -8.78 12.89 2.47
N HIS B 238 -8.37 11.97 3.34
CA HIS B 238 -8.49 10.53 3.01
C HIS B 238 -9.93 10.07 2.76
N ILE B 239 -10.91 10.75 3.37
CA ILE B 239 -12.31 10.38 3.14
C ILE B 239 -12.74 10.81 1.75
N ALA B 240 -12.44 12.06 1.41
CA ALA B 240 -12.75 12.50 0.07
C ALA B 240 -12.02 11.64 -0.95
N ALA B 241 -10.83 11.16 -0.61
CA ALA B 241 -10.05 10.31 -1.51
C ALA B 241 -10.73 8.98 -1.77
N ALA B 242 -11.33 8.40 -0.72
CA ALA B 242 -12.01 7.13 -0.85
C ALA B 242 -13.20 7.27 -1.82
N TRP B 243 -13.77 8.47 -1.90
CA TRP B 243 -14.87 8.80 -2.78
C TRP B 243 -14.40 9.30 -4.12
N GLY B 244 -13.12 9.10 -4.40
CA GLY B 244 -12.53 9.42 -5.70
C GLY B 244 -11.86 10.79 -5.84
N GLY B 245 -11.88 11.59 -4.78
CA GLY B 245 -11.39 12.98 -4.83
C GLY B 245 -9.88 13.12 -4.66
N LYS B 255 -11.02 22.91 -7.32
CA LYS B 255 -11.48 22.56 -5.97
C LYS B 255 -12.87 21.91 -5.95
N ASP B 256 -12.92 20.59 -5.71
CA ASP B 256 -14.16 19.80 -5.70
C ASP B 256 -15.03 20.11 -4.49
N PRO B 257 -16.22 20.66 -4.72
CA PRO B 257 -17.07 21.03 -3.59
C PRO B 257 -17.45 19.86 -2.66
N LEU B 258 -17.39 18.61 -3.14
CA LEU B 258 -17.77 17.51 -2.29
C LEU B 258 -16.77 17.34 -1.14
N ASP B 259 -15.49 17.59 -1.42
CA ASP B 259 -14.40 17.28 -0.49
C ASP B 259 -14.69 17.88 0.89
N GLN B 260 -15.09 19.15 0.94
CA GLN B 260 -15.39 19.79 2.22
C GLN B 260 -16.67 19.29 2.90
N VAL B 261 -17.67 18.91 2.12
CA VAL B 261 -18.89 18.37 2.70
C VAL B 261 -18.59 17.02 3.39
N LEU B 262 -17.58 16.30 2.88
CA LEU B 262 -17.15 15.02 3.48
C LEU B 262 -16.17 15.19 4.63
N LEU B 263 -15.60 16.38 4.78
CA LEU B 263 -14.55 16.58 5.79
C LEU B 263 -15.10 17.41 6.95
N ASP B 264 -15.58 18.61 6.64
CA ASP B 264 -16.16 19.50 7.66
C ASP B 264 -15.39 19.42 8.99
N ASP B 265 -16.12 19.04 10.04
CA ASP B 265 -15.60 18.97 11.43
C ASP B 265 -15.44 17.54 11.95
N ARG B 266 -15.22 16.61 11.04
CA ARG B 266 -15.03 15.23 11.47
C ARG B 266 -13.78 15.01 12.33
N ALA B 267 -12.71 15.75 12.07
CA ALA B 267 -11.47 15.47 12.81
C ALA B 267 -11.66 15.76 14.28
N ILE B 268 -12.33 16.85 14.61
CA ILE B 268 -12.44 17.18 16.07
C ILE B 268 -13.39 16.20 16.77
N HIS B 269 -14.46 15.83 16.07
CA HIS B 269 -15.40 14.86 16.60
C HIS B 269 -14.67 13.59 16.97
N ASP B 270 -13.87 13.11 16.03
CA ASP B 270 -13.19 11.82 16.17
C ASP B 270 -12.07 11.90 17.22
N THR B 271 -11.38 13.05 17.27
CA THR B 271 -10.37 13.32 18.29
C THR B 271 -10.97 13.22 19.69
N MET B 272 -12.09 13.92 19.89
CA MET B 272 -12.74 13.90 21.19
C MET B 272 -13.27 12.52 21.49
N ALA B 273 -13.78 11.82 20.47
CA ALA B 273 -14.21 10.43 20.70
C ALA B 273 -13.04 9.54 21.18
N SER B 274 -11.89 9.62 20.51
CA SER B 274 -10.71 8.85 20.86
C SER B 274 -10.32 9.18 22.31
N MET B 275 -10.26 10.46 22.67
CA MET B 275 -9.87 10.80 24.09
C MET B 275 -10.83 10.24 25.12
N ILE B 276 -12.13 10.39 24.86
CA ILE B 276 -13.18 10.03 25.84
C ILE B 276 -13.41 8.52 25.87
N VAL B 277 -13.68 7.92 24.73
CA VAL B 277 -13.97 6.49 24.68
C VAL B 277 -12.82 5.62 25.16
N HIS B 278 -11.61 6.01 24.84
CA HIS B 278 -10.45 5.24 25.27
C HIS B 278 -9.93 5.63 26.63
N GLY B 279 -10.72 6.40 27.38
CA GLY B 279 -10.55 6.54 28.84
C GLY B 279 -9.47 7.50 29.30
N VAL B 280 -9.10 8.47 28.45
CA VAL B 280 -8.10 9.46 28.88
C VAL B 280 -8.56 10.23 30.12
N PHE B 281 -9.81 10.66 30.15
CA PHE B 281 -10.31 11.45 31.28
C PHE B 281 -10.64 10.52 32.47
N THR B 282 -10.85 9.25 32.16
CA THR B 282 -11.07 8.24 33.24
C THR B 282 -9.81 8.06 34.01
N ARG B 283 -8.72 7.84 33.27
CA ARG B 283 -7.37 7.70 33.85
C ARG B 283 -6.76 9.00 34.37
N HIS B 284 -7.20 10.14 33.81
CA HIS B 284 -6.61 11.44 34.17
C HIS B 284 -7.69 12.44 34.39
N PRO B 285 -8.44 12.29 35.48
CA PRO B 285 -9.62 13.09 35.69
C PRO B 285 -9.34 14.60 35.79
N LYS B 286 -8.14 14.98 36.09
CA LYS B 286 -7.82 16.37 36.17
C LYS B 286 -7.38 16.98 34.85
N LEU B 287 -7.16 16.13 33.84
CA LEU B 287 -6.69 16.67 32.55
C LEU B 287 -7.74 17.59 31.93
N LYS B 288 -7.30 18.76 31.46
CA LYS B 288 -8.21 19.74 30.83
C LYS B 288 -7.90 19.81 29.33
N ALA B 289 -8.94 19.83 28.50
CA ALA B 289 -8.74 19.91 27.04
C ALA B 289 -9.57 21.06 26.50
N VAL B 290 -9.08 21.65 25.41
CA VAL B 290 -9.79 22.76 24.76
C VAL B 290 -9.80 22.55 23.23
N SER B 291 -10.98 22.73 22.66
CA SER B 291 -11.15 22.69 21.18
C SER B 291 -11.09 24.11 20.63
N ILE B 292 -10.16 24.37 19.69
CA ILE B 292 -9.98 25.72 19.15
C ILE B 292 -10.13 25.72 17.63
N GLU B 293 -11.03 26.59 17.14
CA GLU B 293 -11.29 26.74 15.71
C GLU B 293 -11.84 25.50 15.02
N ASN B 294 -12.56 24.66 15.76
CA ASN B 294 -13.15 23.48 15.14
C ASN B 294 -14.66 23.62 15.09
N GLY B 295 -15.18 24.77 15.53
CA GLY B 295 -16.64 24.99 15.66
C GLY B 295 -17.16 24.31 16.90
N SER B 296 -18.48 24.31 17.08
CA SER B 296 -19.06 23.55 18.18
C SER B 296 -20.21 22.64 17.72
N TYR B 297 -20.49 22.66 16.43
CA TYR B 297 -21.55 21.85 15.83
C TYR B 297 -21.32 20.37 16.08
N PHE B 298 -20.06 19.95 16.22
CA PHE B 298 -19.78 18.55 16.48
C PHE B 298 -20.31 18.04 17.81
N VAL B 299 -20.51 18.94 18.76
CA VAL B 299 -20.73 18.51 20.12
C VAL B 299 -21.99 17.68 20.25
N HIS B 300 -23.08 18.13 19.66
CA HIS B 300 -24.34 17.40 19.87
C HIS B 300 -24.32 16.03 19.24
N ARG B 301 -23.62 15.89 18.10
CA ARG B 301 -23.51 14.58 17.42
C ARG B 301 -22.61 13.64 18.25
N LEU B 302 -21.50 14.17 18.76
CA LEU B 302 -20.66 13.37 19.65
C LEU B 302 -21.42 12.87 20.91
N ILE B 303 -22.21 13.75 21.51
CA ILE B 303 -22.96 13.39 22.72
C ILE B 303 -23.92 12.23 22.40
N LYS B 304 -24.63 12.36 21.29
CA LYS B 304 -25.55 11.31 20.86
C LYS B 304 -24.82 9.97 20.74
N ARG B 305 -23.65 9.98 20.08
CA ARG B 305 -22.89 8.76 19.81
C ARG B 305 -22.26 8.19 21.06
N LEU B 306 -21.76 9.08 21.92
CA LEU B 306 -21.20 8.61 23.18
C LEU B 306 -22.23 7.90 24.05
N LYS B 307 -23.42 8.49 24.14
CA LYS B 307 -24.55 7.93 24.89
C LYS B 307 -24.87 6.55 24.39
N LYS B 308 -25.10 6.44 23.09
CA LYS B 308 -25.30 5.14 22.45
C LYS B 308 -24.22 4.11 22.85
N ALA B 309 -22.95 4.48 22.74
CA ALA B 309 -21.90 3.50 23.01
C ALA B 309 -21.93 3.06 24.47
N ALA B 310 -22.20 3.99 25.37
CA ALA B 310 -22.18 3.71 26.81
C ALA B 310 -23.31 2.77 27.19
N ASN B 311 -24.49 3.05 26.63
CA ASN B 311 -25.65 2.15 26.77
C ASN B 311 -25.39 0.74 26.26
N THR B 312 -24.66 0.64 25.15
CA THR B 312 -24.50 -0.59 24.41
C THR B 312 -23.44 -1.48 25.05
N GLN B 313 -22.36 -0.86 25.51
CA GLN B 313 -21.32 -1.60 26.21
C GLN B 313 -20.95 -0.87 27.49
N PRO B 314 -21.79 -1.00 28.52
CA PRO B 314 -21.47 -0.29 29.77
C PRO B 314 -20.15 -0.75 30.39
N GLN B 315 -19.64 -1.89 29.92
CA GLN B 315 -18.36 -2.41 30.42
C GLN B 315 -17.16 -1.52 30.08
N TYR B 316 -17.26 -0.75 29.01
CA TYR B 316 -16.17 0.12 28.59
C TYR B 316 -16.37 1.51 29.18
N PHE B 317 -17.50 1.70 29.89
CA PHE B 317 -17.87 3.04 30.39
C PHE B 317 -18.22 3.12 31.89
N PRO B 318 -17.20 3.01 32.75
CA PRO B 318 -17.45 3.15 34.19
C PRO B 318 -17.96 4.54 34.56
N GLU B 319 -17.55 5.56 33.80
CA GLU B 319 -18.08 6.89 33.99
C GLU B 319 -18.96 7.28 32.82
N ASP B 320 -19.79 8.31 33.01
CA ASP B 320 -20.66 8.82 31.98
C ASP B 320 -19.77 9.63 31.03
N PRO B 321 -19.64 9.19 29.75
CA PRO B 321 -18.65 9.85 28.88
C PRO B 321 -19.10 11.26 28.54
N VAL B 322 -20.40 11.51 28.63
CA VAL B 322 -20.94 12.81 28.34
C VAL B 322 -20.65 13.76 29.53
N GLU B 323 -20.66 13.24 30.75
CA GLU B 323 -20.24 14.06 31.89
C GLU B 323 -18.75 14.39 31.80
N GLN B 324 -17.93 13.46 31.29
CA GLN B 324 -16.50 13.76 31.07
C GLN B 324 -16.33 14.87 30.04
N LEU B 325 -17.08 14.83 28.95
CA LEU B 325 -17.06 15.93 27.97
C LEU B 325 -17.39 17.26 28.65
N ARG B 326 -18.48 17.27 29.42
CA ARG B 326 -18.89 18.50 30.10
C ARG B 326 -17.92 18.98 31.14
N ASN B 327 -17.20 18.07 31.79
CA ASN B 327 -16.37 18.46 32.91
C ASN B 327 -14.95 18.83 32.50
N ASN B 328 -14.45 18.16 31.46
CA ASN B 328 -13.04 18.22 31.13
C ASN B 328 -12.74 19.02 29.87
N VAL B 329 -13.76 19.36 29.09
CA VAL B 329 -13.49 19.94 27.76
C VAL B 329 -14.11 21.32 27.63
N TRP B 330 -13.30 22.30 27.27
CA TRP B 330 -13.78 23.66 26.94
C TRP B 330 -13.86 23.76 25.43
N ILE B 331 -14.79 24.58 24.94
CA ILE B 331 -15.00 24.72 23.50
CA ILE B 331 -14.94 24.73 23.49
C ILE B 331 -14.98 26.18 23.07
N ALA B 332 -14.12 26.52 22.11
CA ALA B 332 -14.19 27.85 21.48
C ALA B 332 -15.02 27.67 20.21
N PRO B 333 -16.29 28.17 20.24
CA PRO B 333 -17.19 27.94 19.12
C PRO B 333 -16.94 28.90 17.97
N TYR B 334 -17.56 28.67 16.84
CA TYR B 334 -17.58 29.55 15.69
CA TYR B 334 -17.53 29.61 15.74
C TYR B 334 -18.52 30.70 16.14
N TYR B 335 -18.22 31.94 15.87
CA TYR B 335 -19.08 32.97 16.46
C TYR B 335 -20.53 32.92 15.97
N GLU B 336 -20.76 32.34 14.79
CA GLU B 336 -22.13 32.22 14.27
C GLU B 336 -22.84 30.92 14.69
N ASP B 337 -22.20 30.11 15.52
CA ASP B 337 -22.91 29.00 16.15
C ASP B 337 -24.04 29.53 17.05
N ASP B 338 -25.04 28.68 17.32
CA ASP B 338 -26.10 29.01 18.26
C ASP B 338 -25.56 28.89 19.70
N LEU B 339 -25.17 30.01 20.30
CA LEU B 339 -24.47 29.96 21.57
C LEU B 339 -25.39 29.64 22.75
N PRO B 340 -26.64 30.16 22.76
CA PRO B 340 -27.51 29.65 23.84
C PRO B 340 -27.73 28.13 23.79
N GLU B 341 -27.84 27.58 22.58
CA GLU B 341 -27.97 26.13 22.44
C GLU B 341 -26.71 25.44 22.95
N LEU B 342 -25.52 25.95 22.55
CA LEU B 342 -24.29 25.35 23.09
C LEU B 342 -24.26 25.35 24.64
N ALA B 343 -24.64 26.46 25.27
CA ALA B 343 -24.66 26.52 26.73
C ALA B 343 -25.65 25.54 27.32
N ARG B 344 -26.79 25.38 26.67
CA ARG B 344 -27.76 24.34 27.12
C ARG B 344 -27.07 22.98 27.17
N VAL B 345 -26.25 22.71 26.16
CA VAL B 345 -25.69 21.39 25.96
C VAL B 345 -24.43 21.11 26.83
N ILE B 346 -23.47 22.04 26.85
CA ILE B 346 -22.20 21.82 27.60
C ILE B 346 -22.04 22.67 28.85
N GLY B 347 -22.91 23.67 29.00
CA GLY B 347 -22.83 24.57 30.14
C GLY B 347 -22.07 25.81 29.77
N VAL B 348 -22.54 26.98 30.24
CA VAL B 348 -21.90 28.23 29.93
C VAL B 348 -20.42 28.30 30.40
N ASP B 349 -20.05 27.51 31.41
CA ASP B 349 -18.67 27.53 31.94
C ASP B 349 -17.65 27.00 30.93
N LYS B 350 -18.11 26.29 29.90
CA LYS B 350 -17.17 25.63 28.99
C LYS B 350 -17.07 26.31 27.64
N ILE B 351 -17.76 27.45 27.49
CA ILE B 351 -17.72 28.26 26.23
C ILE B 351 -16.65 29.34 26.31
N LEU B 352 -15.75 29.34 25.31
CA LEU B 352 -14.67 30.31 25.31
C LEU B 352 -14.74 31.23 24.11
N PHE B 353 -14.53 32.51 24.35
CA PHE B 353 -14.35 33.45 23.26
C PHE B 353 -12.98 33.30 22.62
N GLY B 354 -12.98 33.17 21.29
CA GLY B 354 -11.75 33.24 20.51
C GLY B 354 -12.09 33.89 19.21
N SER B 355 -11.21 34.79 18.72
CA SER B 355 -11.53 35.54 17.51
C SER B 355 -10.93 34.99 16.22
N ASP B 356 -9.87 34.21 16.34
CA ASP B 356 -9.05 33.75 15.21
C ASP B 356 -8.35 34.88 14.46
N TRP B 357 -8.15 36.00 15.16
CA TRP B 357 -7.41 37.09 14.57
C TRP B 357 -5.93 36.74 14.37
N PRO B 358 -5.33 37.12 13.25
CA PRO B 358 -5.82 37.97 12.15
C PRO B 358 -6.26 37.19 10.92
N HIS B 359 -6.73 35.97 11.07
CA HIS B 359 -6.99 35.20 9.88
C HIS B 359 -8.16 35.73 9.09
N GLY B 360 -8.19 35.46 7.80
CA GLY B 360 -9.28 35.92 6.93
C GLY B 360 -10.64 35.48 7.43
N GLU B 361 -10.71 34.25 7.97
CA GLU B 361 -11.97 33.71 8.45
C GLU B 361 -12.27 34.14 9.87
N GLY B 362 -11.34 34.87 10.49
CA GLY B 362 -11.55 35.32 11.87
C GLY B 362 -12.32 36.64 11.95
N LEU B 363 -12.59 37.09 13.17
CA LEU B 363 -13.27 38.37 13.37
C LEU B 363 -12.29 39.50 13.10
N ALA B 364 -12.71 40.48 12.30
CA ALA B 364 -11.92 41.69 12.11
C ALA B 364 -11.69 42.44 13.43
N SER B 365 -12.71 42.45 14.29
CA SER B 365 -12.61 43.07 15.61
C SER B 365 -12.94 42.04 16.70
N PRO B 366 -11.91 41.58 17.43
CA PRO B 366 -12.21 40.47 18.33
C PRO B 366 -13.37 40.71 19.31
N VAL B 367 -13.42 41.88 19.97
CA VAL B 367 -14.45 42.05 20.99
C VAL B 367 -15.86 42.08 20.40
N SER B 368 -15.96 42.18 19.08
CA SER B 368 -17.29 42.15 18.47
C SER B 368 -17.99 40.80 18.68
N PHE B 369 -17.25 39.79 19.16
CA PHE B 369 -17.85 38.50 19.53
C PHE B 369 -19.05 38.71 20.48
N THR B 370 -19.03 39.78 21.28
CA THR B 370 -20.06 39.98 22.31
C THR B 370 -21.43 40.17 21.65
N ALA B 371 -21.44 40.62 20.41
CA ALA B 371 -22.71 40.80 19.66
C ALA B 371 -23.53 39.49 19.58
N GLU B 372 -22.88 38.33 19.76
CA GLU B 372 -23.55 37.02 19.77
C GLU B 372 -24.02 36.53 21.16
N LEU B 373 -23.85 37.35 22.19
CA LEU B 373 -24.09 36.87 23.58
C LEU B 373 -25.26 37.56 24.28
N LYS B 374 -26.13 38.19 23.48
CA LYS B 374 -27.26 38.99 24.02
C LYS B 374 -28.17 38.23 25.00
N GLY B 375 -28.32 36.93 24.80
CA GLY B 375 -29.17 36.08 25.66
C GLY B 375 -28.56 35.76 27.03
N PHE B 376 -27.29 36.10 27.19
CA PHE B 376 -26.61 35.75 28.41
C PHE B 376 -26.63 36.88 29.41
N SER B 377 -26.62 36.51 30.68
CA SER B 377 -26.46 37.51 31.76
C SER B 377 -25.12 38.22 31.64
N GLU B 378 -25.00 39.38 32.25
CA GLU B 378 -23.70 40.05 32.33
C GLU B 378 -22.60 39.18 32.95
N SER B 379 -22.91 38.43 34.01
CA SER B 379 -21.88 37.58 34.59
C SER B 379 -21.52 36.43 33.65
N ASP B 380 -22.50 35.92 32.90
CA ASP B 380 -22.21 34.84 31.96
C ASP B 380 -21.36 35.35 30.78
N ILE B 381 -21.65 36.54 30.28
CA ILE B 381 -20.79 37.15 29.28
C ILE B 381 -19.34 37.28 29.79
N ARG B 382 -19.16 37.68 31.06
CA ARG B 382 -17.77 37.78 31.56
C ARG B 382 -17.11 36.39 31.68
N LYS B 383 -17.89 35.35 31.95
CA LYS B 383 -17.35 34.00 31.87
CA LYS B 383 -17.35 34.00 31.87
C LYS B 383 -16.85 33.71 30.45
N ILE B 384 -17.70 33.93 29.46
CA ILE B 384 -17.31 33.61 28.07
C ILE B 384 -16.13 34.46 27.55
N MET B 385 -16.09 35.73 27.93
CA MET B 385 -15.10 36.67 27.39
C MET B 385 -13.79 36.71 28.15
N ARG B 386 -13.77 36.12 29.36
CA ARG B 386 -12.57 36.20 30.17
C ARG B 386 -12.42 35.10 31.21
N ASP B 387 -13.44 34.93 32.04
CA ASP B 387 -13.27 34.06 33.23
C ASP B 387 -13.13 32.56 32.93
N ASN B 388 -13.82 32.07 31.90
CA ASN B 388 -13.71 30.65 31.59
C ASN B 388 -12.31 30.31 31.14
N ALA B 389 -11.69 31.25 30.41
CA ALA B 389 -10.30 31.04 29.96
C ALA B 389 -9.32 30.96 31.16
N LEU B 390 -9.60 31.74 32.20
CA LEU B 390 -8.80 31.64 33.43
C LEU B 390 -9.03 30.29 34.12
N ASP B 391 -10.27 29.76 34.06
CA ASP B 391 -10.51 28.43 34.59
C ASP B 391 -9.72 27.39 33.80
N LEU B 392 -9.76 27.50 32.47
CA LEU B 392 -9.03 26.54 31.62
C LEU B 392 -7.57 26.53 31.99
N LEU B 393 -6.97 27.71 32.12
CA LEU B 393 -5.55 27.77 32.47
C LEU B 393 -5.25 27.27 33.90
N GLY B 394 -6.15 27.55 34.82
CA GLY B 394 -6.02 27.19 36.23
C GLY B 394 -5.67 28.40 37.08
N ALA C 4 47.51 2.04 -32.75
CA ALA C 4 46.31 2.78 -33.24
C ALA C 4 45.64 2.02 -34.38
N LEU C 5 44.31 2.05 -34.43
CA LEU C 5 43.58 1.35 -35.47
C LEU C 5 43.67 2.08 -36.81
N ASN C 6 43.47 1.34 -37.90
CA ASN C 6 43.52 1.91 -39.25
C ASN C 6 42.16 2.42 -39.71
N TYR C 7 41.17 2.43 -38.81
CA TYR C 7 39.84 2.90 -39.19
C TYR C 7 39.25 3.59 -37.98
N ARG C 8 38.30 4.48 -38.23
CA ARG C 8 37.54 5.15 -37.14
C ARG C 8 36.61 4.14 -36.53
N VAL C 9 36.28 4.34 -35.26
CA VAL C 9 35.40 3.38 -34.59
C VAL C 9 33.99 3.91 -34.48
N ILE C 10 33.05 3.03 -34.13
CA ILE C 10 31.66 3.42 -33.89
C ILE C 10 31.43 3.06 -32.41
N ASP C 11 31.21 4.05 -31.56
CA ASP C 11 31.10 3.86 -30.10
C ASP C 11 29.63 3.84 -29.73
N VAL C 12 29.10 2.69 -29.27
CA VAL C 12 27.66 2.62 -29.02
C VAL C 12 27.26 3.14 -27.62
N ASP C 13 28.23 3.63 -26.85
CA ASP C 13 27.87 4.13 -25.52
C ASP C 13 28.64 5.40 -25.24
N ASN C 14 27.97 6.53 -25.52
CA ASN C 14 28.51 7.81 -25.12
C ASN C 14 27.40 8.61 -24.44
N HIS C 15 27.80 9.58 -23.62
CA HIS C 15 26.82 10.44 -22.94
C HIS C 15 27.02 11.93 -23.14
N TYR C 16 25.92 12.68 -23.04
CA TYR C 16 25.94 14.11 -22.75
C TYR C 16 25.51 14.27 -21.28
N TYR C 17 25.69 15.48 -20.74
CA TYR C 17 25.13 15.80 -19.45
C TYR C 17 24.03 16.82 -19.75
N GLU C 18 22.81 16.50 -19.36
CA GLU C 18 21.68 17.39 -19.69
C GLU C 18 21.78 18.73 -19.01
N PRO C 19 21.39 19.78 -19.71
CA PRO C 19 21.19 21.05 -19.01
C PRO C 19 19.94 20.99 -18.11
N LEU C 20 19.84 21.91 -17.17
CA LEU C 20 18.74 21.86 -16.21
C LEU C 20 17.35 21.88 -16.84
N ASP C 21 17.20 22.40 -18.06
CA ASP C 21 15.89 22.46 -18.70
C ASP C 21 15.62 21.36 -19.73
N SER C 22 16.39 20.29 -19.67
CA SER C 22 16.15 19.24 -20.65
C SER C 22 14.72 18.67 -20.62
N PHE C 23 14.14 18.53 -19.43
CA PHE C 23 12.78 18.03 -19.28
C PHE C 23 11.72 19.12 -19.14
N THR C 24 12.13 20.40 -19.23
CA THR C 24 11.17 21.49 -19.03
C THR C 24 11.06 22.46 -20.21
N ARG C 25 12.14 22.61 -20.99
CA ARG C 25 12.23 23.59 -22.08
C ARG C 25 11.03 23.49 -23.00
N HIS C 26 10.62 22.27 -23.32
CA HIS C 26 9.48 22.07 -24.22
C HIS C 26 8.33 21.30 -23.58
N LEU C 27 8.22 21.39 -22.25
CA LEU C 27 7.17 20.69 -21.54
C LEU C 27 5.85 21.46 -21.56
N ASP C 28 4.77 20.74 -21.84
CA ASP C 28 3.41 21.30 -21.76
C ASP C 28 3.18 21.90 -20.35
N LYS C 29 2.76 23.16 -20.25
CA LYS C 29 2.65 23.79 -18.93
C LYS C 29 1.68 23.06 -18.00
N LYS C 30 0.84 22.21 -18.56
CA LYS C 30 -0.07 21.39 -17.78
C LYS C 30 0.72 20.54 -16.80
N PHE C 31 1.94 20.19 -17.18
CA PHE C 31 2.79 19.28 -16.37
C PHE C 31 3.94 19.97 -15.65
N LYS C 32 3.82 21.27 -15.44
CA LYS C 32 4.93 22.04 -14.92
C LYS C 32 5.31 21.57 -13.50
N ARG C 33 4.33 21.07 -12.76
CA ARG C 33 4.61 20.55 -11.41
C ARG C 33 4.61 19.04 -11.42
N ARG C 34 3.76 18.45 -12.27
CA ARG C 34 3.69 17.01 -12.35
C ARG C 34 4.97 16.35 -12.87
N GLY C 35 5.69 17.08 -13.71
CA GLY C 35 6.94 16.59 -14.32
C GLY C 35 8.16 16.95 -13.49
N VAL C 36 9.24 17.28 -14.17
CA VAL C 36 10.46 17.66 -13.56
C VAL C 36 10.50 19.17 -13.27
N GLN C 37 10.89 19.52 -12.03
CA GLN C 37 11.24 20.90 -11.66
C GLN C 37 12.60 20.91 -11.03
N MET C 38 13.33 21.99 -11.24
CA MET C 38 14.60 22.20 -10.57
C MET C 38 14.41 23.27 -9.50
N LEU C 39 14.49 22.88 -8.24
CA LEU C 39 14.29 23.86 -7.17
C LEU C 39 15.59 24.07 -6.41
N SER C 40 15.80 25.28 -5.90
CA SER C 40 17.05 25.60 -5.25
C SER C 40 16.86 25.85 -3.76
N ASP C 41 17.76 25.31 -2.93
CA ASP C 41 17.82 25.68 -1.52
C ASP C 41 18.78 26.86 -1.31
N GLY C 42 19.18 27.52 -2.39
CA GLY C 42 20.14 28.64 -2.30
C GLY C 42 21.59 28.25 -2.58
N LYS C 43 21.99 27.06 -2.15
CA LYS C 43 23.33 26.51 -2.44
C LYS C 43 23.26 25.42 -3.50
N ARG C 44 22.25 24.55 -3.41
CA ARG C 44 22.22 23.35 -4.23
C ARG C 44 20.92 23.36 -5.00
N THR C 45 20.95 22.75 -6.19
CA THR C 45 19.75 22.54 -6.97
C THR C 45 19.29 21.09 -6.85
N TRP C 46 17.98 20.91 -6.78
CA TRP C 46 17.38 19.59 -6.61
C TRP C 46 16.38 19.34 -7.68
N ALA C 47 16.40 18.13 -8.24
CA ALA C 47 15.38 17.75 -9.21
C ALA C 47 14.18 17.28 -8.42
N VAL C 48 13.04 17.91 -8.65
CA VAL C 48 11.82 17.59 -7.92
C VAL C 48 10.84 17.14 -8.99
N ILE C 49 10.51 15.86 -8.92
CA ILE C 49 9.77 15.17 -9.99
C ILE C 49 8.44 14.68 -9.44
N GLY C 50 7.34 15.16 -10.03
CA GLY C 50 6.00 14.93 -9.48
C GLY C 50 5.92 15.29 -7.99
N ASP C 51 6.52 16.42 -7.63
CA ASP C 51 6.48 16.95 -6.26
C ASP C 51 7.32 16.19 -5.26
N ARG C 52 8.20 15.31 -5.73
CA ARG C 52 9.07 14.54 -4.85
C ARG C 52 10.52 14.72 -5.22
N VAL C 53 11.37 15.06 -4.24
CA VAL C 53 12.78 15.23 -4.52
C VAL C 53 13.34 13.92 -5.00
N ASN C 54 14.10 13.96 -6.10
CA ASN C 54 14.66 12.73 -6.67
C ASN C 54 16.16 12.71 -6.44
N HIS C 55 16.75 11.53 -6.30
CA HIS C 55 18.15 11.44 -5.93
C HIS C 55 18.94 10.62 -6.89
N PHE C 56 18.44 10.43 -8.11
CA PHE C 56 19.11 9.54 -9.05
C PHE C 56 20.44 10.15 -9.48
N ILE C 57 20.43 11.46 -9.71
CA ILE C 57 21.68 12.19 -9.99
C ILE C 57 22.01 13.05 -8.75
N PRO C 58 23.19 12.85 -8.14
CA PRO C 58 23.56 13.62 -6.95
C PRO C 58 23.63 15.14 -7.16
N ASN C 59 24.00 15.59 -8.37
CA ASN C 59 23.99 17.02 -8.68
C ASN C 59 23.50 17.28 -10.08
N PRO C 60 22.23 17.72 -10.24
CA PRO C 60 21.68 17.88 -11.59
C PRO C 60 22.30 19.02 -12.37
N THR C 61 23.08 19.89 -11.72
CA THR C 61 23.79 20.92 -12.53
C THR C 61 25.03 20.33 -13.21
N PHE C 62 25.47 19.16 -12.76
CA PHE C 62 26.65 18.50 -13.36
C PHE C 62 27.89 19.37 -13.28
N ASP C 63 27.99 20.19 -12.24
CA ASP C 63 29.18 21.02 -12.04
C ASP C 63 29.47 21.12 -10.55
N PRO C 64 30.67 20.71 -10.12
CA PRO C 64 31.78 20.16 -10.91
C PRO C 64 31.43 18.77 -11.41
N ILE C 65 32.27 18.26 -12.29
CA ILE C 65 31.89 17.06 -13.03
C ILE C 65 33.02 16.03 -12.94
N ILE C 66 32.65 14.77 -12.74
CA ILE C 66 33.64 13.71 -12.60
C ILE C 66 34.62 13.60 -13.81
N VAL C 67 35.87 13.23 -13.55
CA VAL C 67 36.86 13.01 -14.61
C VAL C 67 36.57 11.65 -15.28
N PRO C 68 36.53 11.62 -16.62
CA PRO C 68 36.21 10.36 -17.30
C PRO C 68 37.19 9.28 -16.90
N GLY C 69 36.69 8.07 -16.63
CA GLY C 69 37.56 6.96 -16.30
C GLY C 69 38.16 6.92 -14.92
N CYS C 70 37.90 7.91 -14.08
CA CYS C 70 38.60 7.91 -12.79
C CYS C 70 38.13 6.76 -11.88
N LEU C 71 36.95 6.23 -12.15
CA LEU C 71 36.44 5.12 -11.38
C LEU C 71 36.67 3.78 -12.10
N ASP C 72 37.33 3.80 -13.25
CA ASP C 72 37.42 2.59 -14.08
C ASP C 72 38.19 1.50 -13.33
N LEU C 73 39.39 1.79 -12.88
CA LEU C 73 40.18 0.80 -12.14
C LEU C 73 39.43 0.27 -10.90
N LEU C 74 38.65 1.12 -10.24
CA LEU C 74 37.79 0.73 -9.12
C LEU C 74 36.74 -0.31 -9.52
N PHE C 75 35.86 0.09 -10.45
CA PHE C 75 34.81 -0.80 -10.97
C PHE C 75 35.37 -2.13 -11.48
N ARG C 76 36.65 -2.15 -11.85
CA ARG C 76 37.32 -3.38 -12.26
C ARG C 76 37.90 -4.18 -11.10
N GLY C 77 38.09 -3.52 -9.95
CA GLY C 77 38.74 -4.16 -8.81
C GLY C 77 40.24 -4.00 -8.84
N GLU C 78 40.74 -3.40 -9.93
CA GLU C 78 42.18 -3.21 -10.15
C GLU C 78 42.81 -2.24 -9.15
N ILE C 79 42.02 -1.78 -8.19
CA ILE C 79 42.45 -0.77 -7.24
C ILE C 79 43.48 -1.31 -6.23
N PRO C 80 44.66 -0.66 -6.16
CA PRO C 80 45.76 -1.10 -5.29
C PRO C 80 45.31 -1.25 -3.83
N ASP C 81 46.15 -1.85 -2.99
CA ASP C 81 45.78 -2.12 -1.60
C ASP C 81 45.92 -0.91 -0.69
N GLY C 82 45.10 -0.88 0.36
CA GLY C 82 45.11 0.21 1.32
C GLY C 82 44.63 1.54 0.79
N VAL C 83 44.28 1.59 -0.50
CA VAL C 83 43.82 2.85 -1.11
C VAL C 83 42.31 3.09 -0.90
N ASP C 84 41.99 4.29 -0.44
CA ASP C 84 40.62 4.71 -0.14
C ASP C 84 39.86 5.00 -1.45
N PRO C 85 38.74 4.27 -1.69
CA PRO C 85 37.93 4.49 -2.90
C PRO C 85 37.41 5.93 -3.10
N ALA C 86 37.16 6.66 -2.01
CA ALA C 86 36.72 8.06 -2.10
C ALA C 86 37.79 8.93 -2.75
N SER C 87 39.04 8.49 -2.65
CA SER C 87 40.19 9.23 -3.13
C SER C 87 40.32 9.10 -4.65
N LEU C 88 39.66 8.09 -5.21
CA LEU C 88 39.71 7.89 -6.65
C LEU C 88 38.93 8.97 -7.41
N MET C 89 37.82 9.43 -6.83
CA MET C 89 36.99 10.39 -7.53
C MET C 89 37.73 11.72 -7.66
N LYS C 90 37.84 12.20 -8.89
CA LYS C 90 38.42 13.50 -9.20
C LYS C 90 37.34 14.22 -9.98
N VAL C 91 37.25 15.53 -9.82
CA VAL C 91 36.25 16.34 -10.55
C VAL C 91 36.92 17.53 -11.24
N GLU C 92 36.21 18.11 -12.19
CA GLU C 92 36.69 19.23 -13.01
C GLU C 92 35.57 20.23 -13.14
N ARG C 93 35.88 21.42 -13.63
CA ARG C 93 34.84 22.41 -13.93
CA ARG C 93 34.82 22.39 -13.92
C ARG C 93 34.09 22.06 -15.22
N LEU C 94 32.76 22.09 -15.16
CA LEU C 94 31.97 21.76 -16.33
C LEU C 94 32.28 22.68 -17.52
N ALA C 95 32.52 23.96 -17.26
CA ALA C 95 32.82 24.88 -18.33
C ALA C 95 34.14 24.56 -19.05
N ASP C 96 35.03 23.77 -18.41
CA ASP C 96 36.27 23.35 -19.12
C ASP C 96 36.00 22.24 -20.16
N HIS C 97 34.77 21.73 -20.17
CA HIS C 97 34.38 20.64 -21.07
C HIS C 97 33.12 20.87 -21.80
N PRO C 98 33.11 21.87 -22.69
CA PRO C 98 31.93 22.16 -23.46
C PRO C 98 31.44 20.98 -24.28
N GLU C 99 32.31 20.01 -24.57
CA GLU C 99 31.94 18.85 -25.40
C GLU C 99 30.91 17.98 -24.68
N TYR C 100 30.70 18.22 -23.38
CA TYR C 100 29.65 17.43 -22.67
C TYR C 100 28.23 17.92 -22.98
N GLN C 101 28.10 19.16 -23.42
CA GLN C 101 26.79 19.74 -23.61
C GLN C 101 26.62 20.46 -24.96
N ASN C 102 27.69 20.52 -25.73
CA ASN C 102 27.67 21.26 -27.02
C ASN C 102 28.09 20.38 -28.19
N ARG C 103 27.24 20.28 -29.20
CA ARG C 103 27.45 19.31 -30.27
C ARG C 103 28.72 19.64 -31.07
N ASP C 104 28.91 20.92 -31.41
CA ASP C 104 30.12 21.23 -32.17
C ASP C 104 31.38 20.89 -31.41
N ALA C 105 31.44 21.23 -30.12
CA ALA C 105 32.60 20.88 -29.33
C ALA C 105 32.79 19.36 -29.26
N ARG C 106 31.66 18.64 -29.17
CA ARG C 106 31.72 17.17 -29.08
C ARG C 106 32.30 16.53 -30.35
N ILE C 107 31.88 17.04 -31.52
CA ILE C 107 32.37 16.51 -32.79
C ILE C 107 33.89 16.68 -32.88
N ALA C 108 34.39 17.83 -32.45
CA ALA C 108 35.83 18.05 -32.47
C ALA C 108 36.60 17.08 -31.55
N VAL C 109 36.04 16.79 -30.39
CA VAL C 109 36.62 15.77 -29.50
C VAL C 109 36.52 14.37 -30.12
N MET C 110 35.40 14.06 -30.78
CA MET C 110 35.27 12.78 -31.49
C MET C 110 36.39 12.62 -32.52
N ASP C 111 36.72 13.70 -33.22
CA ASP C 111 37.83 13.62 -34.17
C ASP C 111 39.14 13.19 -33.48
N GLU C 112 39.47 13.83 -32.35
CA GLU C 112 40.66 13.48 -31.57
C GLU C 112 40.60 12.04 -31.10
N GLN C 113 39.41 11.58 -30.76
CA GLN C 113 39.23 10.23 -30.22
C GLN C 113 39.19 9.13 -31.28
N ASP C 114 39.15 9.56 -32.52
CA ASP C 114 38.97 8.66 -33.69
C ASP C 114 37.64 7.92 -33.75
N ILE C 115 36.61 8.57 -33.26
CA ILE C 115 35.25 8.03 -33.35
C ILE C 115 34.53 8.65 -34.56
N GLU C 116 34.09 7.81 -35.50
CA GLU C 116 33.27 8.32 -36.60
C GLU C 116 31.87 8.62 -36.13
N THR C 117 31.24 7.67 -35.44
CA THR C 117 29.86 7.88 -35.00
C THR C 117 29.76 7.45 -33.54
N ALA C 118 29.11 8.27 -32.72
CA ALA C 118 28.87 7.93 -31.32
C ALA C 118 27.38 7.83 -31.12
N PHE C 119 26.92 6.85 -30.32
CA PHE C 119 25.50 6.83 -29.87
C PHE C 119 25.49 7.73 -28.64
N MET C 120 24.64 8.75 -28.64
CA MET C 120 24.65 9.75 -27.55
C MET C 120 23.42 9.52 -26.69
N LEU C 121 23.65 9.19 -25.42
CA LEU C 121 22.63 8.62 -24.56
C LEU C 121 22.52 9.48 -23.31
N PRO C 122 21.34 9.47 -22.65
CA PRO C 122 21.09 10.37 -21.55
C PRO C 122 21.85 9.98 -20.28
N THR C 123 21.95 10.94 -19.36
CA THR C 123 22.49 10.69 -18.04
C THR C 123 21.34 10.87 -17.03
N PHE C 124 20.96 12.12 -16.76
CA PHE C 124 19.77 12.39 -15.96
C PHE C 124 18.51 11.69 -16.48
N GLY C 125 18.31 11.62 -17.81
CA GLY C 125 17.07 11.15 -18.34
C GLY C 125 16.79 9.68 -17.99
N CYS C 126 17.84 8.94 -17.67
CA CYS C 126 17.71 7.49 -17.31
C CYS C 126 17.10 7.26 -15.92
N GLY C 127 16.84 8.33 -15.15
CA GLY C 127 16.15 8.20 -13.85
C GLY C 127 14.72 8.74 -13.82
N VAL C 128 14.31 9.44 -14.87
CA VAL C 128 13.04 10.18 -14.79
C VAL C 128 11.81 9.26 -14.81
N GLU C 129 11.83 8.24 -15.65
CA GLU C 129 10.65 7.41 -15.78
C GLU C 129 10.29 6.67 -14.48
N GLU C 130 11.27 6.22 -13.70
CA GLU C 130 10.91 5.56 -12.44
C GLU C 130 10.20 6.55 -11.53
N ALA C 131 10.68 7.81 -11.53
CA ALA C 131 10.12 8.89 -10.70
C ALA C 131 8.68 9.21 -11.13
N LEU C 132 8.37 8.99 -12.40
CA LEU C 132 7.04 9.34 -12.92
C LEU C 132 6.16 8.12 -13.16
N LYS C 133 6.52 6.98 -12.57
CA LYS C 133 5.82 5.75 -12.88
C LYS C 133 4.39 5.68 -12.34
N HIS C 134 4.03 6.63 -11.48
CA HIS C 134 2.64 6.72 -10.97
C HIS C 134 1.85 7.79 -11.68
N ASP C 135 2.43 8.42 -12.70
CA ASP C 135 1.72 9.49 -13.42
C ASP C 135 1.98 9.25 -14.88
N ILE C 136 1.12 8.43 -15.50
CA ILE C 136 1.28 8.05 -16.90
C ILE C 136 1.23 9.25 -17.86
N GLU C 137 0.30 10.17 -17.64
CA GLU C 137 0.25 11.35 -18.50
C GLU C 137 1.51 12.21 -18.38
N ALA C 138 2.01 12.40 -17.16
CA ALA C 138 3.23 13.21 -16.96
C ALA C 138 4.43 12.48 -17.59
N THR C 139 4.45 11.15 -17.51
CA THR C 139 5.50 10.34 -18.16
C THR C 139 5.56 10.63 -19.65
N MET C 140 4.42 10.51 -20.33
CA MET C 140 4.40 10.67 -21.78
C MET C 140 4.73 12.10 -22.19
N ALA C 141 4.22 13.08 -21.46
CA ALA C 141 4.52 14.47 -21.81
C ALA C 141 5.98 14.79 -21.56
N SER C 142 6.55 14.18 -20.52
CA SER C 142 7.91 14.50 -20.15
C SER C 142 8.89 13.84 -21.12
N VAL C 143 8.56 12.62 -21.57
CA VAL C 143 9.40 11.95 -22.55
C VAL C 143 9.34 12.78 -23.85
N HIS C 144 8.17 13.27 -24.23
CA HIS C 144 8.12 14.06 -25.45
C HIS C 144 8.93 15.34 -25.33
N ALA C 145 8.82 16.04 -24.19
CA ALA C 145 9.57 17.28 -23.95
C ALA C 145 11.07 17.02 -24.08
N PHE C 146 11.52 15.93 -23.45
CA PHE C 146 12.88 15.54 -23.49
C PHE C 146 13.38 15.28 -24.93
N ASN C 147 12.57 14.56 -25.70
CA ASN C 147 12.95 14.20 -27.06
C ASN C 147 13.04 15.47 -27.93
N LEU C 148 12.15 16.43 -27.69
CA LEU C 148 12.23 17.72 -28.40
C LEU C 148 13.54 18.43 -28.03
N TRP C 149 13.87 18.48 -26.73
CA TRP C 149 15.11 19.04 -26.30
C TRP C 149 16.30 18.35 -26.95
N LEU C 150 16.22 17.01 -27.03
CA LEU C 150 17.37 16.23 -27.52
C LEU C 150 17.62 16.50 -28.99
N ASP C 151 16.54 16.59 -29.75
CA ASP C 151 16.66 16.81 -31.19
C ASP C 151 17.17 18.24 -31.44
N GLU C 152 16.79 19.14 -30.54
CA GLU C 152 17.32 20.52 -30.62
C GLU C 152 18.82 20.67 -30.31
N ASP C 153 19.28 20.13 -29.18
CA ASP C 153 20.69 20.32 -28.79
C ASP C 153 21.66 19.34 -29.49
N TRP C 154 21.20 18.12 -29.75
CA TRP C 154 22.04 17.03 -30.26
C TRP C 154 21.64 16.57 -31.65
N GLY C 155 20.34 16.44 -31.89
CA GLY C 155 19.82 15.96 -33.16
C GLY C 155 19.81 14.43 -33.19
N PHE C 156 18.65 13.87 -33.46
CA PHE C 156 18.57 12.41 -33.54
C PHE C 156 19.58 11.83 -34.54
N ASP C 157 19.72 12.48 -35.71
CA ASP C 157 20.77 12.07 -36.63
C ASP C 157 20.98 13.13 -37.74
N ARG C 158 21.77 14.13 -37.41
CA ARG C 158 22.02 15.25 -38.34
C ARG C 158 22.79 14.75 -39.55
N PRO C 159 22.71 15.48 -40.67
CA PRO C 159 23.30 14.98 -41.91
C PRO C 159 24.78 14.58 -41.89
N ASP C 160 25.59 15.10 -40.96
CA ASP C 160 27.00 14.70 -40.86
C ASP C 160 27.16 13.25 -40.39
N HIS C 161 26.06 12.68 -39.92
CA HIS C 161 26.05 11.29 -39.40
C HIS C 161 27.15 10.99 -38.42
N ARG C 162 27.49 11.96 -37.57
CA ARG C 162 28.50 11.75 -36.53
C ARG C 162 27.84 11.31 -35.23
N ILE C 163 26.58 11.69 -35.03
CA ILE C 163 25.94 11.44 -33.73
C ILE C 163 24.57 10.82 -33.90
N ILE C 164 24.38 9.65 -33.27
CA ILE C 164 23.05 9.07 -33.23
C ILE C 164 22.51 9.35 -31.83
N ALA C 165 21.67 10.38 -31.67
CA ALA C 165 21.12 10.68 -30.34
C ALA C 165 19.81 9.95 -30.20
N ALA C 166 19.74 9.02 -29.25
CA ALA C 166 18.59 8.16 -29.12
C ALA C 166 17.51 8.76 -28.23
N PRO C 167 16.32 9.03 -28.80
CA PRO C 167 15.23 9.56 -27.97
C PRO C 167 14.68 8.43 -27.09
N ILE C 168 13.89 8.81 -26.10
CA ILE C 168 13.26 7.79 -25.21
C ILE C 168 11.86 7.50 -25.71
N VAL C 169 11.45 6.23 -25.70
CA VAL C 169 10.05 5.88 -25.92
C VAL C 169 9.56 5.20 -24.65
N SER C 170 8.54 5.78 -24.02
CA SER C 170 7.85 5.09 -22.94
C SER C 170 6.63 4.38 -23.52
N LEU C 171 6.45 3.13 -23.10
CA LEU C 171 5.26 2.38 -23.47
C LEU C 171 4.12 2.54 -22.43
N ALA C 172 4.23 3.50 -21.51
CA ALA C 172 3.27 3.60 -20.39
C ALA C 172 1.85 3.78 -20.90
N ASP C 173 1.69 4.56 -21.96
CA ASP C 173 0.39 4.67 -22.65
C ASP C 173 0.66 4.21 -24.07
N PRO C 174 0.23 2.98 -24.43
CA PRO C 174 0.76 2.46 -25.68
C PRO C 174 0.27 3.16 -26.95
N THR C 175 -0.89 3.81 -26.88
CA THR C 175 -1.40 4.55 -28.04
C THR C 175 -0.57 5.82 -28.23
N ARG C 176 -0.34 6.53 -27.12
CA ARG C 176 0.52 7.71 -27.17
C ARG C 176 1.96 7.32 -27.54
N ALA C 177 2.40 6.12 -27.15
CA ALA C 177 3.74 5.63 -27.50
C ALA C 177 3.92 5.49 -29.03
N VAL C 178 2.88 5.01 -29.72
CA VAL C 178 2.92 4.91 -31.17
C VAL C 178 3.06 6.32 -31.79
N GLU C 179 2.37 7.30 -31.22
CA GLU C 179 2.60 8.69 -31.64
C GLU C 179 4.02 9.16 -31.40
N GLU C 180 4.60 8.83 -30.25
CA GLU C 180 5.98 9.23 -30.01
C GLU C 180 6.92 8.57 -31.01
N VAL C 181 6.70 7.29 -31.29
CA VAL C 181 7.59 6.59 -32.19
C VAL C 181 7.47 7.21 -33.59
N ASP C 182 6.24 7.43 -34.05
CA ASP C 182 6.06 8.09 -35.35
C ASP C 182 6.78 9.44 -35.40
N PHE C 183 6.67 10.23 -34.34
CA PHE C 183 7.30 11.54 -34.30
C PHE C 183 8.83 11.43 -34.40
N VAL C 184 9.45 10.56 -33.60
CA VAL C 184 10.93 10.45 -33.64
C VAL C 184 11.46 9.81 -34.93
N LEU C 185 10.74 8.82 -35.46
CA LEU C 185 11.08 8.22 -36.75
C LEU C 185 10.98 9.28 -37.85
N ALA C 186 9.93 10.09 -37.83
CA ALA C 186 9.85 11.17 -38.83
C ALA C 186 11.00 12.17 -38.71
N ARG C 187 11.53 12.39 -37.49
CA ARG C 187 12.68 13.26 -37.33
C ARG C 187 14.02 12.54 -37.56
N GLY C 188 13.98 11.31 -38.04
CA GLY C 188 15.19 10.63 -38.44
C GLY C 188 15.88 9.79 -37.37
N ALA C 189 15.23 9.51 -36.23
CA ALA C 189 15.89 8.66 -35.23
C ALA C 189 16.28 7.31 -35.81
N LYS C 190 17.45 6.82 -35.41
CA LYS C 190 18.01 5.57 -35.90
C LYS C 190 18.10 4.52 -34.78
N LEU C 191 17.85 4.98 -33.56
CA LEU C 191 17.91 4.10 -32.35
C LEU C 191 16.95 4.74 -31.35
N VAL C 192 16.12 3.95 -30.66
CA VAL C 192 15.29 4.53 -29.60
C VAL C 192 15.61 3.78 -28.31
N LEU C 193 15.46 4.46 -27.18
CA LEU C 193 15.70 3.80 -25.89
C LEU C 193 14.37 3.49 -25.22
N VAL C 194 14.17 2.24 -24.81
CA VAL C 194 13.06 1.92 -23.94
C VAL C 194 13.68 1.47 -22.64
N ARG C 195 13.09 1.87 -21.52
CA ARG C 195 13.70 1.58 -20.25
C ARG C 195 13.67 0.07 -19.93
N PRO C 196 14.79 -0.49 -19.45
CA PRO C 196 14.79 -1.95 -19.12
C PRO C 196 14.13 -2.16 -17.76
N ALA C 197 12.81 -2.12 -17.75
CA ALA C 197 12.06 -2.13 -16.50
C ALA C 197 10.62 -2.50 -16.86
N PRO C 198 9.86 -2.91 -15.86
CA PRO C 198 8.41 -3.07 -16.06
C PRO C 198 7.79 -1.80 -16.66
N VAL C 199 6.84 -1.96 -17.56
CA VAL C 199 6.18 -0.79 -18.15
C VAL C 199 5.08 -0.30 -17.23
N PRO C 200 5.13 0.97 -16.85
CA PRO C 200 4.10 1.49 -15.94
C PRO C 200 2.71 1.41 -16.59
N GLY C 201 1.71 1.16 -15.75
CA GLY C 201 0.32 1.11 -16.27
C GLY C 201 -0.63 1.90 -15.42
N LEU C 202 -1.75 2.33 -16.02
CA LEU C 202 -2.80 3.01 -15.27
C LEU C 202 -3.34 2.10 -14.21
N VAL C 203 -3.51 0.83 -14.58
CA VAL C 203 -4.14 -0.15 -13.69
C VAL C 203 -3.08 -0.91 -12.92
N LYS C 204 -2.08 -1.42 -13.62
CA LYS C 204 -1.03 -2.25 -13.04
C LYS C 204 0.13 -2.26 -14.05
N PRO C 205 1.34 -2.67 -13.60
CA PRO C 205 2.47 -2.66 -14.54
C PRO C 205 2.33 -3.74 -15.62
N ARG C 206 3.05 -3.58 -16.73
CA ARG C 206 3.01 -4.56 -17.83
C ARG C 206 4.40 -5.11 -18.20
N SER C 207 4.41 -6.34 -18.69
CA SER C 207 5.56 -6.95 -19.35
C SER C 207 5.89 -6.14 -20.61
N LEU C 208 7.17 -6.05 -20.96
CA LEU C 208 7.56 -5.43 -22.23
C LEU C 208 6.87 -6.13 -23.41
N GLY C 209 6.61 -7.43 -23.24
CA GLY C 209 5.91 -8.25 -24.25
C GLY C 209 4.39 -8.32 -24.19
N ASP C 210 3.76 -7.43 -23.41
CA ASP C 210 2.31 -7.26 -23.44
C ASP C 210 1.82 -7.04 -24.86
N ARG C 211 0.73 -7.69 -25.26
CA ARG C 211 0.26 -7.52 -26.62
C ARG C 211 -0.14 -6.09 -26.96
N SER C 212 -0.51 -5.30 -25.97
CA SER C 212 -0.84 -3.90 -26.24
C SER C 212 0.38 -3.09 -26.72
N HIS C 213 1.59 -3.66 -26.61
CA HIS C 213 2.78 -2.97 -27.10
C HIS C 213 3.13 -3.34 -28.51
N ASP C 214 2.41 -4.32 -29.07
CA ASP C 214 2.73 -4.76 -30.42
C ASP C 214 2.80 -3.64 -31.48
N PRO C 215 1.89 -2.66 -31.42
CA PRO C 215 1.99 -1.61 -32.44
C PRO C 215 3.32 -0.82 -32.42
N VAL C 216 3.83 -0.53 -31.22
CA VAL C 216 5.17 0.07 -31.09
C VAL C 216 6.28 -0.84 -31.67
N TRP C 217 6.35 -2.10 -31.24
CA TRP C 217 7.40 -2.97 -31.80
C TRP C 217 7.28 -3.12 -33.29
N ALA C 218 6.05 -3.17 -33.80
CA ALA C 218 5.89 -3.27 -35.25
C ALA C 218 6.42 -2.01 -35.98
N ARG C 219 6.14 -0.82 -35.44
CA ARG C 219 6.70 0.40 -36.03
C ARG C 219 8.24 0.35 -36.10
N LEU C 220 8.88 -0.08 -35.01
CA LEU C 220 10.34 -0.06 -35.01
C LEU C 220 10.89 -1.12 -35.95
N ALA C 221 10.27 -2.31 -35.93
CA ALA C 221 10.79 -3.39 -36.70
C ALA C 221 10.68 -3.07 -38.22
N GLU C 222 9.56 -2.47 -38.62
CA GLU C 222 9.33 -2.10 -40.03
C GLU C 222 10.27 -1.01 -40.47
N ALA C 223 10.59 -0.11 -39.54
CA ALA C 223 11.50 0.98 -39.82
C ALA C 223 12.99 0.57 -39.81
N GLY C 224 13.26 -0.62 -39.31
CA GLY C 224 14.65 -1.08 -39.16
C GLY C 224 15.41 -0.35 -38.06
N VAL C 225 14.67 0.19 -37.09
CA VAL C 225 15.25 0.95 -35.98
C VAL C 225 15.27 0.07 -34.71
N PRO C 226 16.48 -0.19 -34.15
CA PRO C 226 16.55 -1.03 -32.95
C PRO C 226 16.00 -0.35 -31.71
N VAL C 227 15.58 -1.16 -30.74
CA VAL C 227 15.30 -0.66 -29.41
C VAL C 227 16.56 -0.86 -28.59
N GLY C 228 16.97 0.20 -27.89
CA GLY C 228 18.13 0.05 -27.01
C GLY C 228 17.67 0.06 -25.57
N PHE C 229 18.35 -0.77 -24.75
CA PHE C 229 18.08 -0.87 -23.32
C PHE C 229 19.35 -0.48 -22.58
N HIS C 230 19.35 0.71 -21.99
CA HIS C 230 20.53 1.21 -21.28
C HIS C 230 20.28 1.20 -19.82
N LEU C 231 21.30 0.86 -19.06
CA LEU C 231 21.25 0.93 -17.59
C LEU C 231 20.48 2.17 -17.12
N SER C 232 19.53 1.98 -16.20
CA SER C 232 18.61 3.06 -15.80
C SER C 232 18.27 2.90 -14.33
N ASP C 233 17.52 3.84 -13.77
CA ASP C 233 16.75 3.48 -12.56
C ASP C 233 15.56 2.65 -13.01
N SER C 234 15.63 1.34 -12.78
CA SER C 234 14.60 0.42 -13.22
C SER C 234 13.72 -0.02 -12.05
N GLY C 235 13.88 0.65 -10.93
CA GLY C 235 13.05 0.35 -9.73
C GLY C 235 13.53 -0.86 -8.98
N TYR C 236 14.73 -1.38 -9.30
CA TYR C 236 15.22 -2.62 -8.63
C TYR C 236 15.68 -2.48 -7.20
N LEU C 237 15.82 -1.26 -6.73
CA LEU C 237 16.06 -1.10 -5.29
C LEU C 237 14.93 -1.72 -4.46
N HIS C 238 13.78 -2.07 -5.06
CA HIS C 238 12.71 -2.77 -4.28
C HIS C 238 13.14 -4.10 -3.69
N ILE C 239 14.10 -4.77 -4.33
CA ILE C 239 14.66 -6.00 -3.78
C ILE C 239 15.45 -5.74 -2.50
N ALA C 240 16.38 -4.81 -2.55
CA ALA C 240 17.09 -4.42 -1.34
C ALA C 240 16.08 -3.99 -0.27
N ALA C 241 14.99 -3.36 -0.69
CA ALA C 241 13.96 -2.90 0.23
C ALA C 241 13.31 -4.06 0.97
N ALA C 242 13.00 -5.11 0.24
CA ALA C 242 12.40 -6.28 0.82
C ALA C 242 13.32 -6.89 1.88
N TRP C 243 14.64 -6.70 1.71
CA TRP C 243 15.67 -7.19 2.67
C TRP C 243 16.00 -6.22 3.78
N GLY C 244 15.16 -5.20 3.96
CA GLY C 244 15.33 -4.26 5.06
C GLY C 244 16.16 -3.04 4.72
N GLY C 245 16.58 -2.94 3.46
CA GLY C 245 17.44 -1.82 3.02
C GLY C 245 16.76 -0.47 3.05
N ALA C 254 28.13 5.65 2.97
CA ALA C 254 26.69 5.80 3.08
C ALA C 254 25.94 4.76 2.23
N LYS C 255 26.66 3.91 1.51
CA LYS C 255 26.04 2.86 0.71
C LYS C 255 26.07 1.52 1.45
N ASP C 256 24.91 0.90 1.64
CA ASP C 256 24.85 -0.45 2.22
C ASP C 256 25.36 -1.38 1.13
N PRO C 257 26.44 -2.12 1.42
CA PRO C 257 27.09 -2.96 0.45
C PRO C 257 26.18 -4.06 -0.11
N LEU C 258 25.14 -4.42 0.66
CA LEU C 258 24.22 -5.50 0.23
C LEU C 258 23.39 -5.04 -0.97
N ASP C 259 23.03 -3.77 -1.01
CA ASP C 259 22.09 -3.31 -2.04
C ASP C 259 22.56 -3.65 -3.46
N GLN C 260 23.81 -3.38 -3.79
CA GLN C 260 24.26 -3.66 -5.15
C GLN C 260 24.46 -5.15 -5.45
N VAL C 261 24.76 -5.93 -4.41
CA VAL C 261 24.87 -7.36 -4.59
C VAL C 261 23.48 -7.91 -4.95
N LEU C 262 22.43 -7.32 -4.37
CA LEU C 262 21.06 -7.77 -4.66
C LEU C 262 20.52 -7.23 -5.95
N LEU C 263 21.18 -6.22 -6.49
CA LEU C 263 20.67 -5.53 -7.70
C LEU C 263 21.42 -5.95 -8.96
N ASP C 264 22.71 -5.64 -8.96
CA ASP C 264 23.63 -5.97 -10.04
C ASP C 264 22.96 -5.83 -11.40
N ASP C 265 22.96 -6.91 -12.17
CA ASP C 265 22.46 -6.87 -13.55
C ASP C 265 21.06 -7.52 -13.70
N ARG C 266 20.26 -7.48 -12.63
CA ARG C 266 18.97 -8.17 -12.70
C ARG C 266 18.00 -7.49 -13.65
N ALA C 267 18.09 -6.16 -13.77
CA ALA C 267 17.13 -5.49 -14.64
C ALA C 267 17.25 -5.93 -16.09
N ILE C 268 18.48 -6.01 -16.61
CA ILE C 268 18.65 -6.38 -18.02
C ILE C 268 18.28 -7.84 -18.25
N HIS C 269 18.61 -8.71 -17.28
CA HIS C 269 18.21 -10.09 -17.42
C HIS C 269 16.69 -10.21 -17.54
N ASP C 270 15.98 -9.56 -16.60
CA ASP C 270 14.53 -9.65 -16.55
C ASP C 270 13.87 -8.97 -17.76
N THR C 271 14.47 -7.87 -18.22
CA THR C 271 14.00 -7.20 -19.43
C THR C 271 14.07 -8.13 -20.64
N MET C 272 15.21 -8.76 -20.84
CA MET C 272 15.38 -9.63 -22.00
C MET C 272 14.50 -10.87 -21.84
N ALA C 273 14.33 -11.36 -20.61
CA ALA C 273 13.36 -12.44 -20.38
C ALA C 273 11.96 -12.02 -20.79
N SER C 274 11.54 -10.84 -20.34
CA SER C 274 10.22 -10.34 -20.68
C SER C 274 10.03 -10.27 -22.18
N MET C 275 11.01 -9.67 -22.87
CA MET C 275 10.94 -9.56 -24.33
C MET C 275 10.83 -10.92 -25.01
N ILE C 276 11.71 -11.83 -24.60
CA ILE C 276 11.80 -13.10 -25.29
C ILE C 276 10.65 -14.02 -24.94
N VAL C 277 10.46 -14.26 -23.64
CA VAL C 277 9.45 -15.24 -23.19
C VAL C 277 8.05 -14.86 -23.63
N HIS C 278 7.75 -13.57 -23.60
CA HIS C 278 6.45 -13.11 -23.99
C HIS C 278 6.31 -12.87 -25.48
N GLY C 279 7.26 -13.36 -26.24
CA GLY C 279 7.11 -13.48 -27.70
C GLY C 279 7.29 -12.21 -28.52
N VAL C 280 8.01 -11.22 -28.01
CA VAL C 280 8.21 -10.04 -28.81
C VAL C 280 8.94 -10.33 -30.12
N PHE C 281 9.99 -11.14 -30.08
CA PHE C 281 10.73 -11.48 -31.29
C PHE C 281 9.99 -12.53 -32.13
N THR C 282 9.10 -13.30 -31.48
CA THR C 282 8.23 -14.22 -32.23
C THR C 282 7.29 -13.41 -33.10
N ARG C 283 6.64 -12.41 -32.52
CA ARG C 283 5.68 -11.59 -33.27
C ARG C 283 6.35 -10.59 -34.20
N HIS C 284 7.57 -10.22 -33.85
CA HIS C 284 8.32 -9.21 -34.60
C HIS C 284 9.73 -9.66 -34.90
N PRO C 285 9.87 -10.60 -35.83
CA PRO C 285 11.16 -11.26 -36.02
C PRO C 285 12.24 -10.35 -36.58
N LYS C 286 11.84 -9.23 -37.19
CA LYS C 286 12.82 -8.24 -37.69
C LYS C 286 13.31 -7.27 -36.61
N LEU C 287 12.66 -7.26 -35.45
CA LEU C 287 13.00 -6.30 -34.37
C LEU C 287 14.40 -6.55 -33.87
N LYS C 288 15.21 -5.49 -33.79
CA LYS C 288 16.57 -5.56 -33.30
C LYS C 288 16.61 -4.90 -31.93
N ALA C 289 17.38 -5.50 -31.02
CA ALA C 289 17.54 -4.89 -29.71
C ALA C 289 19.01 -4.84 -29.33
N VAL C 290 19.35 -3.88 -28.47
CA VAL C 290 20.75 -3.75 -28.06
C VAL C 290 20.77 -3.44 -26.56
N SER C 291 21.67 -4.12 -25.84
CA SER C 291 21.89 -3.88 -24.40
C SER C 291 23.12 -3.01 -24.22
N ILE C 292 22.97 -1.86 -23.58
CA ILE C 292 24.09 -0.93 -23.38
C ILE C 292 24.33 -0.65 -21.89
N GLU C 293 25.59 -0.81 -21.46
CA GLU C 293 26.02 -0.55 -20.07
C GLU C 293 25.33 -1.46 -19.07
N ASN C 294 24.95 -2.64 -19.50
CA ASN C 294 24.36 -3.59 -18.54
C ASN C 294 25.27 -4.79 -18.29
N GLY C 295 26.46 -4.82 -18.90
CA GLY C 295 27.39 -5.99 -18.86
C GLY C 295 26.89 -7.06 -19.83
N SER C 296 27.58 -8.21 -19.86
CA SER C 296 27.16 -9.32 -20.67
C SER C 296 27.06 -10.55 -19.80
N TYR C 297 27.37 -10.42 -18.51
CA TYR C 297 27.30 -11.61 -17.64
C TYR C 297 25.89 -12.16 -17.54
N PHE C 298 24.88 -11.35 -17.77
CA PHE C 298 23.51 -11.84 -17.71
C PHE C 298 23.19 -12.96 -18.71
N VAL C 299 23.91 -13.02 -19.83
CA VAL C 299 23.55 -13.91 -20.92
CA VAL C 299 23.48 -13.92 -20.90
C VAL C 299 23.52 -15.38 -20.51
N HIS C 300 24.54 -15.79 -19.81
CA HIS C 300 24.59 -17.23 -19.58
C HIS C 300 23.49 -17.71 -18.65
N ARG C 301 23.13 -16.93 -17.63
CA ARG C 301 21.99 -17.35 -16.78
C ARG C 301 20.70 -17.30 -17.54
N LEU C 302 20.55 -16.28 -18.37
CA LEU C 302 19.34 -16.13 -19.15
C LEU C 302 19.18 -17.34 -20.08
N ILE C 303 20.26 -17.73 -20.74
CA ILE C 303 20.24 -18.89 -21.66
C ILE C 303 19.81 -20.17 -20.91
N LYS C 304 20.39 -20.39 -19.74
CA LYS C 304 20.04 -21.58 -18.92
C LYS C 304 18.57 -21.58 -18.59
N ARG C 305 18.08 -20.45 -18.13
CA ARG C 305 16.66 -20.34 -17.73
C ARG C 305 15.72 -20.39 -18.92
N LEU C 306 16.10 -19.83 -20.07
CA LEU C 306 15.22 -19.90 -21.24
C LEU C 306 15.11 -21.34 -21.70
N LYS C 307 16.23 -22.07 -21.67
CA LYS C 307 16.26 -23.46 -22.12
C LYS C 307 15.32 -24.30 -21.23
N LYS C 308 15.37 -24.04 -19.93
CA LYS C 308 14.49 -24.73 -18.97
C LYS C 308 13.03 -24.38 -19.21
N ALA C 309 12.72 -23.09 -19.36
CA ALA C 309 11.33 -22.72 -19.59
C ALA C 309 10.75 -23.38 -20.89
N ALA C 310 11.53 -23.43 -21.97
CA ALA C 310 11.10 -23.93 -23.28
C ALA C 310 10.87 -25.43 -23.21
N ASN C 311 11.68 -26.08 -22.40
CA ASN C 311 11.53 -27.51 -22.22
C ASN C 311 10.29 -27.94 -21.39
N THR C 312 10.00 -27.17 -20.35
CA THR C 312 8.88 -27.51 -19.45
C THR C 312 7.53 -26.99 -19.95
N GLN C 313 7.54 -25.92 -20.75
CA GLN C 313 6.33 -25.38 -21.33
C GLN C 313 6.48 -25.12 -22.82
N PRO C 314 6.80 -26.17 -23.60
CA PRO C 314 7.07 -26.06 -25.04
C PRO C 314 5.95 -25.39 -25.81
N GLN C 315 4.72 -25.48 -25.29
CA GLN C 315 3.60 -24.84 -25.96
C GLN C 315 3.75 -23.32 -26.03
N TYR C 316 4.58 -22.75 -25.16
CA TYR C 316 4.76 -21.29 -25.10
C TYR C 316 5.93 -20.84 -25.96
N PHE C 317 6.68 -21.82 -26.44
CA PHE C 317 7.89 -21.59 -27.20
C PHE C 317 7.83 -22.24 -28.60
N PRO C 318 7.00 -21.66 -29.48
CA PRO C 318 6.97 -22.19 -30.84
C PRO C 318 8.31 -22.05 -31.54
N GLU C 319 9.13 -21.11 -31.07
CA GLU C 319 10.49 -20.96 -31.59
C GLU C 319 11.51 -21.13 -30.46
N ASP C 320 12.78 -21.25 -30.81
CA ASP C 320 13.84 -21.48 -29.86
C ASP C 320 14.24 -20.12 -29.27
N PRO C 321 13.97 -19.91 -27.97
CA PRO C 321 14.20 -18.57 -27.40
C PRO C 321 15.70 -18.20 -27.31
N VAL C 322 16.58 -19.20 -27.25
CA VAL C 322 18.01 -18.93 -27.26
C VAL C 322 18.47 -18.44 -28.63
N GLU C 323 17.92 -19.04 -29.69
CA GLU C 323 18.27 -18.57 -31.02
C GLU C 323 17.73 -17.15 -31.28
N GLN C 324 16.59 -16.82 -30.68
CA GLN C 324 16.07 -15.46 -30.75
C GLN C 324 17.02 -14.53 -30.06
N LEU C 325 17.55 -14.92 -28.90
CA LEU C 325 18.57 -14.08 -28.24
C LEU C 325 19.78 -13.85 -29.15
N ARG C 326 20.27 -14.91 -29.78
CA ARG C 326 21.45 -14.84 -30.62
C ARG C 326 21.20 -14.08 -31.91
N ASN C 327 19.97 -14.16 -32.42
CA ASN C 327 19.65 -13.53 -33.70
C ASN C 327 19.28 -12.05 -33.59
N ASN C 328 18.53 -11.68 -32.55
CA ASN C 328 17.93 -10.36 -32.51
C ASN C 328 18.58 -9.35 -31.58
N VAL C 329 19.56 -9.78 -30.78
CA VAL C 329 20.08 -8.95 -29.68
C VAL C 329 21.60 -8.77 -29.80
N TRP C 330 22.02 -7.51 -29.76
CA TRP C 330 23.40 -7.16 -29.67
C TRP C 330 23.72 -6.72 -28.26
N ILE C 331 24.95 -6.93 -27.85
CA ILE C 331 25.35 -6.64 -26.46
C ILE C 331 26.67 -5.87 -26.39
N ALA C 332 26.65 -4.71 -25.74
CA ALA C 332 27.90 -4.02 -25.37
C ALA C 332 28.34 -4.56 -24.00
N PRO C 333 29.41 -5.34 -23.97
CA PRO C 333 29.84 -5.92 -22.68
C PRO C 333 30.57 -4.91 -21.79
N TYR C 334 30.75 -5.28 -20.53
CA TYR C 334 31.65 -4.52 -19.68
CA TYR C 334 31.66 -4.57 -19.67
C TYR C 334 33.10 -4.92 -20.05
N TYR C 335 34.03 -3.99 -19.82
CA TYR C 335 35.45 -4.17 -20.23
C TYR C 335 36.11 -5.41 -19.69
N GLU C 336 35.69 -5.86 -18.50
CA GLU C 336 36.31 -7.01 -17.82
C GLU C 336 35.67 -8.34 -18.11
N ASP C 337 34.57 -8.32 -18.86
CA ASP C 337 33.91 -9.54 -19.24
C ASP C 337 34.81 -10.49 -20.06
N ASP C 338 34.57 -11.78 -19.94
CA ASP C 338 35.30 -12.77 -20.74
C ASP C 338 34.79 -12.72 -22.20
N LEU C 339 35.50 -11.96 -23.05
CA LEU C 339 34.99 -11.68 -24.40
C LEU C 339 35.08 -12.86 -25.38
N PRO C 340 36.19 -13.62 -25.35
CA PRO C 340 36.25 -14.88 -26.08
C PRO C 340 35.07 -15.78 -25.72
N GLU C 341 34.78 -15.92 -24.43
CA GLU C 341 33.65 -16.77 -24.05
C GLU C 341 32.34 -16.20 -24.55
N LEU C 342 32.16 -14.88 -24.41
CA LEU C 342 30.93 -14.26 -24.88
C LEU C 342 30.75 -14.57 -26.37
N ALA C 343 31.84 -14.49 -27.14
CA ALA C 343 31.73 -14.72 -28.61
C ALA C 343 31.31 -16.15 -28.87
N ARG C 344 31.79 -17.03 -28.02
CA ARG C 344 31.38 -18.43 -28.14
C ARG C 344 29.89 -18.60 -27.93
N VAL C 345 29.36 -17.84 -26.99
CA VAL C 345 27.95 -17.92 -26.62
C VAL C 345 26.97 -17.18 -27.52
N ILE C 346 27.25 -15.91 -27.85
CA ILE C 346 26.31 -15.16 -28.66
C ILE C 346 26.76 -14.91 -30.09
N GLY C 347 28.04 -15.18 -30.36
CA GLY C 347 28.61 -14.93 -31.71
C GLY C 347 29.38 -13.62 -31.69
N VAL C 348 30.55 -13.60 -32.31
CA VAL C 348 31.34 -12.39 -32.31
C VAL C 348 30.59 -11.24 -32.97
N ASP C 349 29.65 -11.55 -33.88
CA ASP C 349 28.94 -10.48 -34.59
CA ASP C 349 28.87 -10.54 -34.60
C ASP C 349 27.98 -9.70 -33.71
N LYS C 350 27.71 -10.20 -32.48
CA LYS C 350 26.77 -9.50 -31.61
C LYS C 350 27.45 -8.69 -30.51
N ILE C 351 28.78 -8.69 -30.50
CA ILE C 351 29.54 -7.98 -29.46
C ILE C 351 29.85 -6.56 -29.94
N LEU C 352 29.44 -5.58 -29.13
CA LEU C 352 29.65 -4.19 -29.48
C LEU C 352 30.64 -3.47 -28.58
N PHE C 353 31.54 -2.72 -29.19
CA PHE C 353 32.32 -1.75 -28.43
C PHE C 353 31.53 -0.52 -27.99
N GLY C 354 31.56 -0.26 -26.68
CA GLY C 354 30.98 0.99 -26.15
C GLY C 354 31.92 1.43 -25.00
N SER C 355 32.25 2.71 -24.94
CA SER C 355 33.21 3.19 -23.95
C SER C 355 32.56 3.81 -22.71
N ASP C 356 31.32 4.29 -22.84
CA ASP C 356 30.60 5.01 -21.78
C ASP C 356 31.24 6.34 -21.49
N TRP C 357 31.99 6.85 -22.46
CA TRP C 357 32.59 8.19 -22.25
C TRP C 357 31.55 9.28 -22.25
N PRO C 358 31.66 10.29 -21.35
CA PRO C 358 32.73 10.64 -20.44
C PRO C 358 32.45 10.22 -18.99
N HIS C 359 31.61 9.22 -18.77
CA HIS C 359 31.32 8.88 -17.35
C HIS C 359 32.51 8.41 -16.56
N GLY C 360 32.46 8.60 -15.23
CA GLY C 360 33.63 8.21 -14.44
C GLY C 360 33.93 6.72 -14.48
N GLU C 361 32.85 5.92 -14.60
CA GLU C 361 32.96 4.44 -14.70
C GLU C 361 33.29 3.96 -16.11
N GLY C 362 33.39 4.89 -17.06
CA GLY C 362 33.71 4.55 -18.43
C GLY C 362 35.20 4.54 -18.70
N LEU C 363 35.57 4.30 -19.96
CA LEU C 363 36.97 4.41 -20.36
C LEU C 363 37.40 5.87 -20.56
N ALA C 364 38.58 6.21 -20.07
CA ALA C 364 39.11 7.55 -20.30
C ALA C 364 39.40 7.75 -21.78
N SER C 365 39.92 6.70 -22.41
CA SER C 365 40.22 6.72 -23.84
C SER C 365 39.40 5.65 -24.50
N PRO C 366 38.39 6.05 -25.27
CA PRO C 366 37.49 5.04 -25.84
C PRO C 366 38.20 3.92 -26.63
N VAL C 367 39.13 4.29 -27.51
CA VAL C 367 39.74 3.22 -28.32
C VAL C 367 40.60 2.26 -27.49
N SER C 368 40.90 2.58 -26.22
CA SER C 368 41.63 1.63 -25.37
C SER C 368 40.85 0.34 -25.11
N PHE C 369 39.59 0.29 -25.54
CA PHE C 369 38.81 -0.94 -25.46
C PHE C 369 39.57 -2.07 -26.17
N THR C 370 40.36 -1.75 -27.19
CA THR C 370 41.04 -2.79 -27.92
C THR C 370 42.01 -3.62 -27.08
N ALA C 371 42.47 -3.05 -25.96
CA ALA C 371 43.34 -3.79 -25.03
C ALA C 371 42.65 -5.08 -24.56
N GLU C 372 41.30 -5.10 -24.56
CA GLU C 372 40.52 -6.27 -24.13
C GLU C 372 40.28 -7.29 -25.23
N LEU C 373 40.79 -7.01 -26.45
CA LEU C 373 40.48 -7.84 -27.61
C LEU C 373 41.68 -8.64 -28.15
N LYS C 374 42.74 -8.76 -27.36
CA LYS C 374 43.92 -9.48 -27.84
C LYS C 374 43.58 -10.94 -28.20
N GLY C 375 42.45 -11.44 -27.74
CA GLY C 375 42.06 -12.80 -28.14
C GLY C 375 41.37 -12.95 -29.49
N PHE C 376 41.42 -11.91 -30.32
CA PHE C 376 40.61 -11.90 -31.54
C PHE C 376 41.48 -11.57 -32.76
N SER C 377 41.07 -12.09 -33.92
CA SER C 377 41.71 -11.72 -35.19
C SER C 377 41.50 -10.26 -35.52
N GLU C 378 42.37 -9.75 -36.38
CA GLU C 378 42.28 -8.33 -36.79
C GLU C 378 40.88 -8.07 -37.37
N SER C 379 40.35 -9.00 -38.16
CA SER C 379 39.04 -8.76 -38.76
C SER C 379 37.90 -8.86 -37.77
N ASP C 380 38.02 -9.72 -36.75
CA ASP C 380 37.01 -9.71 -35.68
C ASP C 380 37.05 -8.43 -34.84
N ILE C 381 38.24 -7.89 -34.62
CA ILE C 381 38.36 -6.60 -33.92
C ILE C 381 37.64 -5.52 -34.71
N ARG C 382 37.79 -5.54 -36.04
CA ARG C 382 37.05 -4.58 -36.89
C ARG C 382 35.54 -4.73 -36.75
N LYS C 383 35.04 -5.95 -36.50
CA LYS C 383 33.61 -6.12 -36.30
C LYS C 383 33.22 -5.50 -34.97
N ILE C 384 33.96 -5.85 -33.93
CA ILE C 384 33.61 -5.39 -32.57
C ILE C 384 33.72 -3.86 -32.45
N MET C 385 34.77 -3.30 -33.04
CA MET C 385 34.98 -1.85 -32.94
C MET C 385 34.21 -0.96 -33.89
N ARG C 386 33.63 -1.55 -34.93
CA ARG C 386 32.98 -0.75 -35.94
C ARG C 386 31.82 -1.42 -36.67
N ASP C 387 32.07 -2.58 -37.29
CA ASP C 387 31.03 -3.04 -38.22
C ASP C 387 29.82 -3.70 -37.59
N ASN C 388 29.97 -4.29 -36.40
CA ASN C 388 28.77 -4.85 -35.79
C ASN C 388 27.75 -3.76 -35.47
N ALA C 389 28.23 -2.59 -35.05
CA ALA C 389 27.32 -1.47 -34.75
C ALA C 389 26.61 -1.02 -36.03
N LEU C 390 27.32 -1.01 -37.16
CA LEU C 390 26.70 -0.63 -38.42
C LEU C 390 25.67 -1.68 -38.81
N ASP C 391 25.97 -2.96 -38.53
CA ASP C 391 24.98 -4.02 -38.76
C ASP C 391 23.69 -3.81 -37.92
N LEU C 392 23.88 -3.49 -36.63
CA LEU C 392 22.77 -3.20 -35.74
C LEU C 392 21.86 -2.10 -36.27
N LEU C 393 22.44 -1.01 -36.77
CA LEU C 393 21.64 0.13 -37.18
C LEU C 393 20.97 -0.14 -38.52
N GLY C 394 21.66 -0.92 -39.35
CA GLY C 394 21.25 -1.14 -40.72
C GLY C 394 20.25 -2.28 -40.86
N VAL C 395 19.70 -2.40 -42.06
CA VAL C 395 18.89 -3.55 -42.44
C VAL C 395 19.42 -3.85 -43.85
N GLN C 396 19.97 -5.04 -44.09
CA GLN C 396 20.53 -5.37 -45.43
C GLN C 396 19.43 -5.75 -46.40
N VAL C 397 19.57 -5.35 -47.67
CA VAL C 397 18.52 -5.56 -48.67
C VAL C 397 18.24 -7.07 -48.84
N GLY C 398 19.30 -7.86 -48.66
CA GLY C 398 19.23 -9.34 -48.74
C GLY C 398 18.50 -10.02 -47.60
N SER C 399 18.39 -9.34 -46.45
CA SER C 399 17.58 -9.87 -45.34
C SER C 399 16.09 -9.57 -45.56
N ALA D 4 -55.91 -0.66 15.13
CA ALA D 4 -55.88 -1.52 13.90
C ALA D 4 -56.35 -0.74 12.69
N LEU D 5 -55.47 -0.56 11.72
CA LEU D 5 -55.79 0.23 10.52
C LEU D 5 -56.82 -0.49 9.65
N ASN D 6 -57.54 0.25 8.82
CA ASN D 6 -58.52 -0.41 7.97
C ASN D 6 -58.02 -0.58 6.55
N TYR D 7 -56.71 -0.53 6.38
CA TYR D 7 -56.10 -0.83 5.10
C TYR D 7 -54.82 -1.60 5.39
N ARG D 8 -54.34 -2.34 4.39
CA ARG D 8 -53.09 -3.09 4.55
C ARG D 8 -51.95 -2.15 4.23
N VAL D 9 -50.79 -2.40 4.82
CA VAL D 9 -49.64 -1.49 4.72
C VAL D 9 -48.60 -1.94 3.69
N ILE D 10 -47.66 -1.06 3.40
CA ILE D 10 -46.58 -1.36 2.49
C ILE D 10 -45.28 -1.08 3.26
N ASP D 11 -44.53 -2.16 3.51
CA ASP D 11 -43.37 -2.13 4.40
C ASP D 11 -42.11 -2.08 3.54
N VAL D 12 -41.41 -0.94 3.52
CA VAL D 12 -40.24 -0.77 2.62
C VAL D 12 -38.94 -1.36 3.15
N ASP D 13 -39.00 -1.99 4.30
CA ASP D 13 -37.80 -2.61 4.86
C ASP D 13 -38.12 -3.95 5.48
N ASN D 14 -37.96 -5.01 4.70
CA ASN D 14 -38.07 -6.37 5.23
C ASN D 14 -36.89 -7.17 4.69
N HIS D 15 -36.59 -8.28 5.36
CA HIS D 15 -35.50 -9.14 4.95
C HIS D 15 -35.80 -10.59 4.80
N TYR D 16 -35.00 -11.22 3.95
CA TYR D 16 -34.82 -12.68 3.97
C TYR D 16 -33.45 -12.98 4.53
N TYR D 17 -33.22 -14.24 4.91
CA TYR D 17 -31.89 -14.72 5.18
C TYR D 17 -31.44 -15.64 4.07
N GLU D 18 -30.34 -15.29 3.42
CA GLU D 18 -29.89 -16.02 2.24
C GLU D 18 -29.52 -17.47 2.57
N PRO D 19 -29.91 -18.38 1.69
CA PRO D 19 -29.28 -19.71 1.79
C PRO D 19 -27.81 -19.66 1.44
N LEU D 20 -27.07 -20.73 1.76
CA LEU D 20 -25.61 -20.68 1.59
C LEU D 20 -25.14 -20.51 0.15
N ASP D 21 -26.01 -20.83 -0.81
CA ASP D 21 -25.68 -20.77 -2.23
C ASP D 21 -26.24 -19.52 -2.93
N SER D 22 -26.66 -18.52 -2.16
CA SER D 22 -27.20 -17.31 -2.80
C SER D 22 -26.20 -16.68 -3.80
N PHE D 23 -24.89 -16.71 -3.49
CA PHE D 23 -23.89 -16.10 -4.38
C PHE D 23 -23.16 -17.10 -5.27
N THR D 24 -23.59 -18.37 -5.21
CA THR D 24 -22.84 -19.44 -5.91
C THR D 24 -23.73 -20.27 -6.85
N ARG D 25 -25.02 -20.34 -6.53
CA ARG D 25 -25.89 -21.25 -7.29
C ARG D 25 -25.82 -21.00 -8.81
N HIS D 26 -25.83 -19.72 -9.18
CA HIS D 26 -25.77 -19.26 -10.56
C HIS D 26 -24.51 -18.49 -10.92
N LEU D 27 -23.44 -18.78 -10.20
CA LEU D 27 -22.17 -18.11 -10.42
C LEU D 27 -21.37 -18.80 -11.53
N ASP D 28 -20.90 -17.99 -12.48
CA ASP D 28 -20.03 -18.47 -13.54
C ASP D 28 -18.77 -19.09 -12.94
N LYS D 29 -18.45 -20.32 -13.33
CA LYS D 29 -17.37 -21.09 -12.69
C LYS D 29 -15.99 -20.42 -12.75
N LYS D 30 -15.84 -19.48 -13.67
CA LYS D 30 -14.60 -18.71 -13.74
C LYS D 30 -14.35 -17.95 -12.42
N PHE D 31 -15.42 -17.64 -11.70
CA PHE D 31 -15.29 -16.91 -10.42
C PHE D 31 -15.54 -17.78 -9.20
N LYS D 32 -15.47 -19.09 -9.37
CA LYS D 32 -15.73 -19.97 -8.25
C LYS D 32 -14.84 -19.71 -7.04
N ARG D 33 -13.60 -19.28 -7.24
CA ARG D 33 -12.77 -18.89 -6.11
C ARG D 33 -12.69 -17.37 -5.91
N ARG D 34 -12.77 -16.62 -7.00
CA ARG D 34 -12.69 -15.12 -6.89
C ARG D 34 -13.94 -14.51 -6.21
N GLY D 35 -15.05 -15.23 -6.30
CA GLY D 35 -16.35 -14.82 -5.68
C GLY D 35 -16.48 -15.36 -4.25
N VAL D 36 -17.71 -15.69 -3.88
CA VAL D 36 -17.99 -16.18 -2.54
C VAL D 36 -17.89 -17.71 -2.50
N GLN D 37 -17.21 -18.25 -1.49
CA GLN D 37 -17.19 -19.69 -1.18
C GLN D 37 -17.61 -19.81 0.25
N MET D 38 -18.33 -20.89 0.58
CA MET D 38 -18.59 -21.22 1.95
C MET D 38 -17.72 -22.39 2.34
N LEU D 39 -16.80 -22.15 3.26
CA LEU D 39 -15.80 -23.16 3.67
C LEU D 39 -16.04 -23.50 5.13
N SER D 40 -16.00 -24.80 5.44
CA SER D 40 -16.24 -25.24 6.79
C SER D 40 -15.01 -25.65 7.59
N ASP D 41 -15.03 -25.36 8.88
CA ASP D 41 -13.96 -25.79 9.78
C ASP D 41 -14.36 -26.96 10.66
N GLY D 42 -15.54 -27.53 10.44
CA GLY D 42 -15.95 -28.67 11.25
C GLY D 42 -17.01 -28.31 12.26
N LYS D 43 -16.98 -27.08 12.78
CA LYS D 43 -18.08 -26.61 13.64
C LYS D 43 -18.75 -25.38 13.02
N ARG D 44 -17.98 -24.53 12.36
CA ARG D 44 -18.55 -23.30 11.80
C ARG D 44 -18.32 -23.29 10.30
N THR D 45 -19.19 -22.54 9.60
CA THR D 45 -19.06 -22.26 8.18
C THR D 45 -18.67 -20.79 8.06
N TRP D 46 -17.79 -20.48 7.12
CA TRP D 46 -17.23 -19.15 6.95
C TRP D 46 -17.42 -18.76 5.53
N ALA D 47 -17.84 -17.52 5.30
CA ALA D 47 -17.87 -17.00 3.94
C ALA D 47 -16.46 -16.57 3.63
N VAL D 48 -15.91 -17.10 2.55
CA VAL D 48 -14.55 -16.81 2.13
C VAL D 48 -14.71 -16.17 0.77
N ILE D 49 -14.37 -14.89 0.69
CA ILE D 49 -14.69 -14.11 -0.48
C ILE D 49 -13.39 -13.60 -1.06
N GLY D 50 -13.19 -13.87 -2.35
CA GLY D 50 -11.89 -13.61 -2.99
C GLY D 50 -10.74 -14.17 -2.18
N ASP D 51 -10.92 -15.40 -1.68
CA ASP D 51 -9.87 -16.10 -0.88
C ASP D 51 -9.55 -15.49 0.49
N ARG D 52 -10.39 -14.57 0.96
CA ARG D 52 -10.23 -14.00 2.29
C ARG D 52 -11.47 -14.27 3.16
N VAL D 53 -11.26 -14.77 4.37
CA VAL D 53 -12.40 -15.02 5.27
C VAL D 53 -13.08 -13.67 5.56
N ASN D 54 -14.41 -13.64 5.39
CA ASN D 54 -15.19 -12.44 5.61
C ASN D 54 -15.93 -12.53 6.95
N HIS D 55 -16.13 -11.39 7.61
CA HIS D 55 -16.73 -11.35 8.92
C HIS D 55 -17.95 -10.47 9.03
N PHE D 56 -18.59 -10.19 7.91
CA PHE D 56 -19.76 -9.33 7.98
C PHE D 56 -20.92 -9.94 8.75
N ILE D 57 -21.19 -11.22 8.49
CA ILE D 57 -22.23 -12.00 9.18
C ILE D 57 -21.50 -13.01 10.07
N PRO D 58 -21.78 -13.00 11.39
CA PRO D 58 -21.12 -13.94 12.29
C PRO D 58 -21.42 -15.40 11.98
N ASN D 59 -22.60 -15.68 11.42
CA ASN D 59 -22.92 -17.07 11.06
C ASN D 59 -23.73 -17.14 9.77
N PRO D 60 -23.06 -17.40 8.64
CA PRO D 60 -23.73 -17.35 7.35
C PRO D 60 -24.77 -18.46 7.15
N THR D 61 -24.82 -19.45 8.04
CA THR D 61 -25.90 -20.46 7.96
C THR D 61 -27.20 -19.89 8.53
N PHE D 62 -27.09 -18.76 9.25
CA PHE D 62 -28.29 -18.14 9.91
C PHE D 62 -29.08 -19.09 10.84
N ASP D 63 -28.39 -20.01 11.49
CA ASP D 63 -29.01 -20.97 12.40
C ASP D 63 -28.04 -21.28 13.54
N PRO D 64 -28.42 -20.96 14.79
CA PRO D 64 -29.70 -20.38 15.16
C PRO D 64 -29.82 -18.91 14.74
N ILE D 65 -31.04 -18.37 14.88
CA ILE D 65 -31.37 -17.07 14.32
C ILE D 65 -32.01 -16.17 15.36
N ILE D 66 -31.60 -14.90 15.36
CA ILE D 66 -32.11 -13.91 16.31
C ILE D 66 -33.63 -13.76 16.29
N VAL D 67 -34.23 -13.52 17.47
CA VAL D 67 -35.67 -13.22 17.58
C VAL D 67 -35.98 -11.80 17.08
N PRO D 68 -36.99 -11.65 16.22
CA PRO D 68 -37.28 -10.30 15.73
C PRO D 68 -37.54 -9.32 16.87
N GLY D 69 -36.91 -8.16 16.78
CA GLY D 69 -37.17 -7.11 17.75
C GLY D 69 -36.47 -7.27 19.10
N CYS D 70 -35.76 -8.36 19.32
CA CYS D 70 -35.18 -8.55 20.65
C CYS D 70 -34.05 -7.56 20.94
N LEU D 71 -33.46 -6.96 19.92
CA LEU D 71 -32.41 -5.95 20.15
C LEU D 71 -32.98 -4.55 20.12
N ASP D 72 -34.30 -4.44 20.13
CA ASP D 72 -34.97 -3.16 19.95
C ASP D 72 -34.53 -2.12 20.96
N LEU D 73 -34.77 -2.40 22.24
CA LEU D 73 -34.41 -1.47 23.30
C LEU D 73 -32.89 -1.31 23.41
N LEU D 74 -32.14 -2.18 22.73
CA LEU D 74 -30.68 -2.10 22.70
C LEU D 74 -30.15 -1.12 21.65
N PHE D 75 -30.75 -1.12 20.45
CA PHE D 75 -30.39 -0.17 19.38
CA PHE D 75 -30.36 -0.18 19.41
C PHE D 75 -30.98 1.19 19.68
N ARG D 76 -32.07 1.20 20.45
CA ARG D 76 -32.75 2.43 20.88
C ARG D 76 -31.95 3.15 21.96
N GLY D 77 -31.17 2.39 22.71
CA GLY D 77 -30.40 2.92 23.84
C GLY D 77 -31.13 2.77 25.17
N GLU D 78 -32.46 2.65 25.09
CA GLU D 78 -33.31 2.59 26.28
C GLU D 78 -33.23 1.28 27.06
N ILE D 79 -32.01 0.81 27.35
CA ILE D 79 -31.82 -0.37 28.17
C ILE D 79 -31.92 0.01 29.65
N PRO D 80 -32.87 -0.60 30.38
CA PRO D 80 -33.04 -0.28 31.79
C PRO D 80 -31.75 -0.48 32.59
N ASP D 81 -31.49 0.42 33.53
CA ASP D 81 -30.28 0.38 34.37
C ASP D 81 -30.09 -0.96 35.07
N GLY D 82 -28.90 -1.53 34.93
CA GLY D 82 -28.53 -2.73 35.69
C GLY D 82 -28.66 -4.02 34.91
N VAL D 83 -29.36 -3.96 33.78
CA VAL D 83 -29.59 -5.12 32.92
C VAL D 83 -28.39 -5.38 32.00
N ASP D 84 -28.00 -6.65 31.88
CA ASP D 84 -26.90 -7.04 31.00
C ASP D 84 -27.37 -7.10 29.54
N PRO D 85 -26.72 -6.32 28.65
CA PRO D 85 -27.12 -6.24 27.24
C PRO D 85 -27.11 -7.58 26.50
N ALA D 86 -26.11 -8.42 26.76
CA ALA D 86 -26.03 -9.72 26.11
C ALA D 86 -27.18 -10.63 26.54
N SER D 87 -28.00 -10.15 27.46
CA SER D 87 -29.15 -10.90 27.97
C SER D 87 -30.42 -10.64 27.15
N LEU D 88 -30.49 -9.51 26.46
CA LEU D 88 -31.66 -9.17 25.63
C LEU D 88 -31.73 -10.05 24.39
N MET D 89 -30.56 -10.53 23.96
CA MET D 89 -30.44 -11.35 22.78
C MET D 89 -30.96 -12.78 22.95
N LYS D 90 -31.99 -13.14 22.19
CA LYS D 90 -32.51 -14.50 22.19
C LYS D 90 -32.48 -15.03 20.77
N VAL D 91 -32.31 -16.35 20.61
CA VAL D 91 -32.27 -16.96 19.30
C VAL D 91 -33.27 -18.11 19.22
N GLU D 92 -33.62 -18.48 18.00
CA GLU D 92 -34.53 -19.59 17.77
C GLU D 92 -33.94 -20.45 16.68
N ARG D 93 -34.54 -21.61 16.49
CA ARG D 93 -34.11 -22.46 15.42
C ARG D 93 -34.63 -21.88 14.14
N LEU D 94 -33.75 -21.80 13.15
CA LEU D 94 -34.15 -21.35 11.86
C LEU D 94 -35.31 -22.26 11.47
N ALA D 95 -35.41 -23.41 12.13
CA ALA D 95 -36.44 -24.43 11.86
C ALA D 95 -37.83 -23.91 12.07
N ASP D 96 -38.02 -23.20 13.17
CA ASP D 96 -39.34 -22.70 13.44
C ASP D 96 -39.77 -21.61 12.42
N HIS D 97 -38.87 -21.15 11.55
CA HIS D 97 -39.22 -19.98 10.69
C HIS D 97 -38.98 -20.03 9.22
N PRO D 98 -39.70 -20.94 8.53
CA PRO D 98 -39.51 -21.07 7.10
C PRO D 98 -39.80 -19.78 6.33
N GLU D 99 -40.63 -18.90 6.88
CA GLU D 99 -40.96 -17.62 6.23
C GLU D 99 -39.73 -16.69 6.02
N TYR D 100 -38.62 -16.99 6.68
CA TYR D 100 -37.37 -16.23 6.47
C TYR D 100 -36.72 -16.57 5.13
N GLN D 101 -37.11 -17.70 4.53
CA GLN D 101 -36.39 -18.20 3.33
C GLN D 101 -37.29 -18.75 2.25
N ASN D 102 -38.58 -18.90 2.54
CA ASN D 102 -39.50 -19.50 1.60
C ASN D 102 -40.61 -18.54 1.31
N ARG D 103 -40.85 -18.26 0.01
CA ARG D 103 -41.78 -17.19 -0.34
C ARG D 103 -43.23 -17.56 0.09
N ASP D 104 -43.67 -18.78 -0.22
CA ASP D 104 -45.02 -19.15 0.19
C ASP D 104 -45.25 -18.93 1.69
N ALA D 105 -44.31 -19.41 2.51
CA ALA D 105 -44.43 -19.26 3.96
C ALA D 105 -44.41 -17.79 4.36
N ARG D 106 -43.67 -16.97 3.61
CA ARG D 106 -43.58 -15.54 3.97
C ARG D 106 -44.89 -14.80 3.65
N ILE D 107 -45.53 -15.19 2.52
CA ILE D 107 -46.83 -14.61 2.16
C ILE D 107 -47.85 -14.89 3.28
N ALA D 108 -47.84 -16.10 3.84
CA ALA D 108 -48.79 -16.44 4.91
C ALA D 108 -48.55 -15.53 6.12
N VAL D 109 -47.29 -15.33 6.46
CA VAL D 109 -46.94 -14.45 7.57
C VAL D 109 -47.30 -12.98 7.25
N MET D 110 -47.08 -12.53 6.02
CA MET D 110 -47.48 -11.18 5.65
C MET D 110 -48.97 -10.95 5.80
N ASP D 111 -49.75 -11.98 5.51
CA ASP D 111 -51.19 -11.87 5.68
C ASP D 111 -51.53 -11.63 7.15
N GLU D 112 -50.89 -12.39 8.05
CA GLU D 112 -51.05 -12.19 9.49
C GLU D 112 -50.61 -10.80 9.92
N GLN D 113 -49.55 -10.28 9.30
CA GLN D 113 -48.98 -9.01 9.71
C GLN D 113 -49.76 -7.83 9.15
N ASP D 114 -50.66 -8.14 8.23
CA ASP D 114 -51.44 -7.17 7.46
C ASP D 114 -50.61 -6.29 6.52
N ILE D 115 -49.60 -6.90 5.91
CA ILE D 115 -48.78 -6.20 4.94
C ILE D 115 -49.23 -6.60 3.54
N GLU D 116 -49.58 -5.62 2.71
CA GLU D 116 -49.96 -5.94 1.34
C GLU D 116 -48.70 -6.14 0.48
N THR D 117 -47.73 -5.24 0.59
CA THR D 117 -46.47 -5.38 -0.18
C THR D 117 -45.28 -5.11 0.73
N ALA D 118 -44.29 -6.00 0.67
CA ALA D 118 -43.04 -5.80 1.41
C ALA D 118 -41.88 -5.68 0.41
N PHE D 119 -40.92 -4.83 0.72
CA PHE D 119 -39.68 -4.77 -0.03
C PHE D 119 -38.77 -5.77 0.68
N MET D 120 -38.27 -6.76 -0.06
CA MET D 120 -37.48 -7.85 0.51
C MET D 120 -36.06 -7.60 0.10
N LEU D 121 -35.23 -7.42 1.14
CA LEU D 121 -33.89 -6.87 0.97
C LEU D 121 -32.87 -7.86 1.51
N PRO D 122 -31.60 -7.81 1.02
CA PRO D 122 -30.61 -8.80 1.46
C PRO D 122 -30.19 -8.64 2.91
N THR D 123 -29.57 -9.70 3.42
CA THR D 123 -28.91 -9.63 4.70
C THR D 123 -27.43 -9.85 4.44
N PHE D 124 -27.03 -11.10 4.17
CA PHE D 124 -25.61 -11.37 3.82
C PHE D 124 -25.16 -10.55 2.61
N GLY D 125 -26.06 -10.33 1.65
CA GLY D 125 -25.72 -9.68 0.40
C GLY D 125 -25.18 -8.26 0.59
N CYS D 126 -25.58 -7.61 1.68
CA CYS D 126 -25.12 -6.20 1.95
C CYS D 126 -23.66 -6.08 2.36
N GLY D 127 -22.97 -7.22 2.49
CA GLY D 127 -21.53 -7.22 2.90
C GLY D 127 -20.57 -7.69 1.81
N VAL D 128 -21.10 -8.20 0.71
CA VAL D 128 -20.26 -8.88 -0.28
C VAL D 128 -19.48 -7.89 -1.16
N GLU D 129 -20.09 -6.76 -1.53
CA GLU D 129 -19.39 -5.85 -2.41
C GLU D 129 -18.14 -5.25 -1.77
N GLU D 130 -18.18 -5.00 -0.47
CA GLU D 130 -16.95 -4.46 0.16
C GLU D 130 -15.84 -5.47 0.01
N ALA D 131 -16.18 -6.75 0.21
CA ALA D 131 -15.20 -7.82 0.17
C ALA D 131 -14.62 -8.02 -1.23
N LEU D 132 -15.39 -7.66 -2.25
CA LEU D 132 -14.96 -7.78 -3.66
C LEU D 132 -14.49 -6.47 -4.33
N LYS D 133 -14.24 -5.43 -3.53
CA LYS D 133 -13.97 -4.11 -4.11
C LYS D 133 -12.64 -4.05 -4.88
N HIS D 134 -11.82 -5.06 -4.68
CA HIS D 134 -10.54 -5.20 -5.39
C HIS D 134 -10.61 -6.08 -6.62
N ASP D 135 -11.77 -6.66 -6.91
CA ASP D 135 -11.92 -7.52 -8.06
C ASP D 135 -13.20 -7.12 -8.80
N ILE D 136 -13.07 -6.22 -9.77
CA ILE D 136 -14.23 -5.68 -10.44
C ILE D 136 -15.00 -6.77 -11.20
N GLU D 137 -14.27 -7.65 -11.88
CA GLU D 137 -14.96 -8.66 -12.67
C GLU D 137 -15.72 -9.63 -11.78
N ALA D 138 -15.10 -10.01 -10.67
CA ALA D 138 -15.78 -10.89 -9.68
C ALA D 138 -16.97 -10.20 -9.03
N THR D 139 -16.85 -8.88 -8.78
CA THR D 139 -18.00 -8.09 -8.31
C THR D 139 -19.17 -8.22 -9.26
N MET D 140 -18.94 -7.93 -10.54
CA MET D 140 -20.08 -7.90 -11.45
C MET D 140 -20.70 -9.30 -11.62
N ALA D 141 -19.85 -10.31 -11.69
CA ALA D 141 -20.32 -11.69 -11.84
C ALA D 141 -21.08 -12.15 -10.60
N SER D 142 -20.59 -11.78 -9.41
CA SER D 142 -21.25 -12.18 -8.17
C SER D 142 -22.58 -11.49 -7.97
N VAL D 143 -22.66 -10.20 -8.29
CA VAL D 143 -23.94 -9.47 -8.22
C VAL D 143 -24.93 -10.14 -9.17
N HIS D 144 -24.49 -10.53 -10.37
CA HIS D 144 -25.43 -11.15 -11.31
C HIS D 144 -25.88 -12.49 -10.81
N ALA D 145 -24.96 -13.29 -10.30
CA ALA D 145 -25.33 -14.58 -9.71
C ALA D 145 -26.37 -14.39 -8.61
N PHE D 146 -26.14 -13.42 -7.74
CA PHE D 146 -27.06 -13.17 -6.66
C PHE D 146 -28.44 -12.75 -7.20
N ASN D 147 -28.45 -11.93 -8.25
CA ASN D 147 -29.72 -11.44 -8.76
C ASN D 147 -30.54 -12.62 -9.38
N LEU D 148 -29.83 -13.54 -10.02
CA LEU D 148 -30.48 -14.75 -10.55
C LEU D 148 -31.04 -15.61 -9.42
N TRP D 149 -30.27 -15.78 -8.36
CA TRP D 149 -30.78 -16.47 -7.19
C TRP D 149 -32.02 -15.77 -6.66
N LEU D 150 -31.93 -14.47 -6.51
CA LEU D 150 -33.02 -13.72 -5.91
C LEU D 150 -34.34 -13.86 -6.70
N ASP D 151 -34.25 -13.70 -8.02
CA ASP D 151 -35.46 -13.81 -8.86
C ASP D 151 -36.05 -15.22 -8.76
N GLU D 152 -35.19 -16.22 -8.54
CA GLU D 152 -35.63 -17.63 -8.44
C GLU D 152 -36.32 -17.95 -7.11
N ASP D 153 -35.74 -17.54 -5.99
CA ASP D 153 -36.32 -17.90 -4.71
C ASP D 153 -37.42 -16.92 -4.29
N TRP D 154 -37.27 -15.65 -4.67
CA TRP D 154 -38.16 -14.57 -4.20
C TRP D 154 -38.95 -13.96 -5.32
N GLY D 155 -38.30 -13.67 -6.45
CA GLY D 155 -38.93 -13.01 -7.58
C GLY D 155 -38.89 -11.50 -7.44
N PHE D 156 -38.34 -10.82 -8.43
CA PHE D 156 -38.28 -9.35 -8.36
C PHE D 156 -39.65 -8.73 -8.12
N ASP D 157 -40.68 -9.24 -8.81
CA ASP D 157 -42.05 -8.77 -8.63
C ASP D 157 -43.06 -9.74 -9.26
N ARG D 158 -43.35 -10.83 -8.55
CA ARG D 158 -44.29 -11.87 -9.06
C ARG D 158 -45.70 -11.30 -9.14
N PRO D 159 -46.55 -11.91 -9.99
CA PRO D 159 -47.86 -11.38 -10.30
C PRO D 159 -48.76 -11.02 -9.12
N ASP D 160 -48.60 -11.70 -7.98
CA ASP D 160 -49.40 -11.36 -6.82
C ASP D 160 -49.07 -9.96 -6.23
N HIS D 161 -47.96 -9.38 -6.69
CA HIS D 161 -47.56 -8.05 -6.25
C HIS D 161 -47.46 -7.88 -4.76
N ARG D 162 -47.18 -8.98 -4.06
CA ARG D 162 -46.96 -8.97 -2.62
C ARG D 162 -45.49 -8.64 -2.23
N ILE D 163 -44.55 -8.96 -3.10
CA ILE D 163 -43.13 -8.85 -2.73
C ILE D 163 -42.36 -8.14 -3.83
N ILE D 164 -41.68 -7.05 -3.44
CA ILE D 164 -40.75 -6.37 -4.31
C ILE D 164 -39.37 -6.77 -3.82
N ALA D 165 -38.75 -7.74 -4.49
CA ALA D 165 -37.40 -8.18 -4.11
C ALA D 165 -36.41 -7.36 -4.91
N ALA D 166 -35.58 -6.58 -4.23
CA ALA D 166 -34.74 -5.62 -4.95
C ALA D 166 -33.40 -6.26 -5.27
N PRO D 167 -33.07 -6.41 -6.57
CA PRO D 167 -31.72 -6.91 -6.95
C PRO D 167 -30.65 -5.83 -6.64
N ILE D 168 -29.40 -6.26 -6.65
CA ILE D 168 -28.30 -5.33 -6.43
C ILE D 168 -27.75 -4.90 -7.78
N VAL D 169 -27.44 -3.62 -7.91
CA VAL D 169 -26.69 -3.16 -9.06
C VAL D 169 -25.38 -2.59 -8.54
N SER D 170 -24.25 -3.12 -9.01
CA SER D 170 -22.94 -2.49 -8.76
C SER D 170 -22.53 -1.64 -9.97
N LEU D 171 -22.04 -0.44 -9.71
CA LEU D 171 -21.53 0.46 -10.75
CA LEU D 171 -21.54 0.42 -10.79
C LEU D 171 -20.04 0.24 -11.03
N ALA D 172 -19.47 -0.80 -10.45
CA ALA D 172 -18.00 -0.99 -10.53
C ALA D 172 -17.43 -1.05 -11.94
N ASP D 173 -18.13 -1.73 -12.83
CA ASP D 173 -17.88 -1.67 -14.27
C ASP D 173 -19.12 -1.02 -14.86
N PRO D 174 -19.05 0.29 -15.20
CA PRO D 174 -20.27 1.00 -15.64
C PRO D 174 -20.94 0.43 -16.90
N THR D 175 -20.16 -0.08 -17.84
CA THR D 175 -20.73 -0.69 -19.06
C THR D 175 -21.50 -1.97 -18.72
N ARG D 176 -20.90 -2.84 -17.92
CA ARG D 176 -21.57 -4.06 -17.47
CA ARG D 176 -21.57 -4.06 -17.49
C ARG D 176 -22.75 -3.74 -16.56
N ALA D 177 -22.67 -2.64 -15.81
CA ALA D 177 -23.76 -2.27 -14.96
C ALA D 177 -25.02 -1.95 -15.77
N VAL D 178 -24.84 -1.33 -16.95
CA VAL D 178 -25.97 -1.07 -17.81
C VAL D 178 -26.60 -2.40 -18.22
N GLU D 179 -25.76 -3.39 -18.52
CA GLU D 179 -26.27 -4.72 -18.85
C GLU D 179 -27.05 -5.29 -17.66
N GLU D 180 -26.56 -5.10 -16.44
CA GLU D 180 -27.29 -5.64 -15.29
C GLU D 180 -28.61 -4.95 -15.09
N VAL D 181 -28.62 -3.63 -15.25
CA VAL D 181 -29.87 -2.88 -15.16
C VAL D 181 -30.85 -3.37 -16.23
N ASP D 182 -30.37 -3.53 -17.46
CA ASP D 182 -31.29 -4.01 -18.53
C ASP D 182 -31.88 -5.37 -18.19
N PHE D 183 -31.02 -6.25 -17.68
CA PHE D 183 -31.46 -7.57 -17.24
C PHE D 183 -32.53 -7.48 -16.14
N VAL D 184 -32.27 -6.75 -15.06
CA VAL D 184 -33.29 -6.71 -14.02
C VAL D 184 -34.60 -6.03 -14.42
N LEU D 185 -34.52 -5.00 -15.25
CA LEU D 185 -35.71 -4.31 -15.71
C LEU D 185 -36.53 -5.28 -16.58
N ALA D 186 -35.84 -6.07 -17.42
CA ALA D 186 -36.54 -7.05 -18.30
C ALA D 186 -37.27 -8.07 -17.44
N ARG D 187 -36.75 -8.33 -16.25
CA ARG D 187 -37.37 -9.28 -15.34
C ARG D 187 -38.35 -8.61 -14.39
N GLY D 188 -38.63 -7.35 -14.63
CA GLY D 188 -39.66 -6.65 -13.89
C GLY D 188 -39.28 -6.05 -12.55
N ALA D 189 -37.98 -5.86 -12.31
CA ALA D 189 -37.59 -5.25 -11.04
C ALA D 189 -38.22 -3.87 -10.89
N LYS D 190 -38.67 -3.59 -9.67
CA LYS D 190 -39.38 -2.32 -9.39
C LYS D 190 -38.54 -1.40 -8.48
N LEU D 191 -37.44 -1.95 -7.98
CA LEU D 191 -36.55 -1.22 -7.06
C LEU D 191 -35.19 -1.89 -7.22
N VAL D 192 -34.08 -1.12 -7.23
CA VAL D 192 -32.75 -1.76 -7.27
C VAL D 192 -31.95 -1.19 -6.11
N LEU D 193 -31.00 -1.97 -5.60
CA LEU D 193 -30.11 -1.50 -4.51
C LEU D 193 -28.73 -1.19 -5.04
N VAL D 194 -28.31 0.04 -4.80
CA VAL D 194 -26.93 0.40 -5.03
C VAL D 194 -26.28 0.63 -3.66
N ARG D 195 -25.07 0.14 -3.46
CA ARG D 195 -24.47 0.22 -2.12
C ARG D 195 -24.13 1.69 -1.79
N PRO D 196 -24.51 2.13 -0.59
CA PRO D 196 -24.14 3.51 -0.17
C PRO D 196 -22.67 3.59 0.20
N ALA D 197 -21.84 3.67 -0.82
CA ALA D 197 -20.39 3.62 -0.63
C ALA D 197 -19.69 4.05 -1.89
N PRO D 198 -18.40 4.40 -1.78
CA PRO D 198 -17.69 4.72 -3.00
C PRO D 198 -17.84 3.55 -4.02
N VAL D 199 -17.88 3.88 -5.28
CA VAL D 199 -17.98 2.86 -6.33
C VAL D 199 -16.56 2.35 -6.65
N PRO D 200 -16.31 1.03 -6.47
CA PRO D 200 -15.00 0.47 -6.76
C PRO D 200 -14.61 0.67 -8.22
N GLY D 201 -13.31 0.89 -8.50
CA GLY D 201 -12.89 1.06 -9.90
C GLY D 201 -11.59 0.33 -10.20
N LEU D 202 -11.31 0.12 -11.48
CA LEU D 202 -10.07 -0.58 -11.86
C LEU D 202 -8.86 0.24 -11.47
N VAL D 203 -8.95 1.53 -11.72
CA VAL D 203 -7.86 2.45 -11.51
C VAL D 203 -7.95 3.06 -10.11
N LYS D 204 -9.15 3.52 -9.74
CA LYS D 204 -9.38 4.16 -8.46
C LYS D 204 -10.90 4.21 -8.22
N PRO D 205 -11.33 4.44 -6.98
CA PRO D 205 -12.77 4.47 -6.69
C PRO D 205 -13.40 5.72 -7.30
N ARG D 206 -14.72 5.70 -7.43
CA ARG D 206 -15.46 6.81 -8.02
C ARG D 206 -16.59 7.26 -7.13
N SER D 207 -16.90 8.55 -7.24
CA SER D 207 -18.11 9.12 -6.74
C SER D 207 -19.36 8.48 -7.39
N LEU D 208 -20.46 8.38 -6.64
CA LEU D 208 -21.71 7.88 -7.23
C LEU D 208 -22.09 8.78 -8.40
N GLY D 209 -21.71 10.05 -8.33
CA GLY D 209 -22.05 10.99 -9.42
C GLY D 209 -20.99 11.14 -10.47
N ASP D 210 -20.04 10.21 -10.55
CA ASP D 210 -19.10 10.19 -11.65
C ASP D 210 -19.91 10.20 -12.96
N ARG D 211 -19.48 10.96 -13.96
CA ARG D 211 -20.16 11.00 -15.26
C ARG D 211 -20.29 9.66 -15.98
N SER D 212 -19.34 8.74 -15.78
CA SER D 212 -19.39 7.39 -16.39
C SER D 212 -20.61 6.59 -15.91
N HIS D 213 -21.27 7.07 -14.85
CA HIS D 213 -22.45 6.39 -14.29
C HIS D 213 -23.74 6.89 -14.87
N ASP D 214 -23.66 7.96 -15.67
CA ASP D 214 -24.88 8.51 -16.23
C ASP D 214 -25.80 7.50 -16.98
N PRO D 215 -25.22 6.58 -17.78
CA PRO D 215 -26.08 5.61 -18.48
C PRO D 215 -26.88 4.75 -17.54
N VAL D 216 -26.31 4.37 -16.39
CA VAL D 216 -27.07 3.66 -15.40
C VAL D 216 -28.22 4.49 -14.78
N TRP D 217 -27.90 5.70 -14.33
CA TRP D 217 -28.94 6.55 -13.77
C TRP D 217 -30.04 6.85 -14.78
N ALA D 218 -29.67 7.08 -16.03
CA ALA D 218 -30.69 7.34 -17.07
C ALA D 218 -31.62 6.14 -17.27
N ARG D 219 -31.07 4.93 -17.29
CA ARG D 219 -31.92 3.74 -17.42
C ARG D 219 -32.96 3.69 -16.29
N LEU D 220 -32.49 3.79 -15.05
CA LEU D 220 -33.41 3.76 -13.91
C LEU D 220 -34.39 4.91 -13.97
N ALA D 221 -33.90 6.11 -14.24
CA ALA D 221 -34.80 7.26 -14.22
C ALA D 221 -35.90 7.12 -15.28
N GLU D 222 -35.51 6.73 -16.49
CA GLU D 222 -36.48 6.60 -17.60
C GLU D 222 -37.49 5.49 -17.36
N ALA D 223 -37.08 4.47 -16.62
CA ALA D 223 -37.96 3.36 -16.30
C ALA D 223 -38.84 3.61 -15.09
N GLY D 224 -38.56 4.68 -14.33
CA GLY D 224 -39.33 5.01 -13.14
C GLY D 224 -39.00 4.11 -11.96
N VAL D 225 -37.81 3.51 -12.00
CA VAL D 225 -37.38 2.55 -10.96
C VAL D 225 -36.42 3.26 -9.99
N PRO D 226 -36.80 3.31 -8.71
CA PRO D 226 -35.94 4.04 -7.76
C PRO D 226 -34.66 3.26 -7.44
N VAL D 227 -33.65 3.98 -6.99
CA VAL D 227 -32.42 3.35 -6.47
C VAL D 227 -32.55 3.36 -4.95
N GLY D 228 -32.39 2.18 -4.34
CA GLY D 228 -32.41 2.12 -2.89
C GLY D 228 -31.02 2.07 -2.31
N PHE D 229 -30.81 2.77 -1.20
CA PHE D 229 -29.52 2.69 -0.49
C PHE D 229 -29.81 2.14 0.90
N HIS D 230 -29.49 0.86 1.09
CA HIS D 230 -29.65 0.21 2.39
C HIS D 230 -28.34 0.11 3.11
N LEU D 231 -28.42 0.24 4.43
CA LEU D 231 -27.25 0.06 5.32
C LEU D 231 -26.47 -1.19 4.91
N SER D 232 -25.14 -1.04 4.78
CA SER D 232 -24.30 -2.07 4.20
C SER D 232 -22.93 -2.04 4.86
N ASP D 233 -22.09 -2.99 4.49
CA ASP D 233 -20.64 -2.77 4.70
C ASP D 233 -20.19 -1.80 3.62
N SER D 234 -20.01 -0.54 4.02
CA SER D 234 -19.62 0.52 3.12
C SER D 234 -18.13 0.87 3.24
N GLY D 235 -17.42 0.06 4.03
CA GLY D 235 -15.95 0.22 4.18
C GLY D 235 -15.56 1.31 5.17
N TYR D 236 -16.52 1.80 5.97
CA TYR D 236 -16.25 2.90 6.90
C TYR D 236 -15.46 2.48 8.14
N LEU D 237 -15.25 1.19 8.33
CA LEU D 237 -14.23 0.77 9.29
C LEU D 237 -12.82 1.30 8.98
N HIS D 238 -12.55 1.78 7.76
CA HIS D 238 -11.25 2.39 7.50
C HIS D 238 -11.00 3.63 8.35
N ILE D 239 -12.04 4.22 8.94
CA ILE D 239 -11.81 5.38 9.82
C ILE D 239 -11.27 4.90 11.17
N ALA D 240 -11.91 3.90 11.76
CA ALA D 240 -11.36 3.27 12.95
C ALA D 240 -9.92 2.79 12.68
N ALA D 241 -9.67 2.19 11.52
CA ALA D 241 -8.30 1.75 11.15
C ALA D 241 -7.30 2.88 11.25
N ALA D 242 -7.68 4.05 10.75
CA ALA D 242 -6.78 5.20 10.76
C ALA D 242 -6.43 5.60 12.20
N TRP D 243 -7.33 5.33 13.13
CA TRP D 243 -7.17 5.66 14.56
C TRP D 243 -6.57 4.50 15.28
N GLY D 244 -5.96 3.58 14.54
CA GLY D 244 -5.29 2.40 15.10
C GLY D 244 -6.21 1.22 15.37
N GLY D 245 -7.42 1.27 14.83
CA GLY D 245 -8.41 0.22 15.07
C GLY D 245 -8.25 -1.02 14.20
N LYS D 255 -15.67 -5.99 20.76
CA LYS D 255 -15.65 -4.88 19.81
C LYS D 255 -15.18 -3.58 20.47
N ASP D 256 -14.12 -2.99 19.92
CA ASP D 256 -13.67 -1.67 20.36
C ASP D 256 -14.81 -0.67 20.20
N PRO D 257 -15.31 -0.11 21.31
CA PRO D 257 -16.46 0.80 21.27
C PRO D 257 -16.21 2.09 20.47
N LEU D 258 -14.95 2.38 20.16
CA LEU D 258 -14.67 3.59 19.41
C LEU D 258 -15.11 3.39 17.96
N ASP D 259 -15.02 2.16 17.50
CA ASP D 259 -15.23 1.88 16.06
C ASP D 259 -16.57 2.40 15.59
N GLN D 260 -17.63 2.14 16.34
CA GLN D 260 -18.97 2.56 15.93
C GLN D 260 -19.21 4.03 16.17
N VAL D 261 -18.56 4.63 17.17
CA VAL D 261 -18.71 6.06 17.35
C VAL D 261 -18.15 6.84 16.12
N LEU D 262 -17.13 6.28 15.47
CA LEU D 262 -16.55 6.86 14.27
C LEU D 262 -17.32 6.52 12.98
N LEU D 263 -18.27 5.60 13.11
CA LEU D 263 -18.91 5.05 11.94
C LEU D 263 -20.32 5.65 11.79
N ASP D 264 -21.17 5.32 12.75
CA ASP D 264 -22.57 5.76 12.81
C ASP D 264 -23.22 5.83 11.44
N ASP D 265 -23.74 7.01 11.10
CA ASP D 265 -24.47 7.17 9.85
C ASP D 265 -23.68 7.95 8.78
N ARG D 266 -22.36 7.84 8.82
CA ARG D 266 -21.53 8.58 7.87
C ARG D 266 -21.73 8.10 6.43
N ALA D 267 -21.94 6.80 6.25
CA ALA D 267 -22.01 6.29 4.89
C ALA D 267 -23.22 6.89 4.13
N ILE D 268 -24.40 6.98 4.77
CA ILE D 268 -25.57 7.50 4.01
C ILE D 268 -25.41 9.00 3.79
N HIS D 269 -24.81 9.67 4.80
CA HIS D 269 -24.56 11.09 4.64
C HIS D 269 -23.72 11.33 3.42
N ASP D 270 -22.61 10.60 3.31
CA ASP D 270 -21.64 10.83 2.26
C ASP D 270 -22.19 10.36 0.93
N THR D 271 -22.97 9.28 0.92
CA THR D 271 -23.60 8.78 -0.31
C THR D 271 -24.53 9.83 -0.90
N MET D 272 -25.38 10.38 -0.05
CA MET D 272 -26.32 11.40 -0.52
C MET D 272 -25.58 12.66 -0.92
N ALA D 273 -24.50 13.00 -0.20
CA ALA D 273 -23.68 14.15 -0.62
C ALA D 273 -23.08 13.91 -2.01
N SER D 274 -22.57 12.71 -2.26
CA SER D 274 -21.99 12.35 -3.54
C SER D 274 -23.01 12.48 -4.67
N MET D 275 -24.19 11.89 -4.47
CA MET D 275 -25.30 11.93 -5.45
C MET D 275 -25.65 13.38 -5.79
N ILE D 276 -25.85 14.17 -4.74
CA ILE D 276 -26.40 15.53 -4.89
C ILE D 276 -25.33 16.49 -5.42
N VAL D 277 -24.20 16.60 -4.69
CA VAL D 277 -23.16 17.57 -5.05
C VAL D 277 -22.62 17.32 -6.45
N HIS D 278 -22.43 16.06 -6.83
CA HIS D 278 -21.89 15.73 -8.16
C HIS D 278 -22.94 15.68 -9.23
N GLY D 279 -24.14 16.13 -8.90
CA GLY D 279 -25.13 16.45 -9.93
C GLY D 279 -25.96 15.32 -10.50
N VAL D 280 -26.07 14.21 -9.78
CA VAL D 280 -26.87 13.11 -10.29
C VAL D 280 -28.33 13.52 -10.54
N PHE D 281 -28.93 14.23 -9.58
CA PHE D 281 -30.32 14.69 -9.73
C PHE D 281 -30.48 15.87 -10.69
N THR D 282 -29.41 16.64 -10.88
CA THR D 282 -29.40 17.73 -11.88
C THR D 282 -29.51 17.16 -13.29
N ARG D 283 -28.70 16.13 -13.55
CA ARG D 283 -28.64 15.48 -14.86
C ARG D 283 -29.81 14.51 -15.06
N HIS D 284 -30.35 14.00 -13.96
CA HIS D 284 -31.45 13.05 -13.96
C HIS D 284 -32.57 13.40 -12.97
N PRO D 285 -33.29 14.47 -13.26
CA PRO D 285 -34.32 15.04 -12.39
C PRO D 285 -35.45 14.11 -12.03
N LYS D 286 -35.67 13.08 -12.86
CA LYS D 286 -36.69 12.07 -12.58
C LYS D 286 -36.23 10.92 -11.69
N LEU D 287 -34.94 10.83 -11.44
CA LEU D 287 -34.41 9.69 -10.65
C LEU D 287 -34.93 9.77 -9.22
N LYS D 288 -35.50 8.67 -8.71
CA LYS D 288 -35.99 8.62 -7.33
C LYS D 288 -34.97 7.81 -6.49
N ALA D 289 -34.66 8.26 -5.29
CA ALA D 289 -33.76 7.49 -4.42
C ALA D 289 -34.45 7.24 -3.08
N VAL D 290 -34.12 6.14 -2.40
CA VAL D 290 -34.70 5.90 -1.09
C VAL D 290 -33.64 5.41 -0.12
N SER D 291 -33.63 5.96 1.09
CA SER D 291 -32.67 5.52 2.14
C SER D 291 -33.38 4.60 3.10
N ILE D 292 -32.81 3.39 3.30
CA ILE D 292 -33.43 2.35 4.10
C ILE D 292 -32.46 1.88 5.18
N GLU D 293 -32.94 1.90 6.43
CA GLU D 293 -32.21 1.47 7.62
C GLU D 293 -30.95 2.27 7.91
N ASN D 294 -30.96 3.54 7.52
CA ASN D 294 -29.81 4.42 7.77
C ASN D 294 -30.16 5.52 8.78
N GLY D 295 -31.38 5.47 9.30
CA GLY D 295 -31.90 6.52 10.18
C GLY D 295 -32.23 7.75 9.40
N SER D 296 -32.60 8.85 10.06
CA SER D 296 -32.91 10.09 9.37
C SER D 296 -32.11 11.26 9.98
N TYR D 297 -31.32 10.95 11.00
CA TYR D 297 -30.48 11.93 11.71
C TYR D 297 -29.50 12.64 10.79
N PHE D 298 -29.05 11.96 9.74
CA PHE D 298 -28.11 12.52 8.80
C PHE D 298 -28.64 13.76 8.05
N VAL D 299 -29.95 13.90 7.96
CA VAL D 299 -30.49 14.94 7.08
C VAL D 299 -30.11 16.34 7.56
N HIS D 300 -30.19 16.58 8.85
CA HIS D 300 -29.87 17.91 9.40
C HIS D 300 -28.48 18.42 9.05
N ARG D 301 -27.47 17.61 9.33
CA ARG D 301 -26.10 17.91 8.94
C ARG D 301 -25.95 18.08 7.45
N LEU D 302 -26.52 17.16 6.68
CA LEU D 302 -26.32 17.21 5.25
C LEU D 302 -26.87 18.52 4.69
N ILE D 303 -28.05 18.90 5.15
CA ILE D 303 -28.71 20.13 4.69
C ILE D 303 -27.79 21.33 5.00
N LYS D 304 -27.31 21.40 6.25
CA LYS D 304 -26.38 22.50 6.60
C LYS D 304 -25.17 22.58 5.67
N ARG D 305 -24.52 21.44 5.40
CA ARG D 305 -23.33 21.41 4.62
C ARG D 305 -23.61 21.73 3.15
N LEU D 306 -24.75 21.26 2.66
CA LEU D 306 -25.11 21.48 1.26
C LEU D 306 -25.36 22.99 1.05
N LYS D 307 -26.06 23.59 2.01
CA LYS D 307 -26.38 25.02 1.98
C LYS D 307 -25.10 25.84 1.90
N LYS D 308 -24.14 25.55 2.80
CA LYS D 308 -22.86 26.23 2.79
C LYS D 308 -22.11 25.99 1.49
N ALA D 309 -22.14 24.75 1.01
CA ALA D 309 -21.43 24.47 -0.21
C ALA D 309 -22.02 25.27 -1.41
N ALA D 310 -23.34 25.44 -1.46
CA ALA D 310 -23.94 26.03 -2.66
C ALA D 310 -23.72 27.55 -2.65
N ASN D 311 -23.64 28.08 -1.45
CA ASN D 311 -23.36 29.49 -1.26
C ASN D 311 -21.94 29.88 -1.68
N THR D 312 -20.96 29.07 -1.30
CA THR D 312 -19.57 29.45 -1.55
C THR D 312 -19.08 29.07 -2.95
N GLN D 313 -19.71 28.07 -3.56
CA GLN D 313 -19.35 27.72 -4.92
C GLN D 313 -20.61 27.62 -5.76
N PRO D 314 -21.35 28.73 -5.86
CA PRO D 314 -22.68 28.78 -6.48
C PRO D 314 -22.66 28.23 -7.90
N GLN D 315 -21.53 28.37 -8.57
CA GLN D 315 -21.35 27.90 -9.94
C GLN D 315 -21.46 26.37 -10.11
N TYR D 316 -21.15 25.63 -9.05
CA TYR D 316 -21.30 24.19 -9.03
C TYR D 316 -22.73 23.78 -8.72
N PHE D 317 -23.57 24.74 -8.39
CA PHE D 317 -24.93 24.45 -7.97
C PHE D 317 -25.98 25.25 -8.75
N PRO D 318 -26.16 24.89 -10.03
CA PRO D 318 -27.17 25.54 -10.85
C PRO D 318 -28.55 25.35 -10.26
N GLU D 319 -28.76 24.27 -9.51
CA GLU D 319 -30.03 24.10 -8.81
C GLU D 319 -29.84 24.03 -7.30
N ASP D 320 -30.93 24.11 -6.57
CA ASP D 320 -30.87 24.12 -5.11
C ASP D 320 -30.65 22.67 -4.64
N PRO D 321 -29.48 22.36 -4.05
CA PRO D 321 -29.24 20.98 -3.62
C PRO D 321 -30.22 20.51 -2.53
N VAL D 322 -30.67 21.42 -1.66
CA VAL D 322 -31.58 21.05 -0.61
C VAL D 322 -32.98 20.73 -1.20
N GLU D 323 -33.38 21.45 -2.24
CA GLU D 323 -34.66 21.10 -2.88
C GLU D 323 -34.60 19.74 -3.60
N GLN D 324 -33.42 19.40 -4.10
CA GLN D 324 -33.19 18.08 -4.71
C GLN D 324 -33.32 17.00 -3.66
N LEU D 325 -32.72 17.20 -2.49
CA LEU D 325 -32.90 16.25 -1.40
C LEU D 325 -34.39 16.08 -1.06
N ARG D 326 -35.14 17.18 -0.94
CA ARG D 326 -36.56 17.10 -0.63
CA ARG D 326 -36.56 17.13 -0.64
C ARG D 326 -37.40 16.55 -1.79
N ASN D 327 -36.96 16.75 -3.02
CA ASN D 327 -37.80 16.35 -4.15
C ASN D 327 -37.56 14.90 -4.56
N ASN D 328 -36.30 14.48 -4.53
CA ASN D 328 -35.90 13.22 -5.18
C ASN D 328 -35.66 12.07 -4.21
N VAL D 329 -35.66 12.38 -2.91
CA VAL D 329 -35.22 11.37 -1.90
C VAL D 329 -36.29 11.07 -0.87
N TRP D 330 -36.61 9.78 -0.70
CA TRP D 330 -37.49 9.30 0.36
C TRP D 330 -36.65 8.66 1.43
N ILE D 331 -37.13 8.70 2.66
CA ILE D 331 -36.33 8.22 3.76
C ILE D 331 -37.19 7.35 4.66
N ALA D 332 -36.74 6.14 4.96
CA ALA D 332 -37.36 5.29 5.95
C ALA D 332 -36.58 5.56 7.23
N PRO D 333 -37.18 6.29 8.17
CA PRO D 333 -36.42 6.70 9.35
C PRO D 333 -36.38 5.60 10.40
N TYR D 334 -35.60 5.80 11.45
CA TYR D 334 -35.63 4.91 12.58
CA TYR D 334 -35.60 4.89 12.56
C TYR D 334 -36.87 5.14 13.41
N TYR D 335 -37.37 4.06 14.01
CA TYR D 335 -38.61 4.10 14.81
C TYR D 335 -38.59 5.19 15.88
N GLU D 336 -37.43 5.42 16.46
CA GLU D 336 -37.26 6.34 17.59
C GLU D 336 -37.08 7.82 17.19
N ASP D 337 -37.03 8.08 15.89
CA ASP D 337 -36.80 9.42 15.39
C ASP D 337 -38.00 10.32 15.72
N ASP D 338 -37.75 11.62 15.86
CA ASP D 338 -38.84 12.56 15.99
C ASP D 338 -39.44 12.77 14.62
N LEU D 339 -40.56 12.08 14.38
CA LEU D 339 -41.15 12.03 13.05
C LEU D 339 -41.91 13.31 12.63
N PRO D 340 -42.65 13.95 13.57
CA PRO D 340 -43.23 15.21 13.09
C PRO D 340 -42.15 16.23 12.74
N GLU D 341 -41.05 16.25 13.51
CA GLU D 341 -39.93 17.11 13.19
C GLU D 341 -39.27 16.76 11.85
N LEU D 342 -39.10 15.47 11.58
CA LEU D 342 -38.56 15.06 10.29
C LEU D 342 -39.46 15.56 9.16
N ALA D 343 -40.77 15.45 9.35
CA ALA D 343 -41.73 15.92 8.37
C ALA D 343 -41.57 17.42 8.13
N ARG D 344 -41.27 18.17 9.18
CA ARG D 344 -41.01 19.62 9.00
C ARG D 344 -39.83 19.82 8.08
N VAL D 345 -38.88 18.88 8.09
CA VAL D 345 -37.62 19.08 7.38
C VAL D 345 -37.68 18.58 5.95
N ILE D 346 -38.22 17.37 5.73
CA ILE D 346 -38.21 16.80 4.37
C ILE D 346 -39.60 16.68 3.73
N GLY D 347 -40.63 16.91 4.52
CA GLY D 347 -42.01 16.79 4.01
C GLY D 347 -42.59 15.44 4.35
N VAL D 348 -43.83 15.43 4.80
CA VAL D 348 -44.44 14.17 5.21
C VAL D 348 -44.53 13.15 4.07
N ASP D 349 -44.54 13.62 2.82
CA ASP D 349 -44.65 12.75 1.67
CA ASP D 349 -44.64 12.77 1.64
C ASP D 349 -43.38 11.91 1.44
N LYS D 350 -42.28 12.33 2.03
CA LYS D 350 -40.99 11.64 1.83
C LYS D 350 -40.64 10.65 2.95
N ILE D 351 -41.48 10.57 3.98
CA ILE D 351 -41.27 9.65 5.10
C ILE D 351 -41.93 8.28 4.87
N LEU D 352 -41.13 7.23 4.96
CA LEU D 352 -41.62 5.90 4.68
C LEU D 352 -41.60 4.97 5.87
N PHE D 353 -42.70 4.25 6.07
CA PHE D 353 -42.73 3.16 7.07
C PHE D 353 -41.88 1.97 6.60
N GLY D 354 -40.95 1.54 7.43
CA GLY D 354 -40.21 0.29 7.20
C GLY D 354 -39.96 -0.34 8.57
N SER D 355 -40.21 -1.64 8.69
CA SER D 355 -40.08 -2.29 9.99
C SER D 355 -38.72 -2.94 10.23
N ASP D 356 -38.00 -3.27 9.15
CA ASP D 356 -36.77 -4.10 9.21
C ASP D 356 -37.02 -5.52 9.74
N TRP D 357 -38.23 -6.03 9.58
CA TRP D 357 -38.53 -7.37 10.06
C TRP D 357 -37.89 -8.36 9.11
N PRO D 358 -37.35 -9.47 9.64
CA PRO D 358 -37.36 -9.98 10.99
C PRO D 358 -36.06 -9.72 11.79
N HIS D 359 -35.32 -8.68 11.45
CA HIS D 359 -34.04 -8.48 12.11
C HIS D 359 -34.20 -8.18 13.60
N GLY D 360 -33.17 -8.51 14.37
CA GLY D 360 -33.22 -8.31 15.82
C GLY D 360 -33.43 -6.85 16.16
N GLU D 361 -32.82 -5.97 15.36
CA GLU D 361 -32.93 -4.53 15.58
C GLU D 361 -34.22 -3.93 15.02
N GLY D 362 -35.00 -4.75 14.32
CA GLY D 362 -36.27 -4.28 13.72
C GLY D 362 -37.45 -4.35 14.68
N LEU D 363 -38.63 -3.98 14.19
CA LEU D 363 -39.86 -4.12 14.97
C LEU D 363 -40.32 -5.59 14.98
N ALA D 364 -40.65 -6.09 16.16
CA ALA D 364 -41.25 -7.43 16.25
C ALA D 364 -42.58 -7.52 15.51
N SER D 365 -43.34 -6.42 15.55
CA SER D 365 -44.65 -6.34 14.90
C SER D 365 -44.64 -5.16 13.96
N PRO D 366 -44.52 -5.39 12.65
CA PRO D 366 -44.39 -4.26 11.74
C PRO D 366 -45.42 -3.13 11.96
N VAL D 367 -46.71 -3.44 12.05
CA VAL D 367 -47.69 -2.33 12.05
C VAL D 367 -47.63 -1.53 13.35
N SER D 368 -46.93 -2.05 14.35
CA SER D 368 -46.66 -1.26 15.57
C SER D 368 -45.90 0.03 15.33
N PHE D 369 -45.43 0.24 14.11
CA PHE D 369 -44.76 1.47 13.76
C PHE D 369 -45.79 2.61 13.94
N THR D 370 -47.07 2.28 13.86
CA THR D 370 -48.09 3.34 13.99
C THR D 370 -48.09 3.98 15.38
N ALA D 371 -47.51 3.31 16.36
CA ALA D 371 -47.45 3.85 17.71
C ALA D 371 -46.59 5.09 17.70
N GLU D 372 -45.81 5.29 16.64
CA GLU D 372 -44.91 6.41 16.58
C GLU D 372 -45.53 7.56 15.79
N LEU D 373 -46.76 7.37 15.31
CA LEU D 373 -47.34 8.35 14.38
C LEU D 373 -48.55 9.07 14.96
N LYS D 374 -48.66 9.08 16.29
CA LYS D 374 -49.80 9.74 16.93
C LYS D 374 -49.80 11.25 16.69
N GLY D 375 -48.62 11.78 16.34
CA GLY D 375 -48.47 13.18 16.00
C GLY D 375 -48.96 13.55 14.62
N PHE D 376 -49.56 12.60 13.88
CA PHE D 376 -50.06 12.90 12.54
C PHE D 376 -51.55 12.62 12.39
N SER D 377 -52.13 13.26 11.39
CA SER D 377 -53.52 13.04 11.00
C SER D 377 -53.67 11.67 10.37
N GLU D 378 -54.89 11.13 10.38
CA GLU D 378 -55.19 9.83 9.79
CA GLU D 378 -55.13 9.81 9.81
C GLU D 378 -54.71 9.77 8.34
N SER D 379 -54.87 10.90 7.64
CA SER D 379 -54.50 10.96 6.22
C SER D 379 -52.97 10.92 6.03
N ASP D 380 -52.22 11.58 6.91
CA ASP D 380 -50.76 11.54 6.85
C ASP D 380 -50.24 10.16 7.27
N ILE D 381 -50.89 9.57 8.26
CA ILE D 381 -50.59 8.20 8.64
C ILE D 381 -50.70 7.24 7.44
N ARG D 382 -51.74 7.40 6.62
CA ARG D 382 -51.87 6.59 5.42
C ARG D 382 -50.76 6.84 4.41
N LYS D 383 -50.29 8.09 4.32
CA LYS D 383 -49.17 8.38 3.46
C LYS D 383 -47.97 7.58 3.96
N ILE D 384 -47.70 7.69 5.27
CA ILE D 384 -46.47 7.10 5.80
C ILE D 384 -46.50 5.56 5.79
N MET D 385 -47.68 4.98 6.04
CA MET D 385 -47.81 3.52 6.13
C MET D 385 -48.06 2.85 4.77
N ARG D 386 -48.40 3.62 3.75
CA ARG D 386 -48.78 3.03 2.46
C ARG D 386 -48.52 3.90 1.22
N ASP D 387 -49.10 5.09 1.17
CA ASP D 387 -49.13 5.80 -0.10
C ASP D 387 -47.82 6.41 -0.54
N ASN D 388 -46.95 6.78 0.40
CA ASN D 388 -45.68 7.37 0.01
C ASN D 388 -44.86 6.31 -0.75
N ALA D 389 -44.97 5.06 -0.28
CA ALA D 389 -44.28 3.92 -0.93
C ALA D 389 -44.79 3.73 -2.36
N LEU D 390 -46.09 3.93 -2.54
CA LEU D 390 -46.63 3.80 -3.89
C LEU D 390 -46.14 4.97 -4.75
N ASP D 391 -45.99 6.16 -4.16
CA ASP D 391 -45.41 7.29 -4.91
C ASP D 391 -43.99 6.96 -5.33
N LEU D 392 -43.25 6.37 -4.40
CA LEU D 392 -41.86 6.05 -4.64
C LEU D 392 -41.74 5.11 -5.83
N LEU D 393 -42.57 4.07 -5.81
CA LEU D 393 -42.54 3.04 -6.87
C LEU D 393 -43.02 3.59 -8.20
N GLY D 394 -43.99 4.50 -8.13
CA GLY D 394 -44.47 5.22 -9.32
C GLY D 394 -45.71 4.61 -9.92
#